data_9E6M
#
_entry.id   9E6M
#
_cell.length_a   98.679
_cell.length_b   124.161
_cell.length_c   189.472
_cell.angle_alpha   90.00
_cell.angle_beta   90.00
_cell.angle_gamma   90.00
#
_symmetry.space_group_name_H-M   'P 21 21 21'
#
loop_
_entity.id
_entity.type
_entity.pdbx_description
1 polymer 'Malic enzyme'
2 non-polymer 'PYRUVIC ACID'
3 water water
#
_entity_poly.entity_id   1
_entity_poly.type   'polypeptide(L)'
_entity_poly.pdbx_seq_one_letter_code
;HAMVSNAETETEKEQEEAAAASEELPVMPWATSVASGYTLLRDPHHNKGLAFTEEERDGHYLRGLLPPAVLSQELQIKKF
MNTLRQYQTPLQRYIAMMNLQETDERLFYKLLIDNVVELLPFVYTPTVGEACQKYGSIFRRPQGLYVSLKDKGKVLEVLR
NWPHRNIQVICVTDGERILGLGDLGCQGMGIPVGKLALYTALGGVDPSVCLPITIDVGTNNEKLLNDEFYIGLRQKRATG
EEYDELIEEFMSAVKQFYGEKVLIQFEDFANHNAFDLLEKYSKSHLVFNDDIQGTASVVLAGLLAALKMVGGTLAEQTYL
FLGAGEAGTGIAELIALEISKQTNAPIEECRKKVWLVDSKGLIVDSRKGSLQPFKKPWAHEHEPLKTLYDAVQSIKPTVL
IGTSGVGRTFTKEIIEAMSSFNERPIIFSLSNPTSHSECTAEQAYTWSQGRSIFASGSPFAPVEYEGKTFVPGQSNNAYI
FPGLGLGLVISGAVRVHEDMLLAASKALADQATQDNFEKGSIFPPFTSIRKISAHIAAAVAAKAYELGLATRLPPPSDLV
KYAENCMYTPVYRNYR
;
_entity_poly.pdbx_strand_id   A,B,C,D
#
loop_
_chem_comp.id
_chem_comp.type
_chem_comp.name
_chem_comp.formula
PYR non-polymer 'PYRUVIC ACID' 'C3 H4 O3'
#
# COMPACT_ATOMS: atom_id res chain seq x y z
N GLU A 12 -13.22 -14.88 35.05
CA GLU A 12 -14.19 -15.93 34.59
C GLU A 12 -14.75 -15.55 33.20
N LYS A 13 -15.51 -14.45 33.08
CA LYS A 13 -16.20 -14.02 31.82
C LYS A 13 -15.27 -13.07 31.04
N GLU A 14 -14.14 -12.67 31.64
CA GLU A 14 -13.07 -11.87 30.99
C GLU A 14 -11.72 -12.50 31.39
N GLN A 15 -11.60 -13.82 31.17
CA GLN A 15 -10.38 -14.65 31.44
C GLN A 15 -9.32 -14.35 30.38
N GLU A 16 -8.54 -13.30 30.62
CA GLU A 16 -7.53 -12.76 29.68
C GLU A 16 -6.18 -13.42 29.94
N GLU A 17 -6.15 -14.52 30.71
CA GLU A 17 -4.90 -15.29 31.00
C GLU A 17 -4.48 -16.02 29.71
N ALA A 18 -5.46 -16.54 28.95
CA ALA A 18 -5.31 -17.24 27.66
C ALA A 18 -4.99 -16.26 26.51
N ALA A 19 -5.28 -14.95 26.67
CA ALA A 19 -5.08 -13.86 25.66
C ALA A 19 -3.71 -13.18 25.83
N ALA A 20 -3.05 -13.36 26.97
CA ALA A 20 -1.63 -13.02 27.23
C ALA A 20 -0.76 -14.26 27.01
N ALA A 21 -1.02 -15.00 25.93
CA ALA A 21 -0.06 -15.85 25.17
C ALA A 21 0.15 -15.23 23.77
N SER A 22 0.05 -13.89 23.68
CA SER A 22 0.25 -13.04 22.47
C SER A 22 1.69 -12.52 22.40
N GLU A 23 2.68 -13.41 22.46
CA GLU A 23 4.13 -13.06 22.36
C GLU A 23 4.72 -13.86 21.20
N GLU A 24 4.55 -15.20 21.20
CA GLU A 24 4.96 -16.12 20.10
C GLU A 24 3.75 -16.38 19.19
N LEU A 25 2.66 -15.61 19.28
CA LEU A 25 1.55 -15.68 18.30
C LEU A 25 2.07 -15.10 16.98
N PRO A 26 2.04 -15.84 15.84
CA PRO A 26 2.42 -15.22 14.58
C PRO A 26 1.51 -13.99 14.35
N VAL A 27 2.04 -12.89 13.86
CA VAL A 27 1.19 -11.73 13.45
C VAL A 27 1.68 -11.17 12.11
N MET A 28 0.79 -10.51 11.41
CA MET A 28 1.10 -9.85 10.12
C MET A 28 1.20 -8.37 10.40
N PRO A 29 2.30 -7.68 10.05
CA PRO A 29 2.37 -6.22 10.17
C PRO A 29 1.54 -5.47 9.11
N TRP A 30 0.29 -5.18 9.41
CA TRP A 30 -0.68 -4.50 8.52
C TRP A 30 -0.28 -3.03 8.47
N ALA A 31 -0.38 -2.39 7.31
CA ALA A 31 -0.35 -0.91 7.20
C ALA A 31 -1.71 -0.42 6.74
N THR A 32 -2.21 0.70 7.25
CA THR A 32 -3.46 1.34 6.74
C THR A 32 -3.11 2.56 5.86
N SER A 33 -3.79 2.69 4.72
CA SER A 33 -3.59 3.85 3.81
C SER A 33 -4.94 4.30 3.24
N VAL A 34 -5.10 5.60 2.99
CA VAL A 34 -6.30 6.14 2.29
C VAL A 34 -6.34 5.51 0.90
N ALA A 35 -7.46 4.90 0.52
CA ALA A 35 -7.70 4.36 -0.82
C ALA A 35 -8.18 5.47 -1.78
N SER A 36 -7.60 5.48 -2.98
CA SER A 36 -7.99 6.34 -4.13
C SER A 36 -7.64 5.62 -5.46
N GLY A 37 -8.02 6.23 -6.60
CA GLY A 37 -7.83 5.69 -7.96
C GLY A 37 -8.14 4.20 -8.06
N TYR A 38 -7.32 3.43 -8.75
CA TYR A 38 -7.54 1.98 -9.04
C TYR A 38 -7.53 1.14 -7.76
N THR A 39 -6.83 1.55 -6.69
CA THR A 39 -6.81 0.79 -5.41
C THR A 39 -8.24 0.75 -4.86
N LEU A 40 -8.91 1.91 -4.80
CA LEU A 40 -10.33 2.08 -4.34
C LEU A 40 -11.29 1.28 -5.24
N LEU A 41 -11.19 1.38 -6.56
CA LEU A 41 -12.11 0.69 -7.51
C LEU A 41 -11.95 -0.82 -7.39
N ARG A 42 -10.74 -1.32 -7.19
CA ARG A 42 -10.45 -2.79 -7.12
C ARG A 42 -10.72 -3.34 -5.72
N ASP A 43 -11.07 -2.47 -4.75
CA ASP A 43 -11.50 -2.82 -3.37
C ASP A 43 -13.01 -3.05 -3.33
N PRO A 44 -13.44 -4.32 -3.19
CA PRO A 44 -14.87 -4.60 -3.17
C PRO A 44 -15.57 -3.88 -2.03
N HIS A 45 -15.05 -3.96 -0.80
CA HIS A 45 -15.65 -3.37 0.43
C HIS A 45 -16.11 -1.92 0.17
N HIS A 46 -15.33 -1.10 -0.55
CA HIS A 46 -15.65 0.33 -0.76
C HIS A 46 -16.18 0.60 -2.18
N ASN A 47 -15.81 -0.19 -3.18
CA ASN A 47 -16.00 0.20 -4.59
C ASN A 47 -17.48 0.47 -4.85
N LYS A 48 -17.82 1.69 -5.27
CA LYS A 48 -19.21 2.07 -5.64
C LYS A 48 -19.39 2.10 -7.16
N GLY A 49 -18.41 1.73 -7.98
CA GLY A 49 -18.57 1.85 -9.45
C GLY A 49 -19.14 3.21 -9.81
N LEU A 50 -20.01 3.27 -10.83
CA LEU A 50 -20.55 4.57 -11.35
C LEU A 50 -21.35 5.34 -10.29
N ALA A 51 -21.58 4.76 -9.11
CA ALA A 51 -22.42 5.36 -8.06
C ALA A 51 -21.57 6.34 -7.26
N PHE A 52 -20.24 6.29 -7.40
CA PHE A 52 -19.31 7.35 -6.90
C PHE A 52 -19.79 8.72 -7.39
N THR A 53 -20.14 9.60 -6.46
CA THR A 53 -20.64 10.97 -6.77
C THR A 53 -19.48 11.76 -7.41
N GLU A 54 -19.84 12.79 -8.17
CA GLU A 54 -18.87 13.73 -8.83
C GLU A 54 -17.78 14.12 -7.81
N GLU A 55 -18.21 14.58 -6.64
CA GLU A 55 -17.39 15.13 -5.52
C GLU A 55 -16.43 14.04 -5.04
N GLU A 56 -16.89 12.80 -4.93
CA GLU A 56 -16.08 11.64 -4.46
C GLU A 56 -14.98 11.31 -5.47
N ARG A 57 -15.26 11.46 -6.77
CA ARG A 57 -14.33 11.14 -7.89
C ARG A 57 -13.17 12.16 -7.92
N ASP A 58 -13.49 13.47 -7.88
CA ASP A 58 -12.49 14.57 -7.75
C ASP A 58 -11.61 14.28 -6.54
N GLY A 59 -12.26 13.98 -5.41
CA GLY A 59 -11.64 13.73 -4.12
C GLY A 59 -10.66 12.58 -4.18
N HIS A 60 -10.92 11.50 -4.93
CA HIS A 60 -10.14 10.24 -4.78
C HIS A 60 -9.50 9.81 -6.10
N TYR A 61 -9.26 10.76 -7.00
CA TYR A 61 -8.49 10.53 -8.24
C TYR A 61 -9.16 9.41 -9.05
N LEU A 62 -10.47 9.53 -9.21
CA LEU A 62 -11.28 8.68 -10.10
C LEU A 62 -11.57 9.45 -11.40
N ARG A 63 -11.61 10.78 -11.35
CA ARG A 63 -11.97 11.61 -12.54
C ARG A 63 -11.19 11.04 -13.74
N GLY A 64 -11.91 10.63 -14.80
CA GLY A 64 -11.31 10.01 -15.99
C GLY A 64 -11.39 8.49 -15.99
N LEU A 65 -11.14 7.84 -14.85
CA LEU A 65 -11.13 6.36 -14.75
C LEU A 65 -12.55 5.80 -14.85
N LEU A 66 -13.56 6.63 -14.56
CA LEU A 66 -15.00 6.33 -14.76
C LEU A 66 -15.53 7.23 -15.86
N PRO A 67 -16.53 6.76 -16.61
CA PRO A 67 -17.23 7.64 -17.55
C PRO A 67 -17.92 8.78 -16.79
N PRO A 68 -18.32 9.88 -17.44
CA PRO A 68 -18.92 11.02 -16.72
C PRO A 68 -20.20 10.75 -15.91
N ALA A 69 -21.02 9.79 -16.34
CA ALA A 69 -22.36 9.47 -15.77
C ALA A 69 -22.24 8.92 -14.34
N VAL A 70 -23.04 9.48 -13.45
CA VAL A 70 -23.26 9.00 -12.06
C VAL A 70 -24.62 8.27 -11.97
N LEU A 71 -24.57 6.96 -11.69
CA LEU A 71 -25.75 6.13 -11.34
C LEU A 71 -26.06 6.18 -9.84
N SER A 72 -27.32 6.07 -9.47
CA SER A 72 -27.78 5.65 -8.11
C SER A 72 -27.51 4.13 -7.89
N GLN A 73 -27.60 3.69 -6.65
CA GLN A 73 -27.50 2.25 -6.31
C GLN A 73 -28.70 1.52 -6.93
N GLU A 74 -29.86 2.20 -7.03
CA GLU A 74 -31.15 1.60 -7.47
C GLU A 74 -31.07 1.30 -8.97
N LEU A 75 -30.59 2.28 -9.73
CA LEU A 75 -30.33 2.13 -11.18
C LEU A 75 -29.32 0.99 -11.36
N GLN A 76 -28.29 0.94 -10.51
CA GLN A 76 -27.27 -0.16 -10.56
C GLN A 76 -27.98 -1.52 -10.46
N ILE A 77 -28.91 -1.65 -9.53
CA ILE A 77 -29.65 -2.93 -9.24
C ILE A 77 -30.44 -3.29 -10.50
N LYS A 78 -31.21 -2.33 -11.05
CA LYS A 78 -32.04 -2.50 -12.26
C LYS A 78 -31.15 -3.04 -13.39
N LYS A 79 -29.96 -2.43 -13.56
CA LYS A 79 -29.00 -2.73 -14.64
C LYS A 79 -28.44 -4.13 -14.45
N PHE A 80 -27.95 -4.49 -13.26
CA PHE A 80 -27.40 -5.84 -13.02
C PHE A 80 -28.52 -6.87 -13.21
N MET A 81 -29.73 -6.56 -12.71
CA MET A 81 -30.88 -7.50 -12.78
C MET A 81 -31.13 -7.78 -14.27
N ASN A 82 -31.16 -6.74 -15.09
CA ASN A 82 -31.44 -6.86 -16.55
C ASN A 82 -30.46 -7.84 -17.19
N THR A 83 -29.14 -7.69 -16.94
CA THR A 83 -28.07 -8.55 -17.54
C THR A 83 -28.03 -9.92 -16.84
N LEU A 84 -28.55 -10.04 -15.64
CA LEU A 84 -28.54 -11.35 -14.94
C LEU A 84 -29.56 -12.29 -15.60
N ARG A 85 -30.67 -11.73 -16.06
CA ARG A 85 -31.83 -12.47 -16.58
C ARG A 85 -31.50 -12.95 -18.00
N GLN A 86 -30.49 -12.38 -18.67
CA GLN A 86 -30.15 -12.75 -20.06
C GLN A 86 -29.23 -13.97 -20.06
N TYR A 87 -28.56 -14.30 -18.95
CA TYR A 87 -27.83 -15.58 -18.84
C TYR A 87 -28.84 -16.72 -18.89
N GLN A 88 -28.47 -17.80 -19.57
CA GLN A 88 -29.43 -18.90 -19.81
C GLN A 88 -29.37 -19.90 -18.67
N THR A 89 -28.22 -20.44 -18.32
CA THR A 89 -28.17 -21.49 -17.26
C THR A 89 -28.16 -20.82 -15.88
N PRO A 90 -28.64 -21.51 -14.81
CA PRO A 90 -28.53 -20.97 -13.46
C PRO A 90 -27.07 -20.76 -13.02
N LEU A 91 -26.19 -21.76 -13.24
CA LEU A 91 -24.73 -21.67 -12.97
C LEU A 91 -24.14 -20.37 -13.55
N GLN A 92 -24.50 -19.96 -14.75
CA GLN A 92 -24.05 -18.65 -15.32
C GLN A 92 -24.52 -17.46 -14.46
N ARG A 93 -25.71 -17.50 -13.90
CA ARG A 93 -26.17 -16.41 -12.98
C ARG A 93 -25.44 -16.50 -11.63
N TYR A 94 -25.03 -17.70 -11.20
CA TYR A 94 -24.21 -17.91 -9.98
C TYR A 94 -22.84 -17.26 -10.18
N ILE A 95 -22.25 -17.45 -11.36
CA ILE A 95 -20.91 -16.90 -11.69
C ILE A 95 -21.01 -15.38 -11.65
N ALA A 96 -22.07 -14.81 -12.25
CA ALA A 96 -22.27 -13.34 -12.33
C ALA A 96 -22.49 -12.77 -10.94
N MET A 97 -23.12 -13.54 -10.04
CA MET A 97 -23.44 -13.12 -8.66
C MET A 97 -22.15 -13.10 -7.84
N MET A 98 -21.32 -14.14 -7.94
CA MET A 98 -20.04 -14.28 -7.15
C MET A 98 -19.04 -13.22 -7.61
N ASN A 99 -18.95 -12.98 -8.92
CA ASN A 99 -18.19 -11.86 -9.51
C ASN A 99 -18.59 -10.51 -8.88
N LEU A 100 -19.89 -10.18 -8.78
CA LEU A 100 -20.38 -8.90 -8.22
C LEU A 100 -20.03 -8.81 -6.73
N GLN A 101 -20.25 -9.90 -5.98
CA GLN A 101 -19.89 -9.96 -4.54
C GLN A 101 -18.46 -9.47 -4.36
N GLU A 102 -17.58 -9.87 -5.30
CA GLU A 102 -16.11 -9.63 -5.23
C GLU A 102 -15.69 -8.42 -6.07
N THR A 103 -16.57 -7.46 -6.34
CA THR A 103 -16.21 -6.19 -7.05
C THR A 103 -16.92 -5.00 -6.42
N ASP A 104 -18.18 -5.17 -6.02
CA ASP A 104 -19.00 -4.18 -5.29
C ASP A 104 -19.88 -4.93 -4.28
N GLU A 105 -19.42 -5.00 -3.03
CA GLU A 105 -20.02 -5.81 -1.93
C GLU A 105 -21.34 -5.17 -1.53
N ARG A 106 -21.38 -3.85 -1.46
CA ARG A 106 -22.61 -3.13 -1.07
C ARG A 106 -23.71 -3.29 -2.14
N LEU A 107 -23.38 -3.22 -3.44
CA LEU A 107 -24.37 -3.42 -4.53
C LEU A 107 -24.85 -4.88 -4.52
N PHE A 108 -23.94 -5.83 -4.32
CA PHE A 108 -24.22 -7.27 -4.22
C PHE A 108 -25.25 -7.55 -3.15
N TYR A 109 -25.06 -7.01 -1.95
CA TYR A 109 -25.97 -7.29 -0.81
C TYR A 109 -27.28 -6.52 -1.05
N LYS A 110 -27.24 -5.23 -1.41
CA LYS A 110 -28.48 -4.43 -1.60
C LYS A 110 -29.36 -5.06 -2.70
N LEU A 111 -28.72 -5.61 -3.74
CA LEU A 111 -29.43 -6.31 -4.83
C LEU A 111 -30.03 -7.60 -4.27
N LEU A 112 -29.22 -8.48 -3.68
CA LEU A 112 -29.66 -9.81 -3.17
C LEU A 112 -30.85 -9.62 -2.22
N ILE A 113 -30.82 -8.69 -1.28
CA ILE A 113 -31.97 -8.44 -0.34
C ILE A 113 -33.21 -8.04 -1.15
N ASP A 114 -33.14 -6.98 -1.95
CA ASP A 114 -34.31 -6.41 -2.67
C ASP A 114 -34.90 -7.43 -3.65
N ASN A 115 -34.18 -8.51 -3.98
CA ASN A 115 -34.56 -9.50 -5.03
C ASN A 115 -34.34 -10.91 -4.48
N VAL A 116 -34.60 -11.10 -3.18
CA VAL A 116 -34.13 -12.31 -2.42
C VAL A 116 -34.83 -13.57 -2.93
N VAL A 117 -36.10 -13.47 -3.31
CA VAL A 117 -36.93 -14.65 -3.70
C VAL A 117 -36.45 -15.14 -5.07
N GLU A 118 -36.14 -14.19 -5.97
CA GLU A 118 -35.74 -14.45 -7.38
C GLU A 118 -34.32 -15.04 -7.42
N LEU A 119 -33.43 -14.55 -6.54
CA LEU A 119 -31.95 -14.74 -6.66
C LEU A 119 -31.50 -15.87 -5.74
N LEU A 120 -32.27 -16.21 -4.71
CA LEU A 120 -31.81 -17.14 -3.65
C LEU A 120 -31.50 -18.52 -4.23
N PRO A 121 -32.28 -19.01 -5.23
CA PRO A 121 -32.01 -20.33 -5.79
C PRO A 121 -30.67 -20.37 -6.58
N PHE A 122 -30.12 -19.21 -6.92
CA PHE A 122 -28.89 -19.07 -7.77
C PHE A 122 -27.63 -18.97 -6.90
N VAL A 123 -27.67 -18.22 -5.79
CA VAL A 123 -26.52 -18.08 -4.83
C VAL A 123 -26.52 -19.23 -3.81
N TYR A 124 -27.69 -19.83 -3.54
CA TYR A 124 -27.96 -20.87 -2.51
C TYR A 124 -28.58 -22.09 -3.21
N THR A 125 -29.11 -23.06 -2.45
CA THR A 125 -29.73 -24.29 -3.02
C THR A 125 -30.85 -23.89 -4.00
N PRO A 126 -30.91 -24.49 -5.21
CA PRO A 126 -30.06 -25.64 -5.61
C PRO A 126 -28.76 -25.40 -6.41
N THR A 127 -28.62 -24.20 -7.00
CA THR A 127 -27.52 -23.82 -7.91
C THR A 127 -26.16 -24.08 -7.23
N VAL A 128 -26.07 -23.72 -5.96
CA VAL A 128 -24.82 -23.70 -5.14
C VAL A 128 -24.27 -25.14 -5.10
N GLY A 129 -25.11 -26.12 -5.40
CA GLY A 129 -24.71 -27.53 -5.43
C GLY A 129 -23.90 -27.81 -6.67
N GLU A 130 -24.44 -27.44 -7.83
CA GLU A 130 -23.75 -27.54 -9.15
C GLU A 130 -22.42 -26.77 -9.06
N ALA A 131 -22.46 -25.54 -8.53
CA ALA A 131 -21.27 -24.69 -8.34
C ALA A 131 -20.21 -25.53 -7.63
N CYS A 132 -20.55 -26.29 -6.61
CA CYS A 132 -19.56 -27.10 -5.83
C CYS A 132 -19.06 -28.28 -6.65
N GLN A 133 -19.88 -28.84 -7.53
CA GLN A 133 -19.50 -30.03 -8.30
C GLN A 133 -18.49 -29.62 -9.37
N LYS A 134 -18.63 -28.39 -9.87
CA LYS A 134 -17.86 -27.84 -11.00
C LYS A 134 -16.98 -26.66 -10.52
N TYR A 135 -16.63 -26.59 -9.24
CA TYR A 135 -15.96 -25.42 -8.63
C TYR A 135 -14.62 -25.18 -9.33
N GLY A 136 -13.88 -26.27 -9.56
CA GLY A 136 -12.53 -26.25 -10.15
C GLY A 136 -12.51 -25.65 -11.53
N SER A 137 -13.55 -25.88 -12.33
CA SER A 137 -13.61 -25.51 -13.76
C SER A 137 -14.25 -24.12 -13.93
N ILE A 138 -14.76 -23.51 -12.85
CA ILE A 138 -15.50 -22.23 -12.86
C ILE A 138 -14.50 -21.10 -12.69
N PHE A 139 -14.79 -19.98 -13.38
CA PHE A 139 -13.99 -18.72 -13.35
C PHE A 139 -13.95 -18.23 -11.91
N ARG A 140 -12.74 -18.11 -11.34
CA ARG A 140 -12.49 -18.10 -9.88
C ARG A 140 -11.82 -16.77 -9.50
N ARG A 141 -12.63 -15.82 -9.01
CA ARG A 141 -12.13 -14.75 -8.11
C ARG A 141 -12.07 -15.40 -6.73
N PRO A 142 -10.94 -15.38 -5.99
CA PRO A 142 -10.87 -16.04 -4.67
C PRO A 142 -11.83 -15.46 -3.60
N GLN A 143 -12.42 -16.39 -2.83
CA GLN A 143 -13.27 -16.11 -1.63
C GLN A 143 -12.98 -17.19 -0.57
N GLY A 144 -12.95 -16.78 0.70
CA GLY A 144 -12.74 -17.74 1.80
C GLY A 144 -11.30 -18.20 1.93
N LEU A 145 -11.04 -18.98 2.96
CA LEU A 145 -9.70 -19.41 3.35
C LEU A 145 -9.64 -20.94 3.32
N TYR A 146 -8.60 -21.52 2.74
CA TYR A 146 -8.40 -22.99 2.67
C TYR A 146 -7.27 -23.39 3.60
N VAL A 147 -7.56 -24.22 4.58
CA VAL A 147 -6.54 -24.84 5.47
C VAL A 147 -6.32 -26.30 5.05
N SER A 148 -5.16 -26.61 4.49
CA SER A 148 -4.89 -27.99 3.98
C SER A 148 -4.20 -28.80 5.07
N LEU A 149 -4.02 -30.09 4.80
CA LEU A 149 -3.20 -31.02 5.61
C LEU A 149 -1.75 -30.52 5.66
N LYS A 150 -1.34 -29.75 4.66
CA LYS A 150 0.06 -29.29 4.52
C LYS A 150 0.24 -27.98 5.28
N ASP A 151 -0.77 -27.52 6.04
CA ASP A 151 -0.71 -26.28 6.85
C ASP A 151 -0.63 -26.68 8.34
N LYS A 152 -0.34 -27.95 8.63
CA LYS A 152 -0.16 -28.46 10.01
C LYS A 152 1.13 -27.91 10.61
N GLY A 153 1.09 -27.50 11.88
CA GLY A 153 2.12 -26.66 12.51
C GLY A 153 1.90 -25.18 12.22
N LYS A 154 1.26 -24.83 11.10
CA LYS A 154 1.26 -23.45 10.57
C LYS A 154 -0.17 -22.97 10.28
N VAL A 155 -1.17 -23.55 10.93
CA VAL A 155 -2.58 -23.13 10.74
C VAL A 155 -2.72 -21.67 11.15
N LEU A 156 -2.03 -21.25 12.21
CA LEU A 156 -2.12 -19.86 12.70
C LEU A 156 -1.56 -18.94 11.62
N GLU A 157 -0.44 -19.34 11.00
CA GLU A 157 0.22 -18.62 9.88
C GLU A 157 -0.83 -18.34 8.79
N VAL A 158 -1.67 -19.33 8.50
CA VAL A 158 -2.72 -19.25 7.44
C VAL A 158 -3.80 -18.26 7.91
N LEU A 159 -4.22 -18.35 9.18
CA LEU A 159 -5.28 -17.46 9.70
C LEU A 159 -4.80 -16.01 9.52
N ARG A 160 -3.50 -15.80 9.74
CA ARG A 160 -2.94 -14.44 9.88
C ARG A 160 -3.10 -13.72 8.54
N ASN A 161 -3.17 -14.50 7.46
CA ASN A 161 -3.21 -13.99 6.06
C ASN A 161 -4.56 -13.30 5.81
N TRP A 162 -5.61 -13.67 6.54
CA TRP A 162 -6.93 -13.05 6.33
C TRP A 162 -6.85 -11.59 6.79
N PRO A 163 -7.26 -10.62 5.94
CA PRO A 163 -7.04 -9.21 6.22
C PRO A 163 -8.15 -8.51 7.03
N HIS A 164 -8.87 -9.28 7.85
CA HIS A 164 -9.81 -8.80 8.91
C HIS A 164 -9.49 -9.55 10.21
N ARG A 165 -9.26 -8.80 11.30
CA ARG A 165 -8.86 -9.38 12.61
C ARG A 165 -10.10 -9.69 13.47
N ASN A 166 -11.15 -8.87 13.33
CA ASN A 166 -12.38 -8.91 14.16
C ASN A 166 -13.40 -9.92 13.58
N ILE A 167 -13.15 -11.22 13.72
CA ILE A 167 -14.05 -12.29 13.17
C ILE A 167 -15.03 -12.71 14.27
N GLN A 168 -16.34 -12.68 13.95
CA GLN A 168 -17.46 -13.05 14.86
C GLN A 168 -18.10 -14.38 14.44
N VAL A 169 -18.27 -14.62 13.14
CA VAL A 169 -18.91 -15.83 12.54
C VAL A 169 -17.92 -16.51 11.59
N ILE A 170 -17.55 -17.74 11.90
CA ILE A 170 -16.82 -18.64 10.98
C ILE A 170 -17.84 -19.65 10.48
N CYS A 171 -17.77 -20.02 9.21
CA CYS A 171 -18.54 -21.12 8.61
C CYS A 171 -17.56 -22.07 7.92
N VAL A 172 -17.47 -23.31 8.38
CA VAL A 172 -16.36 -24.23 8.00
C VAL A 172 -16.91 -25.57 7.55
N THR A 173 -16.40 -26.14 6.47
CA THR A 173 -16.74 -27.51 5.96
C THR A 173 -15.46 -28.30 5.69
N ASP A 174 -15.49 -29.64 5.72
CA ASP A 174 -14.33 -30.41 5.22
C ASP A 174 -14.73 -31.05 3.90
N GLY A 175 -15.93 -30.72 3.45
CA GLY A 175 -16.46 -31.06 2.11
C GLY A 175 -16.97 -32.48 2.00
N GLU A 176 -17.02 -33.24 3.10
CA GLU A 176 -17.28 -34.71 3.09
C GLU A 176 -18.73 -35.02 2.68
N ARG A 177 -19.71 -34.17 3.02
CA ARG A 177 -21.12 -34.40 2.64
C ARG A 177 -21.76 -33.10 2.19
N ILE A 178 -21.40 -32.58 1.03
CA ILE A 178 -21.96 -31.30 0.50
C ILE A 178 -23.39 -31.59 0.04
N LEU A 179 -24.38 -30.99 0.71
CA LEU A 179 -25.83 -31.24 0.46
C LEU A 179 -26.05 -32.76 0.37
N GLY A 180 -26.90 -33.26 -0.53
CA GLY A 180 -27.03 -34.70 -0.79
C GLY A 180 -26.14 -35.19 -1.92
N LEU A 181 -25.05 -34.48 -2.25
CA LEU A 181 -24.16 -34.83 -3.39
C LEU A 181 -22.92 -35.61 -2.94
N GLY A 182 -22.74 -35.81 -1.64
CA GLY A 182 -21.59 -36.53 -1.07
C GLY A 182 -20.31 -35.71 -1.07
N ASP A 183 -19.17 -36.40 -1.27
CA ASP A 183 -17.78 -35.91 -1.06
C ASP A 183 -17.32 -35.06 -2.27
N LEU A 184 -17.20 -33.76 -2.10
CA LEU A 184 -16.70 -32.83 -3.15
C LEU A 184 -15.37 -32.26 -2.67
N GLY A 185 -14.74 -32.92 -1.70
CA GLY A 185 -13.45 -32.50 -1.15
C GLY A 185 -13.37 -30.99 -1.07
N CYS A 186 -12.25 -30.45 -1.52
CA CYS A 186 -11.88 -29.02 -1.35
C CYS A 186 -12.87 -28.11 -2.07
N GLN A 187 -13.69 -28.65 -2.98
CA GLN A 187 -14.65 -27.84 -3.77
C GLN A 187 -15.91 -27.56 -2.94
N GLY A 188 -15.95 -28.04 -1.68
CA GLY A 188 -17.02 -27.74 -0.72
C GLY A 188 -17.17 -26.25 -0.41
N MET A 189 -16.15 -25.45 -0.73
CA MET A 189 -16.09 -24.03 -0.33
C MET A 189 -17.37 -23.26 -0.76
N GLY A 190 -18.10 -23.73 -1.77
CA GLY A 190 -19.28 -22.99 -2.26
C GLY A 190 -20.30 -22.76 -1.16
N ILE A 191 -20.38 -23.72 -0.24
CA ILE A 191 -21.37 -23.80 0.88
C ILE A 191 -21.04 -22.73 1.92
N PRO A 192 -19.88 -22.80 2.62
CA PRO A 192 -19.54 -21.78 3.60
C PRO A 192 -19.73 -20.38 3.01
N VAL A 193 -19.33 -20.17 1.76
CA VAL A 193 -19.39 -18.82 1.14
C VAL A 193 -20.87 -18.44 0.99
N GLY A 194 -21.68 -19.43 0.67
CA GLY A 194 -23.13 -19.24 0.49
C GLY A 194 -23.77 -18.87 1.82
N LYS A 195 -23.57 -19.73 2.81
CA LYS A 195 -24.16 -19.56 4.17
C LYS A 195 -23.90 -18.13 4.62
N LEU A 196 -22.63 -17.72 4.56
CA LEU A 196 -22.16 -16.45 5.16
C LEU A 196 -22.75 -15.25 4.40
N ALA A 197 -22.93 -15.35 3.09
CA ALA A 197 -23.63 -14.31 2.31
C ALA A 197 -25.05 -14.15 2.89
N LEU A 198 -25.66 -15.27 3.28
CA LEU A 198 -27.05 -15.29 3.81
C LEU A 198 -27.05 -14.71 5.21
N TYR A 199 -26.05 -15.08 6.01
CA TYR A 199 -25.82 -14.48 7.34
C TYR A 199 -25.96 -12.96 7.23
N THR A 200 -25.50 -12.37 6.14
CA THR A 200 -25.49 -10.90 5.93
C THR A 200 -26.85 -10.44 5.36
N ALA A 201 -27.29 -11.10 4.29
CA ALA A 201 -28.50 -10.72 3.53
C ALA A 201 -29.75 -10.96 4.41
N LEU A 202 -29.83 -12.13 5.06
CA LEU A 202 -31.01 -12.60 5.84
C LEU A 202 -30.91 -12.17 7.30
N GLY A 203 -29.72 -12.23 7.91
CA GLY A 203 -29.50 -12.01 9.35
C GLY A 203 -29.03 -10.59 9.70
N GLY A 204 -28.32 -9.90 8.79
CA GLY A 204 -27.79 -8.55 9.01
C GLY A 204 -26.42 -8.53 9.70
N VAL A 205 -25.75 -9.67 9.79
CA VAL A 205 -24.33 -9.75 10.25
C VAL A 205 -23.49 -8.93 9.26
N ASP A 206 -22.58 -8.07 9.70
CA ASP A 206 -21.63 -7.36 8.80
C ASP A 206 -20.77 -8.39 8.02
N PRO A 207 -20.54 -8.16 6.70
CA PRO A 207 -19.78 -9.13 5.91
C PRO A 207 -18.37 -9.33 6.47
N SER A 208 -17.78 -8.25 6.97
CA SER A 208 -16.33 -8.18 7.27
C SER A 208 -16.00 -9.07 8.47
N VAL A 209 -17.00 -9.43 9.28
CA VAL A 209 -16.79 -10.24 10.51
C VAL A 209 -17.00 -11.73 10.19
N CYS A 210 -17.34 -12.06 8.93
CA CYS A 210 -17.68 -13.42 8.47
C CYS A 210 -16.49 -14.02 7.73
N LEU A 211 -16.16 -15.29 7.99
CA LEU A 211 -14.92 -15.91 7.47
C LEU A 211 -15.24 -17.30 6.96
N PRO A 212 -15.36 -17.51 5.63
CA PRO A 212 -15.63 -18.83 5.09
C PRO A 212 -14.34 -19.65 5.11
N ILE A 213 -14.36 -20.82 5.73
CA ILE A 213 -13.16 -21.71 5.78
C ILE A 213 -13.50 -23.07 5.17
N THR A 214 -12.55 -23.68 4.48
CA THR A 214 -12.63 -25.10 4.06
C THR A 214 -11.40 -25.80 4.63
N ILE A 215 -11.59 -26.95 5.26
CA ILE A 215 -10.46 -27.82 5.70
C ILE A 215 -10.27 -28.89 4.63
N ASP A 216 -9.22 -28.83 3.82
CA ASP A 216 -8.90 -29.89 2.81
C ASP A 216 -8.05 -30.99 3.46
N VAL A 217 -8.59 -32.21 3.55
CA VAL A 217 -7.83 -33.37 4.09
C VAL A 217 -7.74 -34.46 3.02
N GLY A 218 -8.09 -34.11 1.79
CA GLY A 218 -8.30 -35.06 0.68
C GLY A 218 -9.76 -35.26 0.36
N THR A 219 -10.04 -36.15 -0.58
CA THR A 219 -11.40 -36.50 -1.02
C THR A 219 -11.36 -37.94 -1.51
N ASN A 220 -12.49 -38.67 -1.43
CA ASN A 220 -12.59 -40.08 -1.89
C ASN A 220 -13.25 -40.15 -3.26
N ASN A 221 -13.95 -39.06 -3.66
CA ASN A 221 -14.53 -38.84 -5.00
C ASN A 221 -13.47 -39.12 -6.08
N GLU A 222 -13.53 -40.31 -6.70
CA GLU A 222 -12.57 -40.78 -7.74
C GLU A 222 -12.60 -39.88 -8.99
N LYS A 223 -13.78 -39.36 -9.35
CA LYS A 223 -14.00 -38.40 -10.47
C LYS A 223 -13.11 -37.15 -10.23
N LEU A 224 -13.03 -36.66 -8.99
CA LEU A 224 -12.30 -35.42 -8.67
C LEU A 224 -10.80 -35.68 -8.52
N LEU A 225 -10.41 -36.85 -8.02
CA LEU A 225 -8.96 -37.23 -7.96
C LEU A 225 -8.37 -37.24 -9.37
N ASN A 226 -9.13 -37.65 -10.38
CA ASN A 226 -8.64 -37.86 -11.76
C ASN A 226 -8.99 -36.66 -12.62
N ASP A 227 -9.82 -35.73 -12.14
CA ASP A 227 -10.14 -34.46 -12.85
C ASP A 227 -8.93 -33.53 -12.67
N GLU A 228 -8.44 -32.96 -13.77
CA GLU A 228 -7.22 -32.11 -13.81
C GLU A 228 -7.54 -30.69 -13.32
N PHE A 229 -8.81 -30.31 -13.11
CA PHE A 229 -9.18 -28.96 -12.55
C PHE A 229 -9.54 -28.99 -11.06
N TYR A 230 -9.41 -30.15 -10.41
CA TYR A 230 -9.69 -30.25 -8.96
C TYR A 230 -8.65 -29.37 -8.29
N ILE A 231 -9.13 -28.53 -7.36
CA ILE A 231 -8.36 -27.47 -6.66
C ILE A 231 -7.82 -28.00 -5.34
N GLY A 232 -8.08 -29.24 -4.97
CA GLY A 232 -7.63 -29.79 -3.67
C GLY A 232 -6.43 -30.71 -3.81
N LEU A 233 -6.01 -31.29 -2.69
CA LEU A 233 -4.95 -32.33 -2.61
C LEU A 233 -5.43 -33.55 -3.39
N ARG A 234 -4.66 -34.01 -4.39
CA ARG A 234 -4.92 -35.32 -5.09
C ARG A 234 -4.51 -36.49 -4.17
N GLN A 235 -5.26 -36.70 -3.09
CA GLN A 235 -5.13 -37.86 -2.19
C GLN A 235 -6.48 -38.20 -1.57
N LYS A 236 -6.67 -39.44 -1.12
CA LYS A 236 -7.94 -39.86 -0.47
C LYS A 236 -7.92 -39.27 0.95
N ARG A 237 -9.08 -39.13 1.60
CA ARG A 237 -9.20 -38.43 2.91
C ARG A 237 -8.32 -39.09 3.96
N ALA A 238 -7.58 -38.29 4.71
CA ALA A 238 -6.90 -38.66 5.97
C ALA A 238 -7.97 -39.01 7.02
N THR A 239 -7.71 -40.08 7.79
CA THR A 239 -8.64 -40.62 8.82
C THR A 239 -7.98 -40.61 10.20
N GLY A 240 -8.78 -40.80 11.26
CA GLY A 240 -8.30 -40.98 12.64
C GLY A 240 -7.25 -39.97 13.07
N GLU A 241 -6.16 -40.44 13.66
CA GLU A 241 -4.97 -39.68 14.12
C GLU A 241 -4.72 -38.43 13.28
N GLU A 242 -4.41 -38.62 11.99
CA GLU A 242 -3.90 -37.55 11.10
C GLU A 242 -4.97 -36.45 10.96
N TYR A 243 -6.21 -36.84 10.70
CA TYR A 243 -7.37 -35.91 10.62
C TYR A 243 -7.45 -35.12 11.92
N ASP A 244 -7.57 -35.84 13.03
CA ASP A 244 -7.91 -35.27 14.36
C ASP A 244 -6.94 -34.13 14.71
N GLU A 245 -5.63 -34.34 14.52
CA GLU A 245 -4.58 -33.35 14.91
C GLU A 245 -4.80 -32.02 14.17
N LEU A 246 -5.12 -32.08 12.87
CA LEU A 246 -5.41 -30.84 12.10
C LEU A 246 -6.60 -30.14 12.77
N ILE A 247 -7.66 -30.89 13.07
CA ILE A 247 -8.89 -30.28 13.65
C ILE A 247 -8.55 -29.60 14.97
N GLU A 248 -7.86 -30.29 15.87
CA GLU A 248 -7.68 -29.77 17.25
C GLU A 248 -6.66 -28.63 17.21
N GLU A 249 -5.81 -28.59 16.18
CA GLU A 249 -4.87 -27.47 15.94
C GLU A 249 -5.67 -26.29 15.35
N PHE A 250 -6.60 -26.59 14.46
CA PHE A 250 -7.53 -25.59 13.86
C PHE A 250 -8.32 -24.94 15.00
N MET A 251 -8.89 -25.79 15.87
CA MET A 251 -9.76 -25.36 17.00
C MET A 251 -8.92 -24.56 18.01
N SER A 252 -7.70 -25.01 18.28
CA SER A 252 -6.70 -24.21 19.04
C SER A 252 -6.58 -22.82 18.41
N ALA A 253 -6.18 -22.79 17.14
CA ALA A 253 -5.73 -21.59 16.39
C ALA A 253 -6.86 -20.56 16.32
N VAL A 254 -8.08 -21.03 16.14
CA VAL A 254 -9.28 -20.15 16.03
C VAL A 254 -9.42 -19.41 17.35
N LYS A 255 -9.25 -20.15 18.46
CA LYS A 255 -9.39 -19.69 19.87
C LYS A 255 -8.41 -18.55 20.12
N GLN A 256 -7.13 -18.79 19.79
CA GLN A 256 -5.97 -17.88 20.08
C GLN A 256 -6.19 -16.61 19.28
N PHE A 257 -6.60 -16.74 18.03
CA PHE A 257 -6.69 -15.59 17.10
C PHE A 257 -7.96 -14.78 17.42
N TYR A 258 -9.13 -15.42 17.50
CA TYR A 258 -10.45 -14.72 17.44
C TYR A 258 -11.09 -14.68 18.84
N GLY A 259 -10.57 -15.47 19.78
CA GLY A 259 -11.13 -15.58 21.15
C GLY A 259 -12.17 -16.69 21.23
N GLU A 260 -12.98 -16.70 22.28
CA GLU A 260 -13.97 -17.75 22.55
C GLU A 260 -15.37 -17.33 22.03
N LYS A 261 -15.73 -16.03 22.09
CA LYS A 261 -17.04 -15.51 21.60
C LYS A 261 -17.25 -15.69 20.08
N VAL A 262 -16.28 -16.23 19.35
CA VAL A 262 -16.41 -16.47 17.89
C VAL A 262 -17.25 -17.74 17.65
N LEU A 263 -18.33 -17.56 16.90
CA LEU A 263 -19.24 -18.64 16.43
C LEU A 263 -18.50 -19.45 15.38
N ILE A 264 -18.39 -20.77 15.58
CA ILE A 264 -17.85 -21.74 14.60
C ILE A 264 -19.04 -22.61 14.15
N GLN A 265 -19.61 -22.32 12.98
CA GLN A 265 -20.74 -23.07 12.33
C GLN A 265 -20.15 -24.14 11.42
N PHE A 266 -20.20 -25.40 11.85
CA PHE A 266 -19.84 -26.59 11.06
C PHE A 266 -20.91 -26.84 10.00
N GLU A 267 -20.49 -27.17 8.77
CA GLU A 267 -21.34 -27.44 7.59
C GLU A 267 -20.86 -28.73 6.91
N ASP A 268 -21.78 -29.64 6.68
CA ASP A 268 -21.62 -30.76 5.71
C ASP A 268 -20.39 -31.61 6.06
N PHE A 269 -20.25 -32.00 7.32
CA PHE A 269 -19.35 -33.11 7.72
C PHE A 269 -20.14 -34.41 7.69
N ALA A 270 -19.45 -35.57 7.68
CA ALA A 270 -20.02 -36.92 7.84
C ALA A 270 -20.58 -37.06 9.25
N ASN A 271 -21.51 -38.01 9.45
CA ASN A 271 -22.06 -38.40 10.77
C ASN A 271 -20.93 -38.45 11.82
N HIS A 272 -20.07 -39.48 11.77
CA HIS A 272 -19.15 -39.76 12.89
C HIS A 272 -18.49 -38.45 13.32
N ASN A 273 -17.90 -37.70 12.40
CA ASN A 273 -17.17 -36.44 12.68
C ASN A 273 -18.10 -35.37 13.26
N ALA A 274 -19.19 -35.02 12.58
CA ALA A 274 -20.07 -33.88 12.92
C ALA A 274 -20.47 -33.91 14.40
N PHE A 275 -20.58 -35.12 14.98
CA PHE A 275 -20.96 -35.40 16.38
C PHE A 275 -19.74 -35.22 17.31
N ASP A 276 -18.59 -35.87 17.06
CA ASP A 276 -17.39 -35.72 17.94
C ASP A 276 -16.99 -34.25 18.04
N LEU A 277 -17.23 -33.44 17.00
CA LEU A 277 -16.86 -32.01 16.97
C LEU A 277 -17.80 -31.22 17.89
N LEU A 278 -19.10 -31.57 17.91
CA LEU A 278 -20.08 -30.92 18.82
C LEU A 278 -19.84 -31.41 20.26
N GLU A 279 -19.42 -32.68 20.44
CA GLU A 279 -19.13 -33.32 21.75
C GLU A 279 -17.90 -32.64 22.36
N LYS A 280 -16.72 -32.79 21.73
CA LYS A 280 -15.40 -32.32 22.23
C LYS A 280 -15.37 -30.80 22.47
N TYR A 281 -15.95 -29.97 21.59
CA TYR A 281 -15.69 -28.51 21.58
C TYR A 281 -16.90 -27.72 22.10
N SER A 282 -17.89 -28.37 22.71
CA SER A 282 -19.07 -27.71 23.34
C SER A 282 -18.61 -26.91 24.57
N LYS A 283 -17.64 -27.44 25.30
CA LYS A 283 -17.20 -26.78 26.57
C LYS A 283 -16.19 -25.68 26.23
N SER A 284 -15.14 -25.94 25.44
CA SER A 284 -14.07 -24.95 25.14
C SER A 284 -14.58 -23.80 24.22
N HIS A 285 -15.54 -24.05 23.31
CA HIS A 285 -15.84 -23.16 22.14
C HIS A 285 -17.35 -22.91 21.98
N LEU A 286 -17.72 -21.90 21.19
CA LEU A 286 -19.13 -21.64 20.81
C LEU A 286 -19.36 -22.30 19.43
N VAL A 287 -19.66 -23.60 19.44
CA VAL A 287 -19.80 -24.48 18.24
C VAL A 287 -21.30 -24.70 17.96
N PHE A 288 -21.67 -24.84 16.69
CA PHE A 288 -23.08 -24.95 16.22
C PHE A 288 -23.03 -25.75 14.93
N ASN A 289 -23.94 -26.67 14.65
CA ASN A 289 -23.84 -27.56 13.43
C ASN A 289 -25.12 -27.36 12.61
N ASP A 290 -25.02 -26.81 11.40
CA ASP A 290 -26.23 -26.40 10.62
C ASP A 290 -27.06 -27.65 10.29
N ASP A 291 -26.38 -28.79 10.04
CA ASP A 291 -27.02 -30.07 9.60
C ASP A 291 -27.79 -30.68 10.78
N ILE A 292 -27.20 -30.75 11.96
CA ILE A 292 -27.80 -31.40 13.16
C ILE A 292 -28.78 -30.40 13.80
N GLN A 293 -28.25 -29.29 14.31
CA GLN A 293 -28.96 -28.30 15.15
C GLN A 293 -29.82 -27.35 14.28
N GLY A 294 -29.31 -26.84 13.16
CA GLY A 294 -29.99 -25.79 12.40
C GLY A 294 -31.24 -26.31 11.71
N THR A 295 -31.12 -27.51 11.11
CA THR A 295 -32.19 -28.22 10.39
C THR A 295 -33.25 -28.65 11.41
N ALA A 296 -32.83 -29.34 12.48
CA ALA A 296 -33.68 -29.70 13.63
C ALA A 296 -34.55 -28.50 13.99
N SER A 297 -33.94 -27.34 14.11
CA SER A 297 -34.61 -26.09 14.55
C SER A 297 -35.75 -25.73 13.60
N VAL A 298 -35.48 -25.68 12.29
CA VAL A 298 -36.47 -25.16 11.29
C VAL A 298 -37.59 -26.18 11.07
N VAL A 299 -37.25 -27.46 11.21
CA VAL A 299 -38.22 -28.58 11.06
C VAL A 299 -39.22 -28.47 12.21
N LEU A 300 -38.74 -28.37 13.45
CA LEU A 300 -39.59 -28.23 14.64
C LEU A 300 -40.54 -27.04 14.42
N ALA A 301 -40.04 -25.93 13.89
CA ALA A 301 -40.84 -24.72 13.62
C ALA A 301 -41.90 -25.04 12.56
N GLY A 302 -41.53 -25.82 11.54
CA GLY A 302 -42.46 -26.25 10.49
C GLY A 302 -43.58 -27.10 11.07
N LEU A 303 -43.23 -28.10 11.89
CA LEU A 303 -44.20 -28.95 12.62
C LEU A 303 -45.16 -28.07 13.41
N LEU A 304 -44.68 -27.15 14.25
CA LEU A 304 -45.54 -26.25 15.08
C LEU A 304 -46.46 -25.43 14.18
N ALA A 305 -45.96 -25.00 13.02
CA ALA A 305 -46.69 -24.16 12.05
C ALA A 305 -47.77 -25.00 11.36
N ALA A 306 -47.44 -26.28 11.12
CA ALA A 306 -48.32 -27.28 10.47
C ALA A 306 -49.53 -27.51 11.38
N LEU A 307 -49.24 -27.67 12.68
CA LEU A 307 -50.24 -28.10 13.68
C LEU A 307 -51.15 -26.94 14.02
N LYS A 308 -50.82 -25.74 13.55
CA LYS A 308 -51.72 -24.57 13.63
C LYS A 308 -52.70 -24.62 12.47
N MET A 309 -52.31 -25.15 11.30
CA MET A 309 -53.24 -25.21 10.15
C MET A 309 -54.23 -26.36 10.38
N VAL A 310 -53.73 -27.53 10.82
CA VAL A 310 -54.52 -28.79 10.93
C VAL A 310 -55.02 -29.04 12.37
N GLY A 311 -54.34 -28.51 13.40
CA GLY A 311 -54.65 -28.76 14.82
C GLY A 311 -53.85 -29.94 15.39
N GLY A 312 -53.64 -29.91 16.71
CA GLY A 312 -52.97 -30.97 17.48
C GLY A 312 -51.68 -30.51 18.11
N THR A 313 -51.00 -31.41 18.81
CA THR A 313 -49.71 -31.17 19.49
C THR A 313 -48.68 -32.14 18.92
N LEU A 314 -47.40 -31.89 19.21
CA LEU A 314 -46.28 -32.76 18.80
C LEU A 314 -46.46 -34.12 19.48
N ALA A 315 -46.90 -34.13 20.73
CA ALA A 315 -47.02 -35.34 21.56
C ALA A 315 -47.77 -36.43 20.77
N GLU A 316 -48.98 -36.11 20.29
CA GLU A 316 -49.94 -37.09 19.69
C GLU A 316 -49.43 -37.66 18.35
N GLN A 317 -48.62 -36.92 17.59
CA GLN A 317 -48.22 -37.31 16.22
C GLN A 317 -47.28 -38.54 16.25
N THR A 318 -47.28 -39.29 15.14
CA THR A 318 -46.32 -40.40 14.90
C THR A 318 -45.42 -40.01 13.71
N TYR A 319 -44.10 -40.06 13.93
CA TYR A 319 -43.04 -39.57 13.02
C TYR A 319 -42.31 -40.74 12.36
N LEU A 320 -42.24 -40.73 11.02
CA LEU A 320 -41.37 -41.61 10.22
C LEU A 320 -40.37 -40.77 9.41
N PHE A 321 -39.09 -41.06 9.61
CA PHE A 321 -37.91 -40.48 8.92
C PHE A 321 -37.34 -41.49 7.91
N LEU A 322 -37.07 -41.01 6.69
CA LEU A 322 -36.10 -41.66 5.80
C LEU A 322 -34.78 -40.93 5.99
N GLY A 323 -33.72 -41.66 6.37
CA GLY A 323 -32.36 -41.15 6.58
C GLY A 323 -32.10 -40.92 8.06
N ALA A 324 -31.31 -41.81 8.70
CA ALA A 324 -30.91 -41.74 10.13
C ALA A 324 -29.46 -41.26 10.22
N GLY A 325 -29.18 -40.09 9.66
CA GLY A 325 -27.87 -39.46 9.76
C GLY A 325 -27.91 -38.35 10.78
N GLU A 326 -27.14 -37.30 10.49
CA GLU A 326 -27.09 -36.04 11.26
C GLU A 326 -28.50 -35.47 11.39
N ALA A 327 -29.08 -35.01 10.29
CA ALA A 327 -30.38 -34.31 10.30
C ALA A 327 -31.45 -35.26 10.84
N GLY A 328 -31.41 -36.53 10.45
CA GLY A 328 -32.35 -37.56 10.93
C GLY A 328 -32.46 -37.53 12.44
N THR A 329 -31.44 -38.09 13.12
CA THR A 329 -31.43 -38.22 14.60
C THR A 329 -31.52 -36.83 15.24
N GLY A 330 -30.83 -35.85 14.68
CA GLY A 330 -30.82 -34.46 15.17
C GLY A 330 -32.20 -33.84 15.22
N ILE A 331 -32.97 -33.91 14.12
CA ILE A 331 -34.36 -33.38 14.09
C ILE A 331 -35.16 -34.14 15.15
N ALA A 332 -35.06 -35.47 15.14
CA ALA A 332 -35.84 -36.37 16.02
C ALA A 332 -35.62 -35.98 17.47
N GLU A 333 -34.36 -35.83 17.88
CA GLU A 333 -33.99 -35.52 19.28
C GLU A 333 -34.57 -34.17 19.68
N LEU A 334 -34.60 -33.17 18.78
CA LEU A 334 -35.15 -31.83 19.11
C LEU A 334 -36.67 -31.92 19.23
N ILE A 335 -37.29 -32.87 18.54
CA ILE A 335 -38.76 -33.06 18.61
C ILE A 335 -39.10 -33.67 19.98
N ALA A 336 -38.48 -34.79 20.32
CA ALA A 336 -38.64 -35.53 21.59
C ALA A 336 -38.38 -34.58 22.76
N LEU A 337 -37.36 -33.73 22.65
CA LEU A 337 -37.05 -32.73 23.71
C LEU A 337 -38.23 -31.75 23.84
N GLU A 338 -38.75 -31.19 22.74
CA GLU A 338 -39.87 -30.22 22.81
C GLU A 338 -41.05 -30.88 23.49
N ILE A 339 -41.27 -32.18 23.24
CA ILE A 339 -42.35 -33.01 23.88
C ILE A 339 -42.10 -33.09 25.39
N SER A 340 -40.90 -33.48 25.80
CA SER A 340 -40.48 -33.55 27.23
C SER A 340 -40.73 -32.20 27.93
N LYS A 341 -40.53 -31.06 27.27
CA LYS A 341 -40.75 -29.72 27.85
C LYS A 341 -42.26 -29.46 27.97
N GLN A 342 -43.06 -30.07 27.10
CA GLN A 342 -44.51 -29.79 27.04
C GLN A 342 -45.30 -30.78 27.92
N THR A 343 -44.75 -31.97 28.13
CA THR A 343 -45.40 -33.14 28.73
C THR A 343 -44.83 -33.43 30.12
N ASN A 344 -43.55 -33.13 30.31
CA ASN A 344 -42.78 -33.42 31.55
C ASN A 344 -42.53 -34.93 31.63
N ALA A 345 -42.61 -35.63 30.52
CA ALA A 345 -42.32 -37.08 30.52
C ALA A 345 -40.81 -37.30 30.48
N PRO A 346 -40.32 -38.49 30.90
CA PRO A 346 -38.96 -38.95 30.58
C PRO A 346 -38.73 -38.99 29.06
N ILE A 347 -37.49 -38.73 28.63
CA ILE A 347 -37.20 -38.47 27.21
C ILE A 347 -37.57 -39.72 26.40
N GLU A 348 -37.24 -40.94 26.86
CA GLU A 348 -37.57 -42.14 26.03
C GLU A 348 -39.02 -42.59 26.16
N GLU A 349 -39.92 -41.78 26.74
CA GLU A 349 -41.38 -41.89 26.47
C GLU A 349 -41.71 -40.88 25.36
N CYS A 350 -40.91 -39.82 25.16
CA CYS A 350 -41.18 -38.80 24.12
C CYS A 350 -40.78 -39.32 22.71
N ARG A 351 -39.87 -40.30 22.65
CA ARG A 351 -39.39 -40.84 21.35
C ARG A 351 -40.00 -42.20 21.05
N LYS A 352 -40.91 -42.66 21.88
CA LYS A 352 -41.68 -43.92 21.67
C LYS A 352 -42.40 -43.87 20.30
N LYS A 353 -42.88 -42.70 19.87
CA LYS A 353 -43.69 -42.54 18.62
C LYS A 353 -42.88 -41.94 17.46
N VAL A 354 -41.55 -42.04 17.52
CA VAL A 354 -40.60 -41.53 16.48
C VAL A 354 -39.77 -42.70 15.95
N TRP A 355 -39.91 -42.98 14.65
CA TRP A 355 -39.31 -44.11 13.92
C TRP A 355 -38.47 -43.63 12.76
N LEU A 356 -37.22 -44.09 12.65
CA LEU A 356 -36.31 -43.73 11.52
C LEU A 356 -35.99 -44.98 10.71
N VAL A 357 -35.92 -44.81 9.39
CA VAL A 357 -35.56 -45.84 8.38
C VAL A 357 -34.27 -45.40 7.68
N ASP A 358 -33.23 -46.22 7.81
CA ASP A 358 -31.93 -46.02 7.14
C ASP A 358 -31.83 -46.93 5.90
N SER A 359 -30.63 -47.02 5.33
CA SER A 359 -30.22 -47.89 4.19
C SER A 359 -30.63 -49.35 4.44
N LYS A 360 -30.48 -49.86 5.67
CA LYS A 360 -30.71 -51.29 6.00
C LYS A 360 -32.17 -51.53 6.41
N GLY A 361 -32.98 -50.46 6.51
CA GLY A 361 -34.44 -50.53 6.77
C GLY A 361 -34.85 -49.81 8.04
N LEU A 362 -35.98 -50.20 8.64
CA LEU A 362 -36.50 -49.61 9.89
C LEU A 362 -35.54 -49.96 11.02
N ILE A 363 -35.15 -48.93 11.77
CA ILE A 363 -34.29 -49.07 12.99
C ILE A 363 -35.17 -49.70 14.09
N VAL A 364 -34.80 -50.94 14.44
CA VAL A 364 -35.54 -51.85 15.35
C VAL A 364 -34.55 -52.37 16.39
N ASP A 365 -35.04 -52.70 17.57
CA ASP A 365 -34.31 -53.25 18.72
C ASP A 365 -33.62 -54.58 18.37
N SER A 366 -34.29 -55.44 17.59
CA SER A 366 -33.75 -56.77 17.17
C SER A 366 -32.42 -56.58 16.42
N ARG A 367 -32.17 -55.37 15.93
CA ARG A 367 -31.02 -55.02 15.05
C ARG A 367 -29.97 -54.25 15.84
N LYS A 368 -30.20 -53.96 17.13
CA LYS A 368 -29.31 -53.10 17.97
C LYS A 368 -28.06 -53.89 18.39
N GLY A 369 -28.07 -55.22 18.29
CA GLY A 369 -26.91 -56.11 18.48
C GLY A 369 -25.85 -55.96 17.38
N SER A 370 -25.93 -54.89 16.56
CA SER A 370 -24.95 -54.48 15.52
C SER A 370 -25.31 -53.10 14.93
N LEU A 371 -25.66 -52.11 15.76
CA LEU A 371 -26.12 -50.77 15.31
C LEU A 371 -25.01 -49.74 15.53
N GLN A 372 -25.12 -48.57 14.89
CA GLN A 372 -24.27 -47.38 15.13
C GLN A 372 -24.76 -46.75 16.43
N PRO A 373 -23.89 -46.11 17.26
CA PRO A 373 -24.30 -45.67 18.61
C PRO A 373 -25.46 -44.67 18.66
N PHE A 374 -25.45 -43.63 17.82
CA PHE A 374 -26.42 -42.50 17.83
C PHE A 374 -27.80 -42.89 17.29
N LYS A 375 -28.00 -44.16 16.97
CA LYS A 375 -29.27 -44.73 16.43
C LYS A 375 -29.98 -45.56 17.52
N LYS A 376 -29.25 -46.07 18.51
CA LYS A 376 -29.76 -46.98 19.59
C LYS A 376 -30.98 -46.36 20.27
N PRO A 377 -31.01 -45.05 20.59
CA PRO A 377 -32.19 -44.43 21.19
C PRO A 377 -33.48 -44.47 20.34
N TRP A 378 -33.38 -44.86 19.08
CA TRP A 378 -34.56 -44.90 18.18
C TRP A 378 -34.95 -46.35 17.86
N ALA A 379 -34.17 -47.31 18.35
CA ALA A 379 -34.35 -48.76 18.17
C ALA A 379 -35.48 -49.29 19.07
N HIS A 380 -36.73 -48.89 18.79
CA HIS A 380 -37.94 -49.36 19.50
C HIS A 380 -38.15 -50.84 19.19
N GLU A 381 -39.25 -51.42 19.66
CA GLU A 381 -39.58 -52.86 19.57
C GLU A 381 -40.61 -53.09 18.45
N HIS A 382 -40.25 -53.85 17.42
CA HIS A 382 -40.98 -53.94 16.12
C HIS A 382 -40.33 -55.02 15.26
N GLU A 383 -41.05 -55.53 14.26
CA GLU A 383 -40.50 -56.59 13.38
C GLU A 383 -39.55 -55.92 12.40
N PRO A 384 -38.43 -56.59 11.98
CA PRO A 384 -37.58 -56.05 10.90
C PRO A 384 -38.40 -55.68 9.66
N LEU A 385 -38.33 -54.43 9.18
CA LEU A 385 -38.96 -53.99 7.92
C LEU A 385 -37.85 -53.53 6.98
N LYS A 386 -37.96 -53.82 5.67
CA LYS A 386 -36.83 -53.60 4.75
C LYS A 386 -37.00 -52.25 4.07
N THR A 387 -38.19 -51.82 3.65
CA THR A 387 -38.36 -50.59 2.83
C THR A 387 -39.18 -49.53 3.56
N LEU A 388 -39.00 -48.26 3.20
CA LEU A 388 -39.83 -47.12 3.68
C LEU A 388 -41.30 -47.44 3.43
N TYR A 389 -41.64 -48.01 2.28
CA TYR A 389 -43.06 -48.34 1.97
C TYR A 389 -43.62 -49.27 3.06
N ASP A 390 -42.86 -50.26 3.51
CA ASP A 390 -43.32 -51.27 4.50
C ASP A 390 -43.53 -50.57 5.83
N ALA A 391 -42.56 -49.77 6.25
CA ALA A 391 -42.68 -48.95 7.46
C ALA A 391 -43.92 -48.04 7.32
N VAL A 392 -44.12 -47.32 6.22
CA VAL A 392 -45.21 -46.31 6.13
C VAL A 392 -46.51 -47.05 6.44
N GLN A 393 -46.63 -48.28 5.96
CA GLN A 393 -47.91 -49.04 6.00
C GLN A 393 -48.08 -49.62 7.40
N SER A 394 -47.01 -50.09 8.05
CA SER A 394 -47.05 -50.73 9.40
C SER A 394 -47.23 -49.65 10.48
N ILE A 395 -46.36 -48.64 10.51
CA ILE A 395 -46.29 -47.58 11.56
C ILE A 395 -47.50 -46.66 11.43
N LYS A 396 -48.03 -46.47 10.22
CA LYS A 396 -49.19 -45.57 9.97
C LYS A 396 -48.88 -44.18 10.51
N PRO A 397 -47.75 -43.56 10.14
CA PRO A 397 -47.35 -42.28 10.71
C PRO A 397 -48.24 -41.07 10.31
N THR A 398 -48.19 -40.00 11.09
CA THR A 398 -48.91 -38.73 10.82
C THR A 398 -47.96 -37.75 10.13
N VAL A 399 -46.65 -37.97 10.26
CA VAL A 399 -45.57 -37.07 9.77
C VAL A 399 -44.47 -37.92 9.14
N LEU A 400 -44.18 -37.63 7.85
CA LEU A 400 -43.13 -38.28 7.05
C LEU A 400 -42.08 -37.24 6.69
N ILE A 401 -40.89 -37.37 7.24
CA ILE A 401 -39.73 -36.46 7.00
C ILE A 401 -38.62 -37.23 6.29
N GLY A 402 -38.15 -36.68 5.16
CA GLY A 402 -37.08 -37.28 4.34
C GLY A 402 -35.79 -36.51 4.48
N THR A 403 -34.75 -37.17 4.97
CA THR A 403 -33.38 -36.66 5.07
C THR A 403 -32.42 -37.70 4.47
N SER A 404 -32.76 -38.31 3.34
CA SER A 404 -32.08 -39.51 2.78
C SER A 404 -30.88 -39.12 1.93
N GLY A 405 -30.96 -37.93 1.33
CA GLY A 405 -30.07 -37.46 0.25
C GLY A 405 -30.37 -38.13 -1.09
N VAL A 406 -31.51 -38.81 -1.21
CA VAL A 406 -31.89 -39.64 -2.39
C VAL A 406 -33.21 -39.12 -2.95
N GLY A 407 -33.20 -38.79 -4.24
CA GLY A 407 -34.35 -38.18 -4.90
C GLY A 407 -35.42 -39.21 -5.15
N ARG A 408 -36.67 -38.76 -5.19
CA ARG A 408 -37.83 -39.54 -5.69
C ARG A 408 -37.95 -40.86 -4.90
N THR A 409 -37.68 -40.85 -3.58
CA THR A 409 -37.87 -42.00 -2.65
C THR A 409 -39.23 -41.92 -1.95
N PHE A 410 -39.83 -40.72 -1.94
CA PHE A 410 -41.27 -40.48 -1.64
C PHE A 410 -42.06 -40.68 -2.92
N THR A 411 -42.47 -41.95 -3.13
CA THR A 411 -43.12 -42.50 -4.34
C THR A 411 -44.63 -42.18 -4.30
N LYS A 412 -45.34 -42.37 -5.40
CA LYS A 412 -46.82 -42.24 -5.50
C LYS A 412 -47.48 -43.17 -4.45
N GLU A 413 -47.03 -44.43 -4.35
CA GLU A 413 -47.53 -45.46 -3.39
C GLU A 413 -47.42 -44.93 -1.95
N ILE A 414 -46.30 -44.29 -1.65
CA ILE A 414 -45.94 -43.82 -0.29
C ILE A 414 -46.79 -42.59 0.04
N ILE A 415 -46.82 -41.55 -0.80
CA ILE A 415 -47.68 -40.35 -0.56
C ILE A 415 -49.16 -40.75 -0.59
N GLU A 416 -49.56 -41.69 -1.44
CA GLU A 416 -50.97 -42.16 -1.48
C GLU A 416 -51.28 -42.91 -0.18
N ALA A 417 -50.42 -43.83 0.25
CA ALA A 417 -50.52 -44.56 1.54
C ALA A 417 -50.68 -43.53 2.68
N MET A 418 -49.83 -42.51 2.75
CA MET A 418 -49.86 -41.43 3.77
C MET A 418 -51.16 -40.62 3.68
N SER A 419 -51.73 -40.44 2.49
CA SER A 419 -52.96 -39.64 2.26
C SER A 419 -54.18 -40.49 2.65
N SER A 420 -54.02 -41.80 2.74
CA SER A 420 -55.09 -42.81 2.97
C SER A 420 -55.46 -42.87 4.48
N PHE A 421 -54.50 -42.84 5.41
CA PHE A 421 -54.80 -42.98 6.87
C PHE A 421 -54.77 -41.62 7.56
N ASN A 422 -53.96 -40.67 7.12
CA ASN A 422 -54.06 -39.26 7.57
C ASN A 422 -55.00 -38.51 6.64
N GLU A 423 -55.76 -37.55 7.17
CA GLU A 423 -56.62 -36.69 6.35
C GLU A 423 -55.79 -35.53 5.80
N ARG A 424 -54.81 -35.03 6.55
CA ARG A 424 -53.86 -33.98 6.11
C ARG A 424 -52.44 -34.40 6.46
N PRO A 425 -51.79 -35.33 5.69
CA PRO A 425 -50.47 -35.84 6.05
C PRO A 425 -49.36 -34.78 5.92
N ILE A 426 -48.52 -34.70 6.96
CA ILE A 426 -47.35 -33.78 7.04
C ILE A 426 -46.20 -34.49 6.32
N ILE A 427 -45.84 -33.99 5.12
CA ILE A 427 -44.72 -34.53 4.29
C ILE A 427 -43.69 -33.42 4.15
N PHE A 428 -42.48 -33.74 4.62
CA PHE A 428 -41.27 -32.88 4.65
C PHE A 428 -40.19 -33.58 3.82
N SER A 429 -39.92 -33.03 2.63
CA SER A 429 -38.90 -33.51 1.65
C SER A 429 -37.68 -32.60 1.74
N LEU A 430 -36.75 -32.95 2.64
CA LEU A 430 -35.74 -32.00 3.17
C LEU A 430 -34.49 -32.02 2.29
N SER A 431 -34.14 -33.16 1.71
CA SER A 431 -32.86 -33.33 0.96
C SER A 431 -32.73 -32.25 -0.12
N ASN A 432 -31.48 -31.90 -0.42
CA ASN A 432 -31.05 -30.91 -1.44
C ASN A 432 -29.92 -31.50 -2.28
N PRO A 433 -29.72 -31.02 -3.52
CA PRO A 433 -30.56 -29.98 -4.10
C PRO A 433 -31.84 -30.60 -4.69
N THR A 434 -32.56 -29.87 -5.55
CA THR A 434 -33.88 -30.25 -6.14
C THR A 434 -33.83 -31.69 -6.68
N SER A 435 -32.80 -32.06 -7.42
CA SER A 435 -32.61 -33.40 -8.03
C SER A 435 -32.51 -34.49 -6.96
N HIS A 436 -32.21 -34.17 -5.71
CA HIS A 436 -32.18 -35.18 -4.62
C HIS A 436 -33.40 -35.06 -3.67
N SER A 437 -34.31 -34.11 -3.88
CA SER A 437 -35.62 -33.98 -3.19
C SER A 437 -36.31 -35.35 -3.23
N GLU A 438 -36.80 -35.82 -2.08
CA GLU A 438 -37.50 -37.12 -1.92
C GLU A 438 -38.79 -37.14 -2.76
N CYS A 439 -39.41 -35.98 -2.97
CA CYS A 439 -40.47 -35.77 -3.98
C CYS A 439 -40.49 -34.29 -4.34
N THR A 440 -41.16 -33.94 -5.43
CA THR A 440 -41.45 -32.55 -5.87
C THR A 440 -42.67 -32.04 -5.08
N ALA A 441 -42.92 -30.74 -5.12
CA ALA A 441 -44.19 -30.12 -4.64
C ALA A 441 -45.35 -30.58 -5.52
N GLU A 442 -45.17 -30.69 -6.83
CA GLU A 442 -46.25 -31.17 -7.73
C GLU A 442 -46.68 -32.60 -7.38
N GLN A 443 -45.74 -33.51 -7.10
CA GLN A 443 -46.05 -34.94 -6.81
C GLN A 443 -46.87 -35.05 -5.50
N ALA A 444 -46.42 -34.34 -4.46
CA ALA A 444 -46.98 -34.35 -3.08
C ALA A 444 -48.43 -33.87 -3.04
N TYR A 445 -48.73 -32.76 -3.73
CA TYR A 445 -50.11 -32.21 -3.85
C TYR A 445 -51.00 -33.07 -4.77
N THR A 446 -50.47 -33.64 -5.86
CA THR A 446 -51.23 -34.53 -6.78
C THR A 446 -51.54 -35.86 -6.09
N TRP A 447 -50.51 -36.58 -5.60
CA TRP A 447 -50.64 -37.96 -5.05
C TRP A 447 -51.38 -37.99 -3.70
N SER A 448 -51.66 -36.81 -3.12
CA SER A 448 -52.40 -36.67 -1.83
C SER A 448 -53.71 -35.93 -2.03
N GLN A 449 -54.16 -35.74 -3.29
CA GLN A 449 -55.42 -35.05 -3.66
C GLN A 449 -55.53 -33.66 -2.98
N GLY A 450 -54.42 -32.91 -2.90
CA GLY A 450 -54.39 -31.52 -2.42
C GLY A 450 -54.51 -31.44 -0.89
N ARG A 451 -54.27 -32.52 -0.17
CA ARG A 451 -54.58 -32.63 1.27
C ARG A 451 -53.31 -32.64 2.13
N SER A 452 -52.13 -32.82 1.53
CA SER A 452 -50.82 -32.82 2.26
C SER A 452 -50.46 -31.40 2.68
N ILE A 453 -49.85 -31.30 3.85
CA ILE A 453 -49.05 -30.14 4.33
C ILE A 453 -47.59 -30.44 3.95
N PHE A 454 -47.11 -29.75 2.90
CA PHE A 454 -45.81 -30.06 2.25
C PHE A 454 -44.83 -28.92 2.48
N ALA A 455 -43.59 -29.30 2.76
CA ALA A 455 -42.42 -28.40 2.75
C ALA A 455 -41.18 -29.20 2.37
N SER A 456 -40.16 -28.52 1.84
CA SER A 456 -38.95 -29.12 1.23
C SER A 456 -37.74 -28.24 1.49
N GLY A 457 -36.55 -28.82 1.29
CA GLY A 457 -35.26 -28.11 1.43
C GLY A 457 -34.99 -27.10 0.30
N SER A 458 -35.29 -27.49 -0.95
CA SER A 458 -34.97 -26.68 -2.14
C SER A 458 -36.24 -26.02 -2.67
N PRO A 459 -36.20 -24.81 -3.27
CA PRO A 459 -37.41 -24.09 -3.65
C PRO A 459 -38.14 -24.79 -4.81
N PHE A 460 -39.48 -24.77 -4.80
CA PHE A 460 -40.42 -25.27 -5.85
C PHE A 460 -41.48 -24.21 -6.17
N ALA A 461 -41.83 -24.06 -7.43
CA ALA A 461 -42.81 -23.02 -7.81
C ALA A 461 -44.16 -23.43 -7.21
N PRO A 462 -45.08 -22.44 -7.06
CA PRO A 462 -46.47 -22.73 -6.70
C PRO A 462 -47.05 -23.85 -7.59
N VAL A 463 -47.91 -24.69 -7.02
CA VAL A 463 -48.52 -25.91 -7.66
C VAL A 463 -50.03 -25.64 -7.76
N GLU A 464 -50.64 -25.81 -8.93
CA GLU A 464 -52.12 -25.67 -9.11
C GLU A 464 -52.75 -27.07 -9.21
N TYR A 465 -53.83 -27.30 -8.45
CA TYR A 465 -54.55 -28.60 -8.30
C TYR A 465 -56.03 -28.34 -7.94
N GLU A 466 -56.93 -28.78 -8.82
CA GLU A 466 -58.41 -28.57 -8.76
C GLU A 466 -58.73 -27.11 -8.41
N GLY A 467 -58.20 -26.17 -9.18
CA GLY A 467 -58.63 -24.77 -9.21
C GLY A 467 -58.16 -24.00 -8.02
N LYS A 468 -57.16 -24.53 -7.31
CA LYS A 468 -56.56 -23.90 -6.10
C LYS A 468 -55.02 -23.83 -6.28
N THR A 469 -54.36 -22.84 -5.67
CA THR A 469 -52.89 -22.60 -5.68
C THR A 469 -52.26 -23.03 -4.35
N PHE A 470 -51.25 -23.91 -4.37
CA PHE A 470 -50.46 -24.34 -3.19
C PHE A 470 -49.04 -23.77 -3.30
N VAL A 471 -48.64 -22.93 -2.34
CA VAL A 471 -47.27 -22.34 -2.22
C VAL A 471 -46.50 -23.15 -1.18
N PRO A 472 -45.74 -24.20 -1.54
CA PRO A 472 -45.12 -25.07 -0.54
C PRO A 472 -44.07 -24.26 0.21
N GLY A 473 -43.99 -24.38 1.53
CA GLY A 473 -43.00 -23.64 2.32
C GLY A 473 -41.61 -24.26 2.16
N GLN A 474 -40.55 -23.47 2.40
CA GLN A 474 -39.15 -23.98 2.33
C GLN A 474 -38.59 -24.25 3.73
N SER A 475 -38.56 -25.51 4.11
CA SER A 475 -38.05 -25.99 5.41
C SER A 475 -36.56 -26.23 5.26
N ASN A 476 -35.81 -25.13 5.21
CA ASN A 476 -34.34 -25.04 5.03
C ASN A 476 -33.75 -24.19 6.18
N ASN A 477 -32.60 -24.61 6.72
CA ASN A 477 -32.06 -24.02 7.97
C ASN A 477 -31.71 -22.54 7.78
N ALA A 478 -31.77 -22.02 6.55
CA ALA A 478 -31.52 -20.59 6.19
C ALA A 478 -32.55 -19.65 6.83
N TYR A 479 -33.71 -20.15 7.27
CA TYR A 479 -34.73 -19.40 8.05
C TYR A 479 -34.27 -19.20 9.52
N ILE A 480 -33.39 -20.09 10.02
CA ILE A 480 -33.02 -20.24 11.47
C ILE A 480 -31.63 -19.61 11.71
N PHE A 481 -30.55 -20.07 11.01
CA PHE A 481 -29.14 -19.80 11.43
C PHE A 481 -28.86 -18.30 11.33
N PRO A 482 -29.37 -17.52 10.35
CA PRO A 482 -29.16 -16.06 10.34
C PRO A 482 -29.61 -15.37 11.63
N GLY A 483 -30.85 -15.63 12.08
CA GLY A 483 -31.34 -15.16 13.39
C GLY A 483 -30.57 -15.74 14.57
N LEU A 484 -30.32 -17.04 14.57
CA LEU A 484 -29.68 -17.76 15.71
C LEU A 484 -28.25 -17.28 15.86
N GLY A 485 -27.54 -17.08 14.75
CA GLY A 485 -26.15 -16.56 14.77
C GLY A 485 -26.11 -15.15 15.35
N LEU A 486 -26.88 -14.21 14.78
CA LEU A 486 -27.02 -12.79 15.22
C LEU A 486 -27.28 -12.78 16.71
N GLY A 487 -28.15 -13.68 17.19
CA GLY A 487 -28.49 -13.80 18.61
C GLY A 487 -27.28 -14.18 19.47
N LEU A 488 -26.58 -15.27 19.14
CA LEU A 488 -25.36 -15.70 19.88
C LEU A 488 -24.35 -14.54 19.92
N VAL A 489 -24.23 -13.78 18.83
CA VAL A 489 -23.28 -12.63 18.74
C VAL A 489 -23.81 -11.50 19.63
N ILE A 490 -24.99 -10.92 19.39
CA ILE A 490 -25.41 -9.63 20.04
C ILE A 490 -25.59 -9.80 21.57
N SER A 491 -25.56 -11.04 22.06
CA SER A 491 -25.68 -11.41 23.49
C SER A 491 -24.30 -11.77 24.04
N GLY A 492 -23.36 -12.08 23.17
CA GLY A 492 -22.04 -12.58 23.57
C GLY A 492 -22.11 -13.96 24.20
N ALA A 493 -23.02 -14.80 23.72
CA ALA A 493 -23.15 -16.18 24.21
C ALA A 493 -21.81 -16.91 24.03
N VAL A 494 -21.45 -17.77 24.97
CA VAL A 494 -20.14 -18.48 25.03
C VAL A 494 -20.32 -19.96 24.76
N ARG A 495 -21.58 -20.41 24.71
CA ARG A 495 -21.93 -21.83 24.46
C ARG A 495 -23.31 -21.87 23.79
N VAL A 496 -23.59 -22.94 23.05
CA VAL A 496 -24.91 -23.20 22.43
C VAL A 496 -25.65 -24.21 23.31
N HIS A 497 -26.90 -23.88 23.67
CA HIS A 497 -27.76 -24.72 24.55
C HIS A 497 -28.97 -25.19 23.75
N GLU A 498 -29.26 -26.51 23.81
CA GLU A 498 -30.45 -27.09 23.16
C GLU A 498 -31.64 -26.15 23.35
N ASP A 499 -31.75 -25.49 24.50
CA ASP A 499 -32.90 -24.59 24.81
C ASP A 499 -32.98 -23.41 23.82
N MET A 500 -31.86 -23.04 23.16
CA MET A 500 -31.81 -21.88 22.20
C MET A 500 -32.38 -22.31 20.84
N LEU A 501 -32.09 -23.54 20.42
CA LEU A 501 -32.69 -24.16 19.23
C LEU A 501 -34.22 -24.08 19.38
N LEU A 502 -34.76 -24.40 20.57
CA LEU A 502 -36.24 -24.40 20.82
C LEU A 502 -36.75 -22.97 20.75
N ALA A 503 -36.02 -22.03 21.37
CA ALA A 503 -36.38 -20.60 21.47
C ALA A 503 -36.54 -20.05 20.05
N ALA A 504 -35.63 -20.47 19.16
CA ALA A 504 -35.59 -20.12 17.73
C ALA A 504 -36.83 -20.72 17.03
N SER A 505 -37.00 -22.03 17.19
CA SER A 505 -38.12 -22.78 16.58
C SER A 505 -39.43 -22.06 16.91
N LYS A 506 -39.65 -21.77 18.19
CA LYS A 506 -40.79 -20.97 18.71
C LYS A 506 -40.93 -19.69 17.89
N ALA A 507 -39.84 -18.95 17.79
CA ALA A 507 -39.83 -17.57 17.26
C ALA A 507 -40.28 -17.58 15.79
N LEU A 508 -39.77 -18.56 15.04
CA LEU A 508 -40.07 -18.71 13.59
C LEU A 508 -41.55 -19.07 13.42
N ALA A 509 -41.97 -20.10 14.14
CA ALA A 509 -43.34 -20.66 14.13
C ALA A 509 -44.32 -19.53 14.45
N ASP A 510 -43.95 -18.61 15.33
CA ASP A 510 -44.85 -17.54 15.83
C ASP A 510 -44.87 -16.38 14.83
N GLN A 511 -44.07 -16.45 13.77
CA GLN A 511 -44.11 -15.50 12.63
C GLN A 511 -45.04 -16.03 11.52
N ALA A 512 -45.38 -17.33 11.55
CA ALA A 512 -46.29 -18.03 10.61
C ALA A 512 -47.72 -17.61 10.91
N THR A 513 -48.30 -16.75 10.07
CA THR A 513 -49.68 -16.22 10.24
C THR A 513 -50.57 -16.91 9.21
N GLN A 514 -51.83 -16.48 9.14
CA GLN A 514 -52.85 -16.93 8.17
C GLN A 514 -52.47 -16.49 6.76
N ASP A 515 -51.78 -15.36 6.62
CA ASP A 515 -51.41 -14.78 5.29
C ASP A 515 -50.70 -15.89 4.50
N ASN A 516 -49.79 -16.62 5.14
CA ASN A 516 -48.99 -17.68 4.49
C ASN A 516 -49.72 -19.02 4.63
N PHE A 517 -50.47 -19.25 5.70
CA PHE A 517 -51.28 -20.49 5.88
C PHE A 517 -52.39 -20.59 4.82
N GLU A 518 -53.10 -19.48 4.53
CA GLU A 518 -54.08 -19.35 3.42
C GLU A 518 -53.53 -20.12 2.20
N LYS A 519 -52.32 -19.81 1.73
CA LYS A 519 -51.69 -20.34 0.50
C LYS A 519 -51.08 -21.73 0.74
N GLY A 520 -51.18 -22.32 1.94
CA GLY A 520 -50.70 -23.68 2.25
C GLY A 520 -49.21 -23.72 2.62
N SER A 521 -48.63 -22.59 3.04
CA SER A 521 -47.20 -22.42 3.41
C SER A 521 -47.03 -22.33 4.91
N ILE A 522 -46.22 -23.23 5.48
CA ILE A 522 -45.93 -23.28 6.94
C ILE A 522 -45.08 -22.07 7.36
N PHE A 523 -44.38 -21.41 6.44
CA PHE A 523 -43.49 -20.27 6.76
C PHE A 523 -43.88 -19.03 6.00
N PRO A 524 -43.56 -17.84 6.53
CA PRO A 524 -43.84 -16.61 5.80
C PRO A 524 -42.82 -16.48 4.68
N PRO A 525 -43.09 -15.61 3.68
CA PRO A 525 -42.22 -15.50 2.53
C PRO A 525 -40.84 -14.94 2.97
N PHE A 526 -39.80 -15.11 2.16
CA PHE A 526 -38.42 -14.62 2.44
C PHE A 526 -38.37 -13.10 2.40
N THR A 527 -39.34 -12.47 1.76
CA THR A 527 -39.53 -10.99 1.80
C THR A 527 -39.77 -10.45 3.23
N SER A 528 -39.76 -11.28 4.27
CA SER A 528 -39.92 -10.86 5.70
C SER A 528 -38.71 -11.27 6.56
N ILE A 529 -37.68 -11.87 5.94
CA ILE A 529 -36.59 -12.61 6.66
C ILE A 529 -35.82 -11.63 7.57
N ARG A 530 -35.89 -10.33 7.31
CA ARG A 530 -35.28 -9.33 8.23
C ARG A 530 -36.08 -9.30 9.54
N LYS A 531 -37.40 -9.17 9.46
CA LYS A 531 -38.28 -9.27 10.66
C LYS A 531 -38.04 -10.63 11.35
N ILE A 532 -38.07 -11.76 10.63
CA ILE A 532 -37.93 -13.12 11.24
C ILE A 532 -36.62 -13.26 12.02
N SER A 533 -35.51 -12.79 11.44
CA SER A 533 -34.16 -12.96 12.01
C SER A 533 -34.07 -12.18 13.34
N ALA A 534 -34.62 -10.96 13.38
CA ALA A 534 -34.65 -10.08 14.58
C ALA A 534 -35.40 -10.77 15.70
N HIS A 535 -36.60 -11.29 15.43
CA HIS A 535 -37.40 -12.03 16.43
C HIS A 535 -36.68 -13.31 16.85
N ILE A 536 -36.04 -14.05 15.95
CA ILE A 536 -35.29 -15.26 16.36
C ILE A 536 -34.09 -14.82 17.20
N ALA A 537 -33.41 -13.75 16.79
CA ALA A 537 -32.23 -13.25 17.51
C ALA A 537 -32.63 -12.90 18.96
N ALA A 538 -33.67 -12.08 19.12
CA ALA A 538 -34.19 -11.57 20.42
C ALA A 538 -34.46 -12.78 21.32
N ALA A 539 -35.11 -13.82 20.79
CA ALA A 539 -35.45 -15.05 21.53
C ALA A 539 -34.18 -15.82 21.94
N VAL A 540 -33.23 -16.03 21.01
CA VAL A 540 -32.01 -16.86 21.27
C VAL A 540 -31.10 -16.14 22.27
N ALA A 541 -31.15 -14.80 22.25
CA ALA A 541 -30.41 -13.92 23.18
C ALA A 541 -31.05 -14.00 24.57
N ALA A 542 -32.38 -13.82 24.62
CA ALA A 542 -33.19 -13.91 25.85
C ALA A 542 -32.88 -15.24 26.57
N LYS A 543 -32.85 -16.33 25.82
CA LYS A 543 -32.56 -17.70 26.35
C LYS A 543 -31.13 -17.76 26.84
N ALA A 544 -30.23 -17.06 26.17
CA ALA A 544 -28.78 -17.05 26.50
C ALA A 544 -28.62 -16.39 27.88
N TYR A 545 -29.29 -15.25 28.10
CA TYR A 545 -29.33 -14.48 29.38
C TYR A 545 -29.98 -15.34 30.47
N GLU A 546 -31.22 -15.81 30.26
CA GLU A 546 -31.94 -16.73 31.18
C GLU A 546 -30.98 -17.86 31.62
N LEU A 547 -30.40 -18.63 30.70
CA LEU A 547 -29.42 -19.71 31.04
C LEU A 547 -28.12 -19.15 31.64
N GLY A 548 -27.96 -17.83 31.70
CA GLY A 548 -26.72 -17.16 32.13
C GLY A 548 -25.50 -17.65 31.37
N LEU A 549 -25.54 -17.67 30.03
CA LEU A 549 -24.38 -17.95 29.14
C LEU A 549 -24.02 -16.72 28.31
N ALA A 550 -24.81 -15.64 28.39
CA ALA A 550 -24.58 -14.33 27.74
C ALA A 550 -23.50 -13.59 28.51
N THR A 551 -22.72 -12.71 27.84
CA THR A 551 -21.67 -11.84 28.46
C THR A 551 -21.88 -10.37 28.11
N ARG A 552 -22.88 -10.01 27.30
CA ARG A 552 -23.22 -8.59 27.06
C ARG A 552 -24.23 -8.16 28.12
N LEU A 553 -23.78 -7.92 29.36
CA LEU A 553 -24.63 -7.54 30.52
C LEU A 553 -24.58 -6.02 30.65
N PRO A 554 -25.66 -5.32 31.10
CA PRO A 554 -26.97 -5.91 31.30
C PRO A 554 -27.67 -6.15 29.96
N PRO A 555 -28.71 -7.04 29.90
CA PRO A 555 -29.47 -7.25 28.68
C PRO A 555 -30.22 -5.97 28.31
N PRO A 556 -30.35 -5.65 27.02
CA PRO A 556 -31.14 -4.47 26.63
C PRO A 556 -32.58 -4.65 27.04
N SER A 557 -33.33 -3.55 27.21
CA SER A 557 -34.78 -3.59 27.57
C SER A 557 -35.53 -4.32 26.47
N ASP A 558 -35.35 -3.90 25.20
CA ASP A 558 -36.14 -4.31 24.00
C ASP A 558 -35.25 -5.11 23.04
N LEU A 559 -35.09 -6.42 23.26
CA LEU A 559 -34.11 -7.28 22.53
C LEU A 559 -34.41 -7.34 21.02
N VAL A 560 -35.64 -7.11 20.59
CA VAL A 560 -36.01 -7.09 19.14
C VAL A 560 -35.48 -5.81 18.47
N LYS A 561 -35.79 -4.63 19.01
CA LYS A 561 -35.35 -3.32 18.44
C LYS A 561 -33.82 -3.23 18.49
N TYR A 562 -33.16 -3.83 19.48
CA TYR A 562 -31.68 -3.88 19.59
C TYR A 562 -31.12 -4.73 18.44
N ALA A 563 -31.67 -5.93 18.25
CA ALA A 563 -31.25 -6.88 17.19
C ALA A 563 -31.39 -6.20 15.82
N GLU A 564 -32.46 -5.44 15.58
CA GLU A 564 -32.70 -4.71 14.29
C GLU A 564 -31.68 -3.56 14.11
N ASN A 565 -31.22 -2.95 15.21
CA ASN A 565 -30.25 -1.83 15.19
C ASN A 565 -28.83 -2.37 15.00
N CYS A 566 -28.55 -3.64 15.33
CA CYS A 566 -27.22 -4.27 15.12
C CYS A 566 -27.06 -4.77 13.67
N MET A 567 -28.07 -4.58 12.81
CA MET A 567 -28.14 -5.31 11.52
C MET A 567 -27.48 -4.46 10.43
N TYR A 568 -26.55 -5.09 9.73
CA TYR A 568 -25.86 -4.55 8.53
C TYR A 568 -26.91 -4.09 7.53
N THR A 569 -26.73 -2.89 7.01
CA THR A 569 -27.50 -2.36 5.87
C THR A 569 -26.48 -2.13 4.76
N PRO A 570 -26.78 -2.54 3.52
CA PRO A 570 -25.85 -2.35 2.42
C PRO A 570 -26.07 -1.06 1.61
N VAL A 571 -26.86 -0.11 2.10
CA VAL A 571 -26.96 1.23 1.44
C VAL A 571 -25.55 1.84 1.34
N TYR A 572 -25.21 2.52 0.26
CA TYR A 572 -23.90 3.21 0.06
C TYR A 572 -23.87 4.41 1.01
N ARG A 573 -22.84 4.51 1.87
CA ARG A 573 -22.55 5.80 2.56
C ARG A 573 -21.50 6.51 1.71
N ASN A 574 -21.36 7.81 1.97
CA ASN A 574 -20.53 8.76 1.18
C ASN A 574 -19.13 8.88 1.80
N TYR A 575 -18.13 8.93 0.93
CA TYR A 575 -16.69 9.09 1.26
C TYR A 575 -16.18 10.50 0.97
N ARG A 576 -15.18 10.94 1.74
CA ARG A 576 -14.45 12.23 1.56
C ARG A 576 -14.16 12.45 0.06
N GLU B 24 5.16 24.56 -9.68
CA GLU B 24 4.24 25.24 -10.63
C GLU B 24 3.50 24.17 -11.48
N LEU B 25 4.17 23.06 -11.79
CA LEU B 25 3.55 21.88 -12.44
C LEU B 25 2.56 21.29 -11.43
N PRO B 26 1.26 21.05 -11.74
CA PRO B 26 0.50 20.06 -10.96
C PRO B 26 1.28 18.72 -11.01
N VAL B 27 1.42 17.99 -9.92
CA VAL B 27 2.11 16.65 -9.97
C VAL B 27 1.44 15.71 -8.96
N MET B 28 1.49 14.42 -9.21
CA MET B 28 0.80 13.40 -8.38
C MET B 28 1.87 12.69 -7.57
N PRO B 29 1.79 12.65 -6.22
CA PRO B 29 2.78 11.91 -5.43
C PRO B 29 2.53 10.40 -5.42
N TRP B 30 3.04 9.65 -6.39
CA TRP B 30 2.88 8.17 -6.47
C TRP B 30 3.73 7.52 -5.40
N ALA B 31 3.22 6.50 -4.71
CA ALA B 31 3.98 5.74 -3.71
C ALA B 31 4.04 4.31 -4.20
N THR B 32 5.21 3.67 -4.11
CA THR B 32 5.42 2.28 -4.57
C THR B 32 5.50 1.37 -3.34
N SER B 33 4.83 0.22 -3.37
CA SER B 33 4.86 -0.78 -2.29
C SER B 33 4.86 -2.19 -2.89
N VAL B 34 5.56 -3.12 -2.23
CA VAL B 34 5.56 -4.56 -2.57
C VAL B 34 4.11 -5.03 -2.45
N ALA B 35 3.58 -5.67 -3.49
CA ALA B 35 2.26 -6.33 -3.47
C ALA B 35 2.38 -7.75 -2.88
N SER B 36 1.45 -8.06 -1.97
CA SER B 36 1.21 -9.42 -1.41
C SER B 36 -0.26 -9.56 -1.01
N GLY B 37 -0.67 -10.77 -0.60
CA GLY B 37 -2.07 -11.11 -0.23
C GLY B 37 -3.09 -10.57 -1.23
N TYR B 38 -4.19 -9.99 -0.76
CA TYR B 38 -5.32 -9.53 -1.61
C TYR B 38 -4.92 -8.38 -2.51
N THR B 39 -3.93 -7.54 -2.16
CA THR B 39 -3.47 -6.42 -3.02
C THR B 39 -2.94 -7.03 -4.32
N LEU B 40 -2.06 -8.06 -4.23
CA LEU B 40 -1.47 -8.79 -5.38
C LEU B 40 -2.59 -9.45 -6.22
N LEU B 41 -3.54 -10.17 -5.60
CA LEU B 41 -4.56 -10.94 -6.32
C LEU B 41 -5.50 -9.98 -7.07
N ARG B 42 -5.82 -8.83 -6.48
CA ARG B 42 -6.76 -7.80 -7.04
C ARG B 42 -6.04 -6.96 -8.14
N ASP B 43 -4.70 -7.08 -8.27
CA ASP B 43 -3.87 -6.41 -9.30
C ASP B 43 -3.80 -7.24 -10.59
N PRO B 44 -4.47 -6.79 -11.66
CA PRO B 44 -4.45 -7.54 -12.91
C PRO B 44 -3.03 -7.75 -13.44
N HIS B 45 -2.24 -6.67 -13.54
CA HIS B 45 -0.85 -6.68 -14.09
C HIS B 45 -0.05 -7.87 -13.52
N HIS B 46 -0.16 -8.19 -12.24
CA HIS B 46 0.66 -9.25 -11.58
C HIS B 46 -0.15 -10.53 -11.32
N ASN B 47 -1.47 -10.44 -11.14
CA ASN B 47 -2.23 -11.57 -10.56
C ASN B 47 -2.10 -12.81 -11.46
N LYS B 48 -1.59 -13.90 -10.91
CA LYS B 48 -1.47 -15.20 -11.63
C LYS B 48 -2.56 -16.19 -11.20
N GLY B 49 -3.52 -15.82 -10.34
CA GLY B 49 -4.49 -16.81 -9.78
C GLY B 49 -3.80 -18.12 -9.42
N LEU B 50 -4.40 -19.28 -9.67
CA LEU B 50 -3.87 -20.61 -9.20
C LEU B 50 -2.52 -20.94 -9.79
N ALA B 51 -2.00 -20.12 -10.71
CA ALA B 51 -0.71 -20.37 -11.41
C ALA B 51 0.43 -19.89 -10.53
N PHE B 52 0.14 -19.08 -9.50
CA PHE B 52 1.10 -18.80 -8.38
C PHE B 52 1.63 -20.12 -7.81
N THR B 53 2.93 -20.36 -7.94
CA THR B 53 3.60 -21.58 -7.42
C THR B 53 3.52 -21.57 -5.88
N GLU B 54 3.62 -22.74 -5.26
CA GLU B 54 3.66 -22.94 -3.78
C GLU B 54 4.60 -21.89 -3.18
N GLU B 55 5.82 -21.79 -3.73
CA GLU B 55 6.94 -20.93 -3.24
C GLU B 55 6.49 -19.47 -3.29
N GLU B 56 5.80 -19.06 -4.36
CA GLU B 56 5.32 -17.67 -4.57
C GLU B 56 4.22 -17.33 -3.54
N ARG B 57 3.38 -18.30 -3.17
CA ARG B 57 2.25 -18.14 -2.21
C ARG B 57 2.80 -17.92 -0.79
N ASP B 58 3.72 -18.77 -0.32
CA ASP B 58 4.44 -18.59 0.97
C ASP B 58 5.06 -17.20 0.99
N GLY B 59 5.77 -16.88 -0.08
CA GLY B 59 6.49 -15.62 -0.27
C GLY B 59 5.59 -14.41 -0.17
N HIS B 60 4.34 -14.47 -0.64
CA HIS B 60 3.50 -13.25 -0.80
C HIS B 60 2.19 -13.33 -0.02
N TYR B 61 2.13 -14.18 1.00
CA TYR B 61 0.98 -14.23 1.93
C TYR B 61 -0.30 -14.53 1.14
N LEU B 62 -0.21 -15.53 0.28
CA LEU B 62 -1.35 -16.10 -0.46
C LEU B 62 -1.78 -17.41 0.20
N ARG B 63 -0.85 -18.14 0.87
CA ARG B 63 -1.16 -19.50 1.39
C ARG B 63 -2.50 -19.38 2.14
N GLY B 64 -3.49 -20.17 1.77
CA GLY B 64 -4.83 -20.12 2.38
C GLY B 64 -5.83 -19.39 1.52
N LEU B 65 -5.45 -18.24 0.95
CA LEU B 65 -6.35 -17.39 0.12
C LEU B 65 -6.60 -18.09 -1.23
N LEU B 66 -5.70 -18.99 -1.65
CA LEU B 66 -5.90 -19.90 -2.81
C LEU B 66 -6.05 -21.33 -2.32
N PRO B 67 -6.84 -22.14 -3.03
CA PRO B 67 -6.87 -23.57 -2.75
C PRO B 67 -5.49 -24.20 -2.95
N PRO B 68 -5.20 -25.41 -2.44
CA PRO B 68 -3.85 -25.99 -2.51
C PRO B 68 -3.24 -26.19 -3.92
N ALA B 69 -4.08 -26.47 -4.93
CA ALA B 69 -3.67 -26.85 -6.31
C ALA B 69 -2.99 -25.68 -7.01
N VAL B 70 -1.83 -25.98 -7.62
CA VAL B 70 -1.11 -25.07 -8.55
C VAL B 70 -1.33 -25.52 -10.00
N LEU B 71 -1.98 -24.65 -10.78
CA LEU B 71 -2.17 -24.81 -12.24
C LEU B 71 -1.02 -24.17 -13.01
N SER B 72 -0.68 -24.72 -14.17
CA SER B 72 0.06 -24.04 -15.25
C SER B 72 -0.81 -22.97 -15.95
N GLN B 73 -0.15 -22.08 -16.71
CA GLN B 73 -0.84 -21.07 -17.54
C GLN B 73 -1.65 -21.82 -18.61
N GLU B 74 -1.16 -22.97 -19.08
CA GLU B 74 -1.73 -23.74 -20.23
C GLU B 74 -3.06 -24.36 -19.81
N LEU B 75 -3.06 -24.99 -18.64
CA LEU B 75 -4.29 -25.53 -18.01
C LEU B 75 -5.26 -24.37 -17.80
N GLN B 76 -4.78 -23.21 -17.35
CA GLN B 76 -5.63 -22.00 -17.17
C GLN B 76 -6.37 -21.68 -18.48
N ILE B 77 -5.63 -21.69 -19.61
CA ILE B 77 -6.13 -21.39 -20.98
C ILE B 77 -7.27 -22.36 -21.27
N LYS B 78 -6.97 -23.66 -21.13
CA LYS B 78 -7.89 -24.78 -21.44
C LYS B 78 -9.19 -24.54 -20.66
N LYS B 79 -9.06 -24.20 -19.37
CA LYS B 79 -10.18 -24.02 -18.41
C LYS B 79 -11.04 -22.82 -18.83
N PHE B 80 -10.45 -21.66 -19.07
CA PHE B 80 -11.21 -20.47 -19.46
C PHE B 80 -11.90 -20.75 -20.81
N MET B 81 -11.18 -21.39 -21.74
CA MET B 81 -11.69 -21.62 -23.11
C MET B 81 -12.95 -22.47 -22.96
N ASN B 82 -12.86 -23.52 -22.16
CA ASN B 82 -13.97 -24.49 -21.97
C ASN B 82 -15.23 -23.73 -21.52
N THR B 83 -15.13 -22.87 -20.50
CA THR B 83 -16.28 -22.11 -19.94
C THR B 83 -16.67 -20.93 -20.83
N LEU B 84 -15.80 -20.50 -21.74
CA LEU B 84 -16.16 -19.40 -22.65
C LEU B 84 -17.18 -19.90 -23.67
N ARG B 85 -17.06 -21.16 -24.07
CA ARG B 85 -17.85 -21.76 -25.18
C ARG B 85 -19.27 -22.11 -24.68
N GLN B 86 -19.49 -22.13 -23.37
CA GLN B 86 -20.81 -22.48 -22.79
C GLN B 86 -21.70 -21.25 -22.78
N TYR B 87 -21.17 -20.03 -22.89
CA TYR B 87 -22.00 -18.81 -23.07
C TYR B 87 -22.70 -18.92 -24.44
N GLN B 88 -23.93 -18.45 -24.48
CA GLN B 88 -24.87 -18.64 -25.59
C GLN B 88 -24.70 -17.50 -26.59
N THR B 89 -24.41 -16.28 -26.16
CA THR B 89 -24.35 -15.11 -27.08
C THR B 89 -22.88 -14.76 -27.30
N PRO B 90 -22.51 -14.12 -28.43
CA PRO B 90 -21.16 -13.57 -28.57
C PRO B 90 -20.87 -12.49 -27.51
N LEU B 91 -21.80 -11.53 -27.32
CA LEU B 91 -21.72 -10.44 -26.30
C LEU B 91 -21.35 -11.03 -24.93
N GLN B 92 -21.93 -12.14 -24.51
CA GLN B 92 -21.56 -12.84 -23.24
C GLN B 92 -20.09 -13.29 -23.27
N ARG B 93 -19.54 -13.75 -24.39
CA ARG B 93 -18.11 -14.13 -24.47
C ARG B 93 -17.23 -12.88 -24.48
N TYR B 94 -17.72 -11.74 -25.00
CA TYR B 94 -17.02 -10.43 -24.95
C TYR B 94 -16.90 -9.98 -23.49
N ILE B 95 -17.98 -10.12 -22.73
CA ILE B 95 -18.03 -9.70 -21.30
C ILE B 95 -17.04 -10.58 -20.52
N ALA B 96 -17.00 -11.88 -20.81
CA ALA B 96 -16.12 -12.83 -20.09
C ALA B 96 -14.67 -12.52 -20.44
N MET B 97 -14.41 -12.04 -21.66
CA MET B 97 -13.03 -11.73 -22.13
C MET B 97 -12.56 -10.45 -21.42
N MET B 98 -13.40 -9.41 -21.35
CA MET B 98 -13.06 -8.09 -20.75
C MET B 98 -12.86 -8.24 -19.25
N ASN B 99 -13.71 -9.01 -18.58
CA ASN B 99 -13.54 -9.44 -17.15
C ASN B 99 -12.14 -10.07 -16.94
N LEU B 100 -11.69 -11.02 -17.76
CA LEU B 100 -10.35 -11.67 -17.62
C LEU B 100 -9.23 -10.66 -17.85
N GLN B 101 -9.33 -9.83 -18.89
CA GLN B 101 -8.35 -8.73 -19.17
C GLN B 101 -8.11 -7.97 -17.85
N GLU B 102 -9.17 -7.73 -17.08
CA GLU B 102 -9.16 -6.87 -15.87
C GLU B 102 -9.06 -7.70 -14.58
N THR B 103 -8.52 -8.93 -14.61
CA THR B 103 -8.25 -9.74 -13.39
C THR B 103 -6.90 -10.45 -13.49
N ASP B 104 -6.56 -10.92 -14.70
CA ASP B 104 -5.27 -11.58 -15.03
C ASP B 104 -4.92 -11.22 -16.47
N GLU B 105 -4.10 -10.17 -16.63
CA GLU B 105 -3.74 -9.54 -17.92
C GLU B 105 -2.84 -10.50 -18.70
N ARG B 106 -1.92 -11.17 -18.02
CA ARG B 106 -1.00 -12.14 -18.69
C ARG B 106 -1.76 -13.36 -19.23
N LEU B 107 -2.73 -13.89 -18.48
CA LEU B 107 -3.56 -15.04 -18.94
C LEU B 107 -4.42 -14.58 -20.13
N PHE B 108 -5.02 -13.39 -20.03
CA PHE B 108 -5.87 -12.78 -21.08
C PHE B 108 -5.10 -12.69 -22.38
N TYR B 109 -3.86 -12.18 -22.36
CA TYR B 109 -3.08 -12.01 -23.62
C TYR B 109 -2.57 -13.38 -24.09
N LYS B 110 -2.00 -14.23 -23.23
CA LYS B 110 -1.49 -15.58 -23.66
C LYS B 110 -2.66 -16.41 -24.22
N LEU B 111 -3.87 -16.25 -23.70
CA LEU B 111 -5.08 -16.92 -24.22
C LEU B 111 -5.42 -16.36 -25.59
N LEU B 112 -5.61 -15.05 -25.69
CA LEU B 112 -5.92 -14.33 -26.98
C LEU B 112 -4.95 -14.78 -28.09
N ILE B 113 -3.63 -14.78 -27.87
CA ILE B 113 -2.60 -15.21 -28.87
C ILE B 113 -2.90 -16.66 -29.27
N ASP B 114 -2.88 -17.59 -28.32
CA ASP B 114 -2.95 -19.05 -28.60
C ASP B 114 -4.27 -19.42 -29.28
N ASN B 115 -5.27 -18.54 -29.27
CA ASN B 115 -6.65 -18.82 -29.74
C ASN B 115 -7.14 -17.66 -30.60
N VAL B 116 -6.23 -17.01 -31.34
CA VAL B 116 -6.49 -15.66 -31.95
C VAL B 116 -7.61 -15.73 -33.01
N VAL B 117 -7.67 -16.82 -33.77
CA VAL B 117 -8.62 -16.96 -34.91
C VAL B 117 -10.03 -17.14 -34.34
N GLU B 118 -10.15 -17.94 -33.26
CA GLU B 118 -11.44 -18.33 -32.61
C GLU B 118 -12.02 -17.13 -31.85
N LEU B 119 -11.16 -16.32 -31.21
CA LEU B 119 -11.55 -15.32 -30.19
C LEU B 119 -11.64 -13.91 -30.78
N LEU B 120 -11.00 -13.67 -31.91
CA LEU B 120 -10.86 -12.30 -32.46
C LEU B 120 -12.24 -11.70 -32.78
N PRO B 121 -13.20 -12.50 -33.28
CA PRO B 121 -14.53 -11.96 -33.60
C PRO B 121 -15.32 -11.51 -32.35
N PHE B 122 -14.90 -11.94 -31.17
CA PHE B 122 -15.59 -11.70 -29.88
C PHE B 122 -15.03 -10.45 -29.19
N VAL B 123 -13.70 -10.24 -29.19
CA VAL B 123 -13.04 -9.04 -28.60
C VAL B 123 -12.99 -7.87 -29.59
N TYR B 124 -13.03 -8.17 -30.90
CA TYR B 124 -12.89 -7.24 -32.06
C TYR B 124 -14.13 -7.38 -32.95
N THR B 125 -14.11 -6.81 -34.17
CA THR B 125 -15.26 -6.90 -35.12
C THR B 125 -15.61 -8.37 -35.37
N PRO B 126 -16.91 -8.76 -35.31
CA PRO B 126 -18.05 -7.82 -35.17
C PRO B 126 -18.69 -7.57 -33.78
N THR B 127 -18.36 -8.41 -32.80
CA THR B 127 -18.93 -8.38 -31.43
C THR B 127 -18.74 -6.99 -30.82
N VAL B 128 -17.57 -6.42 -31.00
CA VAL B 128 -17.10 -5.17 -30.34
C VAL B 128 -18.05 -4.03 -30.74
N GLY B 129 -18.82 -4.24 -31.80
CA GLY B 129 -19.80 -3.27 -32.27
C GLY B 129 -21.01 -3.27 -31.36
N GLU B 130 -21.59 -4.44 -31.14
CA GLU B 130 -22.73 -4.67 -30.21
C GLU B 130 -22.30 -4.16 -28.82
N ALA B 131 -21.08 -4.55 -28.36
CA ALA B 131 -20.53 -4.12 -27.06
C ALA B 131 -20.68 -2.59 -26.98
N CYS B 132 -20.37 -1.85 -28.04
CA CYS B 132 -20.40 -0.36 -28.01
C CYS B 132 -21.86 0.14 -27.99
N GLN B 133 -22.77 -0.59 -28.60
CA GLN B 133 -24.19 -0.16 -28.69
C GLN B 133 -24.84 -0.29 -27.33
N LYS B 134 -24.40 -1.30 -26.57
CA LYS B 134 -24.97 -1.69 -25.25
C LYS B 134 -23.94 -1.49 -24.14
N TYR B 135 -22.97 -0.58 -24.31
CA TYR B 135 -21.82 -0.44 -23.39
C TYR B 135 -22.33 -0.10 -21.98
N GLY B 136 -23.28 0.83 -21.92
CA GLY B 136 -23.82 1.36 -20.66
C GLY B 136 -24.50 0.28 -19.83
N SER B 137 -25.14 -0.70 -20.46
CA SER B 137 -25.96 -1.75 -19.78
C SER B 137 -25.09 -2.98 -19.43
N ILE B 138 -23.84 -3.02 -19.87
CA ILE B 138 -22.94 -4.20 -19.73
C ILE B 138 -22.18 -4.03 -18.43
N PHE B 139 -21.94 -5.15 -17.73
CA PHE B 139 -21.13 -5.22 -16.48
C PHE B 139 -19.72 -4.73 -16.80
N ARG B 140 -19.30 -3.66 -16.11
CA ARG B 140 -18.15 -2.82 -16.47
C ARG B 140 -17.15 -2.87 -15.31
N ARG B 141 -16.03 -3.58 -15.46
CA ARG B 141 -14.77 -3.27 -14.70
C ARG B 141 -14.14 -2.12 -15.48
N PRO B 142 -13.81 -0.93 -14.88
CA PRO B 142 -13.29 0.20 -15.66
C PRO B 142 -11.94 -0.05 -16.38
N GLN B 143 -11.88 0.44 -17.61
CA GLN B 143 -10.71 0.37 -18.53
C GLN B 143 -10.75 1.63 -19.42
N GLY B 144 -9.58 2.16 -19.67
CA GLY B 144 -9.40 3.42 -20.44
C GLY B 144 -9.78 4.66 -19.67
N LEU B 145 -9.51 5.80 -20.29
CA LEU B 145 -9.65 7.13 -19.66
C LEU B 145 -10.70 7.94 -20.42
N TYR B 146 -11.63 8.60 -19.75
CA TYR B 146 -12.65 9.45 -20.41
C TYR B 146 -12.32 10.91 -20.12
N VAL B 147 -12.11 11.69 -21.18
CA VAL B 147 -11.98 13.16 -21.09
C VAL B 147 -13.26 13.82 -21.59
N SER B 148 -14.04 14.41 -20.70
CA SER B 148 -15.34 15.03 -21.07
C SER B 148 -15.13 16.51 -21.36
N LEU B 149 -16.17 17.15 -21.85
CA LEU B 149 -16.25 18.62 -22.03
C LEU B 149 -16.15 19.31 -20.68
N LYS B 150 -16.45 18.61 -19.59
CA LYS B 150 -16.40 19.17 -18.22
C LYS B 150 -14.99 18.99 -17.63
N ASP B 151 -14.02 18.53 -18.41
CA ASP B 151 -12.60 18.35 -17.96
C ASP B 151 -11.75 19.43 -18.66
N LYS B 152 -12.40 20.36 -19.37
CA LYS B 152 -11.67 21.42 -20.14
C LYS B 152 -11.14 22.45 -19.15
N GLY B 153 -9.94 22.96 -19.40
CA GLY B 153 -9.14 23.66 -18.37
C GLY B 153 -8.29 22.68 -17.57
N LYS B 154 -8.72 21.43 -17.42
CA LYS B 154 -8.07 20.49 -16.45
C LYS B 154 -7.74 19.16 -17.13
N VAL B 155 -7.60 19.13 -18.45
CA VAL B 155 -7.38 17.86 -19.19
C VAL B 155 -6.09 17.19 -18.68
N LEU B 156 -5.05 17.97 -18.44
CA LEU B 156 -3.74 17.44 -17.99
C LEU B 156 -3.92 16.81 -16.61
N GLU B 157 -4.71 17.46 -15.76
CA GLU B 157 -5.06 16.97 -14.39
C GLU B 157 -5.66 15.56 -14.52
N VAL B 158 -6.50 15.34 -15.52
CA VAL B 158 -7.17 14.03 -15.78
C VAL B 158 -6.11 13.02 -16.23
N LEU B 159 -5.21 13.41 -17.13
CA LEU B 159 -4.13 12.54 -17.63
C LEU B 159 -3.37 12.00 -16.39
N ARG B 160 -3.17 12.86 -15.40
CA ARG B 160 -2.24 12.60 -14.28
C ARG B 160 -2.76 11.38 -13.50
N ASN B 161 -4.09 11.16 -13.56
CA ASN B 161 -4.78 10.10 -12.77
C ASN B 161 -4.41 8.73 -13.31
N TRP B 162 -4.01 8.61 -14.58
CA TRP B 162 -3.62 7.29 -15.13
C TRP B 162 -2.35 6.82 -14.42
N PRO B 163 -2.32 5.60 -13.85
CA PRO B 163 -1.23 5.17 -12.99
C PRO B 163 -0.04 4.51 -13.70
N HIS B 164 0.15 4.82 -14.99
CA HIS B 164 1.34 4.48 -15.80
C HIS B 164 1.82 5.77 -16.51
N ARG B 165 3.10 6.13 -16.30
CA ARG B 165 3.67 7.45 -16.71
C ARG B 165 4.30 7.33 -18.12
N ASN B 166 4.86 6.16 -18.43
CA ASN B 166 5.59 5.85 -19.69
C ASN B 166 4.62 5.41 -20.80
N ILE B 167 3.85 6.33 -21.39
CA ILE B 167 2.87 6.00 -22.47
C ILE B 167 3.54 6.17 -23.84
N GLN B 168 3.49 5.13 -24.68
CA GLN B 168 4.07 5.06 -26.05
C GLN B 168 2.97 5.09 -27.12
N VAL B 169 1.85 4.39 -26.90
CA VAL B 169 0.69 4.27 -27.84
C VAL B 169 -0.58 4.76 -27.15
N ILE B 170 -1.20 5.81 -27.69
CA ILE B 170 -2.57 6.26 -27.30
C ILE B 170 -3.47 5.84 -28.44
N CYS B 171 -4.69 5.37 -28.12
CA CYS B 171 -5.76 5.12 -29.10
C CYS B 171 -7.02 5.87 -28.65
N VAL B 172 -7.51 6.79 -29.46
CA VAL B 172 -8.50 7.80 -29.01
C VAL B 172 -9.63 7.89 -30.02
N THR B 173 -10.89 7.92 -29.57
CA THR B 173 -12.11 8.15 -30.39
C THR B 173 -12.97 9.25 -29.76
N ASP B 174 -13.78 9.96 -30.54
CA ASP B 174 -14.80 10.85 -29.92
C ASP B 174 -16.17 10.20 -30.12
N GLY B 175 -16.17 8.98 -30.65
CA GLY B 175 -17.34 8.12 -30.76
C GLY B 175 -18.27 8.44 -31.92
N GLU B 176 -17.90 9.40 -32.79
CA GLU B 176 -18.78 10.02 -33.85
C GLU B 176 -19.19 8.96 -34.89
N ARG B 177 -18.27 8.06 -35.28
CA ARG B 177 -18.53 7.06 -36.34
C ARG B 177 -17.95 5.72 -35.93
N ILE B 178 -18.54 5.03 -34.94
CA ILE B 178 -18.01 3.71 -34.50
C ILE B 178 -18.38 2.67 -35.57
N LEU B 179 -17.38 2.10 -36.23
CA LEU B 179 -17.56 1.19 -37.39
C LEU B 179 -18.58 1.81 -38.36
N GLY B 180 -19.48 1.03 -38.96
CA GLY B 180 -20.61 1.56 -39.75
C GLY B 180 -21.87 1.71 -38.93
N LEU B 181 -21.77 1.89 -37.60
CA LEU B 181 -22.94 1.98 -36.67
C LEU B 181 -23.28 3.44 -36.35
N GLY B 182 -22.50 4.40 -36.84
CA GLY B 182 -22.69 5.83 -36.56
C GLY B 182 -22.27 6.23 -35.15
N ASP B 183 -23.00 7.21 -34.58
CA ASP B 183 -22.68 7.97 -33.35
C ASP B 183 -23.11 7.17 -32.10
N LEU B 184 -22.13 6.66 -31.34
CA LEU B 184 -22.41 5.95 -30.06
C LEU B 184 -21.83 6.78 -28.92
N GLY B 185 -21.59 8.06 -29.19
CA GLY B 185 -21.07 8.99 -28.18
C GLY B 185 -20.05 8.31 -27.29
N CYS B 186 -20.19 8.50 -25.99
CA CYS B 186 -19.20 8.11 -24.96
C CYS B 186 -19.02 6.58 -24.93
N GLN B 187 -19.95 5.84 -25.54
CA GLN B 187 -19.91 4.35 -25.52
C GLN B 187 -18.95 3.85 -26.59
N GLY B 188 -18.29 4.76 -27.32
CA GLY B 188 -17.23 4.45 -28.30
C GLY B 188 -16.04 3.73 -27.68
N MET B 189 -15.91 3.78 -26.35
CA MET B 189 -14.69 3.30 -25.66
C MET B 189 -14.36 1.85 -26.04
N GLY B 190 -15.33 1.04 -26.45
CA GLY B 190 -15.07 -0.38 -26.76
C GLY B 190 -13.97 -0.54 -27.79
N ILE B 191 -13.89 0.41 -28.73
CA ILE B 191 -13.00 0.41 -29.92
C ILE B 191 -11.56 0.64 -29.45
N PRO B 192 -11.22 1.83 -28.89
CA PRO B 192 -9.85 2.07 -28.43
C PRO B 192 -9.34 0.92 -27.56
N VAL B 193 -10.19 0.37 -26.69
CA VAL B 193 -9.77 -0.69 -25.75
C VAL B 193 -9.46 -1.94 -26.58
N GLY B 194 -10.25 -2.14 -27.62
CA GLY B 194 -10.07 -3.28 -28.52
C GLY B 194 -8.79 -3.16 -29.29
N LYS B 195 -8.61 -2.05 -29.99
CA LYS B 195 -7.42 -1.80 -30.84
C LYS B 195 -6.17 -2.10 -30.01
N LEU B 196 -6.09 -1.50 -28.83
CA LEU B 196 -4.88 -1.51 -27.99
C LEU B 196 -4.60 -2.93 -27.48
N ALA B 197 -5.63 -3.72 -27.19
CA ALA B 197 -5.47 -5.15 -26.83
C ALA B 197 -4.77 -5.84 -28.00
N LEU B 198 -5.13 -5.44 -29.23
CA LEU B 198 -4.61 -6.06 -30.47
C LEU B 198 -3.17 -5.59 -30.67
N TYR B 199 -2.92 -4.31 -30.41
CA TYR B 199 -1.54 -3.75 -30.42
C TYR B 199 -0.62 -4.69 -29.62
N THR B 200 -1.13 -5.31 -28.55
CA THR B 200 -0.32 -6.15 -27.64
C THR B 200 -0.30 -7.59 -28.19
N ALA B 201 -1.48 -8.11 -28.50
CA ALA B 201 -1.68 -9.50 -28.92
C ALA B 201 -1.04 -9.71 -30.30
N LEU B 202 -1.28 -8.80 -31.25
CA LEU B 202 -0.85 -8.92 -32.67
C LEU B 202 0.53 -8.30 -32.89
N GLY B 203 0.81 -7.16 -32.25
CA GLY B 203 2.04 -6.37 -32.48
C GLY B 203 3.16 -6.61 -31.46
N GLY B 204 2.85 -6.97 -30.21
CA GLY B 204 3.85 -7.18 -29.14
C GLY B 204 4.20 -5.93 -28.36
N VAL B 205 3.46 -4.83 -28.55
CA VAL B 205 3.57 -3.62 -27.67
C VAL B 205 3.24 -4.05 -26.23
N ASP B 206 4.01 -3.66 -25.22
CA ASP B 206 3.66 -3.91 -23.79
C ASP B 206 2.31 -3.25 -23.46
N PRO B 207 1.41 -3.94 -22.69
CA PRO B 207 0.12 -3.36 -22.32
C PRO B 207 0.27 -2.03 -21.57
N SER B 208 1.31 -1.93 -20.74
CA SER B 208 1.48 -0.86 -19.73
C SER B 208 1.67 0.48 -20.42
N VAL B 209 2.14 0.46 -21.66
CA VAL B 209 2.51 1.70 -22.41
C VAL B 209 1.34 2.15 -23.29
N CYS B 210 0.22 1.41 -23.27
CA CYS B 210 -0.99 1.63 -24.11
C CYS B 210 -2.07 2.33 -23.28
N LEU B 211 -2.73 3.36 -23.83
CA LEU B 211 -3.67 4.21 -23.07
C LEU B 211 -4.93 4.43 -23.89
N PRO B 212 -6.05 3.73 -23.61
CA PRO B 212 -7.27 3.92 -24.36
C PRO B 212 -7.97 5.18 -23.88
N ILE B 213 -8.27 6.11 -24.77
CA ILE B 213 -8.94 7.39 -24.39
C ILE B 213 -10.24 7.53 -25.18
N THR B 214 -11.27 8.07 -24.56
CA THR B 214 -12.49 8.52 -25.25
C THR B 214 -12.70 10.00 -24.94
N ILE B 215 -12.88 10.82 -25.96
CA ILE B 215 -13.28 12.25 -25.74
C ILE B 215 -14.81 12.34 -25.82
N ASP B 216 -15.48 12.59 -24.69
CA ASP B 216 -16.97 12.79 -24.67
C ASP B 216 -17.29 14.28 -24.87
N VAL B 217 -17.93 14.62 -25.98
CA VAL B 217 -18.36 16.02 -26.27
C VAL B 217 -19.89 16.04 -26.43
N GLY B 218 -20.55 14.95 -26.05
CA GLY B 218 -21.96 14.71 -26.37
C GLY B 218 -22.13 13.67 -27.47
N THR B 219 -23.38 13.45 -27.89
CA THR B 219 -23.76 12.49 -28.93
C THR B 219 -25.07 13.00 -29.52
N ASN B 220 -25.36 12.68 -30.80
CA ASN B 220 -26.61 13.08 -31.50
C ASN B 220 -27.61 11.90 -31.52
N ASN B 221 -27.13 10.69 -31.26
CA ASN B 221 -27.95 9.45 -31.10
C ASN B 221 -29.06 9.70 -30.04
N GLU B 222 -30.28 9.99 -30.49
CA GLU B 222 -31.45 10.33 -29.64
C GLU B 222 -31.85 9.12 -28.77
N LYS B 223 -31.69 7.89 -29.28
CA LYS B 223 -31.92 6.64 -28.50
C LYS B 223 -31.03 6.62 -27.24
N LEU B 224 -29.77 7.05 -27.36
CA LEU B 224 -28.80 7.02 -26.23
C LEU B 224 -29.02 8.20 -25.30
N LEU B 225 -29.45 9.37 -25.80
CA LEU B 225 -29.79 10.53 -24.94
C LEU B 225 -30.94 10.15 -24.00
N ASN B 226 -31.86 9.31 -24.43
CA ASN B 226 -33.09 8.95 -23.68
C ASN B 226 -32.90 7.61 -22.97
N ASP B 227 -31.83 6.87 -23.26
CA ASP B 227 -31.49 5.59 -22.57
C ASP B 227 -30.92 5.98 -21.20
N GLU B 228 -31.43 5.37 -20.13
CA GLU B 228 -31.09 5.73 -18.72
C GLU B 228 -29.78 5.04 -18.31
N PHE B 229 -29.19 4.17 -19.12
CA PHE B 229 -27.85 3.56 -18.83
C PHE B 229 -26.71 4.19 -19.65
N TYR B 230 -27.00 5.22 -20.44
CA TYR B 230 -25.96 5.89 -21.26
C TYR B 230 -25.00 6.50 -20.24
N ILE B 231 -23.71 6.28 -20.45
CA ILE B 231 -22.61 6.63 -19.51
C ILE B 231 -22.04 8.01 -19.87
N GLY B 232 -22.50 8.65 -20.94
CA GLY B 232 -21.96 9.96 -21.36
C GLY B 232 -22.78 11.16 -20.91
N LEU B 233 -22.36 12.36 -21.30
CA LEU B 233 -23.09 13.62 -21.10
C LEU B 233 -24.41 13.54 -21.87
N ARG B 234 -25.54 13.75 -21.18
CA ARG B 234 -26.88 13.83 -21.84
C ARG B 234 -27.04 15.16 -22.59
N GLN B 235 -26.25 15.38 -23.65
CA GLN B 235 -26.35 16.58 -24.53
C GLN B 235 -25.90 16.23 -25.94
N LYS B 236 -26.35 17.01 -26.93
CA LYS B 236 -25.99 16.78 -28.34
C LYS B 236 -24.57 17.30 -28.53
N ARG B 237 -23.86 16.83 -29.56
CA ARG B 237 -22.40 17.09 -29.75
C ARG B 237 -22.16 18.60 -29.83
N ALA B 238 -21.14 19.07 -29.11
CA ALA B 238 -20.55 20.41 -29.28
C ALA B 238 -19.88 20.50 -30.66
N THR B 239 -20.07 21.66 -31.32
CA THR B 239 -19.60 21.97 -32.69
C THR B 239 -18.57 23.10 -32.67
N GLY B 240 -17.82 23.27 -33.76
CA GLY B 240 -16.91 24.40 -34.02
C GLY B 240 -16.05 24.76 -32.81
N GLU B 241 -16.04 26.05 -32.46
CA GLU B 241 -15.39 26.70 -31.28
C GLU B 241 -15.17 25.70 -30.12
N GLU B 242 -16.28 25.29 -29.50
CA GLU B 242 -16.28 24.56 -28.21
C GLU B 242 -15.56 23.21 -28.40
N TYR B 243 -15.88 22.46 -29.46
CA TYR B 243 -15.23 21.19 -29.81
C TYR B 243 -13.73 21.42 -29.92
N ASP B 244 -13.34 22.34 -30.80
CA ASP B 244 -11.93 22.55 -31.21
C ASP B 244 -11.04 22.74 -29.99
N GLU B 245 -11.48 23.60 -29.06
CA GLU B 245 -10.75 23.97 -27.82
C GLU B 245 -10.34 22.74 -27.03
N LEU B 246 -11.30 21.84 -26.82
CA LEU B 246 -11.05 20.60 -26.05
C LEU B 246 -9.97 19.82 -26.77
N ILE B 247 -10.10 19.67 -28.09
CA ILE B 247 -9.14 18.84 -28.87
C ILE B 247 -7.73 19.43 -28.73
N GLU B 248 -7.58 20.74 -28.94
CA GLU B 248 -6.23 21.33 -29.05
C GLU B 248 -5.63 21.42 -27.65
N GLU B 249 -6.48 21.42 -26.63
CA GLU B 249 -6.02 21.36 -25.21
C GLU B 249 -5.59 19.92 -24.90
N PHE B 250 -6.36 18.94 -25.40
CA PHE B 250 -6.04 17.49 -25.30
C PHE B 250 -4.67 17.29 -25.93
N MET B 251 -4.50 17.79 -27.16
CA MET B 251 -3.29 17.57 -28.00
C MET B 251 -2.10 18.28 -27.33
N SER B 252 -2.33 19.48 -26.79
CA SER B 252 -1.35 20.17 -25.92
C SER B 252 -0.90 19.23 -24.80
N ALA B 253 -1.88 18.81 -23.99
CA ALA B 253 -1.69 18.13 -22.70
C ALA B 253 -0.95 16.80 -22.88
N VAL B 254 -1.28 16.09 -23.95
CA VAL B 254 -0.70 14.76 -24.25
C VAL B 254 0.80 14.99 -24.47
N LYS B 255 1.12 16.05 -25.21
CA LYS B 255 2.51 16.32 -25.67
C LYS B 255 3.37 16.68 -24.46
N GLN B 256 2.85 17.54 -23.56
CA GLN B 256 3.57 18.01 -22.34
C GLN B 256 3.84 16.80 -21.44
N PHE B 257 2.86 15.91 -21.28
CA PHE B 257 2.97 14.77 -20.33
C PHE B 257 3.84 13.66 -20.94
N TYR B 258 3.56 13.23 -22.17
CA TYR B 258 4.10 11.96 -22.73
C TYR B 258 5.24 12.23 -23.72
N GLY B 259 5.38 13.49 -24.15
CA GLY B 259 6.42 13.91 -25.11
C GLY B 259 5.90 13.87 -26.52
N GLU B 260 6.78 13.99 -27.51
CA GLU B 260 6.38 14.04 -28.93
C GLU B 260 6.43 12.63 -29.55
N LYS B 261 7.37 11.76 -29.17
CA LYS B 261 7.46 10.36 -29.69
C LYS B 261 6.25 9.47 -29.27
N VAL B 262 5.24 10.00 -28.60
CA VAL B 262 4.01 9.21 -28.30
C VAL B 262 3.10 9.18 -29.54
N LEU B 263 2.79 7.95 -29.96
CA LEU B 263 1.87 7.65 -31.08
C LEU B 263 0.44 7.97 -30.63
N ILE B 264 -0.26 8.82 -31.38
CA ILE B 264 -1.69 9.16 -31.17
C ILE B 264 -2.46 8.57 -32.36
N GLN B 265 -3.11 7.41 -32.17
CA GLN B 265 -3.96 6.73 -33.19
C GLN B 265 -5.40 7.17 -33.02
N PHE B 266 -5.87 8.02 -33.93
CA PHE B 266 -7.29 8.45 -34.03
C PHE B 266 -8.13 7.30 -34.61
N GLU B 267 -9.32 7.08 -34.04
CA GLU B 267 -10.26 6.00 -34.42
C GLU B 267 -11.66 6.60 -34.55
N ASP B 268 -12.33 6.34 -35.67
CA ASP B 268 -13.79 6.49 -35.82
C ASP B 268 -14.22 7.93 -35.52
N PHE B 269 -13.54 8.94 -36.09
CA PHE B 269 -14.06 10.32 -36.17
C PHE B 269 -14.81 10.43 -37.52
N ALA B 270 -15.64 11.48 -37.68
CA ALA B 270 -16.32 11.86 -38.95
C ALA B 270 -15.27 12.32 -39.97
N ASN B 271 -15.60 12.32 -41.26
CA ASN B 271 -14.69 12.81 -42.34
C ASN B 271 -14.14 14.18 -41.93
N HIS B 272 -14.98 15.19 -41.96
CA HIS B 272 -14.66 16.61 -41.67
C HIS B 272 -13.51 16.66 -40.64
N ASN B 273 -13.75 16.14 -39.44
CA ASN B 273 -12.79 16.24 -38.30
C ASN B 273 -11.53 15.39 -38.57
N ALA B 274 -11.67 14.09 -38.89
CA ALA B 274 -10.54 13.13 -39.01
C ALA B 274 -9.41 13.67 -39.88
N PHE B 275 -9.75 14.53 -40.86
CA PHE B 275 -8.82 15.20 -41.81
C PHE B 275 -8.15 16.41 -41.14
N ASP B 276 -8.89 17.36 -40.56
CA ASP B 276 -8.26 18.54 -39.87
C ASP B 276 -7.27 18.07 -38.81
N LEU B 277 -7.51 16.92 -38.16
CA LEU B 277 -6.63 16.38 -37.08
C LEU B 277 -5.33 15.86 -37.69
N LEU B 278 -5.38 15.22 -38.85
CA LEU B 278 -4.16 14.74 -39.57
C LEU B 278 -3.41 15.94 -40.19
N GLU B 279 -4.16 16.96 -40.64
CA GLU B 279 -3.61 18.21 -41.23
C GLU B 279 -2.86 19.02 -40.15
N LYS B 280 -3.59 19.51 -39.14
CA LYS B 280 -3.05 20.40 -38.07
C LYS B 280 -1.91 19.75 -37.25
N TYR B 281 -1.97 18.45 -36.94
CA TYR B 281 -1.05 17.85 -35.92
C TYR B 281 0.01 16.96 -36.57
N SER B 282 0.19 17.01 -37.89
CA SER B 282 1.26 16.28 -38.62
C SER B 282 2.63 16.82 -38.22
N LYS B 283 2.73 18.14 -38.00
CA LYS B 283 3.99 18.84 -37.65
C LYS B 283 4.34 18.54 -36.19
N SER B 284 3.44 18.93 -35.28
CA SER B 284 3.68 18.98 -33.81
C SER B 284 3.75 17.55 -33.22
N HIS B 285 3.02 16.57 -33.79
CA HIS B 285 2.78 15.24 -33.16
C HIS B 285 3.08 14.08 -34.13
N LEU B 286 3.18 12.89 -33.57
CA LEU B 286 3.23 11.63 -34.34
C LEU B 286 1.79 11.07 -34.38
N VAL B 287 0.99 11.56 -35.33
CA VAL B 287 -0.47 11.26 -35.44
C VAL B 287 -0.68 10.27 -36.60
N PHE B 288 -1.67 9.39 -36.49
CA PHE B 288 -1.97 8.28 -37.43
C PHE B 288 -3.47 8.03 -37.36
N ASN B 289 -4.17 7.76 -38.45
CA ASN B 289 -5.66 7.60 -38.45
C ASN B 289 -6.00 6.21 -39.01
N ASP B 290 -6.56 5.32 -38.21
CA ASP B 290 -6.74 3.90 -38.60
C ASP B 290 -7.70 3.81 -39.81
N ASP B 291 -8.71 4.69 -39.85
CA ASP B 291 -9.77 4.69 -40.90
C ASP B 291 -9.18 5.15 -42.23
N ILE B 292 -8.40 6.24 -42.24
CA ILE B 292 -7.84 6.83 -43.49
C ILE B 292 -6.60 6.02 -43.88
N GLN B 293 -5.56 6.08 -43.05
CA GLN B 293 -4.21 5.56 -43.34
C GLN B 293 -4.14 4.04 -43.12
N GLY B 294 -4.72 3.51 -42.03
CA GLY B 294 -4.55 2.09 -41.67
C GLY B 294 -5.24 1.17 -42.65
N THR B 295 -6.47 1.54 -43.03
CA THR B 295 -7.33 0.78 -43.96
C THR B 295 -6.71 0.88 -45.36
N ALA B 296 -6.42 2.11 -45.82
CA ALA B 296 -5.69 2.36 -47.09
C ALA B 296 -4.53 1.36 -47.19
N SER B 297 -3.77 1.22 -46.12
CA SER B 297 -2.54 0.41 -46.07
C SER B 297 -2.87 -1.06 -46.36
N VAL B 298 -3.85 -1.63 -45.66
CA VAL B 298 -4.14 -3.09 -45.73
C VAL B 298 -4.83 -3.44 -47.06
N VAL B 299 -5.61 -2.49 -47.58
CA VAL B 299 -6.30 -2.64 -48.88
C VAL B 299 -5.23 -2.72 -49.97
N LEU B 300 -4.31 -1.77 -50.01
CA LEU B 300 -3.22 -1.75 -51.01
C LEU B 300 -2.47 -3.08 -50.93
N ALA B 301 -2.22 -3.60 -49.73
CA ALA B 301 -1.53 -4.90 -49.51
C ALA B 301 -2.38 -6.03 -50.08
N GLY B 302 -3.69 -5.96 -49.89
CA GLY B 302 -4.63 -6.93 -50.47
C GLY B 302 -4.57 -6.93 -51.97
N LEU B 303 -4.65 -5.75 -52.58
CA LEU B 303 -4.53 -5.58 -54.05
C LEU B 303 -3.24 -6.22 -54.53
N LEU B 304 -2.07 -5.89 -53.95
CA LEU B 304 -0.75 -6.45 -54.38
C LEU B 304 -0.77 -7.98 -54.25
N ALA B 305 -1.44 -8.49 -53.22
CA ALA B 305 -1.53 -9.94 -52.91
C ALA B 305 -2.46 -10.60 -53.93
N ALA B 306 -3.52 -9.88 -54.33
CA ALA B 306 -4.53 -10.31 -55.32
C ALA B 306 -3.84 -10.50 -56.66
N LEU B 307 -2.99 -9.54 -57.04
CA LEU B 307 -2.35 -9.46 -58.37
C LEU B 307 -1.28 -10.53 -58.49
N LYS B 308 -0.88 -11.16 -57.39
CA LYS B 308 -0.04 -12.38 -57.43
C LYS B 308 -0.90 -13.60 -57.74
N MET B 309 -2.16 -13.65 -57.30
CA MET B 309 -3.02 -14.82 -57.61
C MET B 309 -3.49 -14.75 -59.07
N VAL B 310 -3.92 -13.57 -59.54
CA VAL B 310 -4.66 -13.33 -60.82
C VAL B 310 -3.70 -12.78 -61.89
N GLY B 311 -2.62 -12.10 -61.50
CA GLY B 311 -1.65 -11.48 -62.42
C GLY B 311 -1.95 -10.02 -62.71
N GLY B 312 -0.90 -9.24 -63.01
CA GLY B 312 -0.96 -7.85 -63.51
C GLY B 312 -0.40 -6.86 -62.51
N THR B 313 -0.60 -5.57 -62.77
CA THR B 313 -0.05 -4.43 -62.02
C THR B 313 -1.20 -3.57 -61.53
N LEU B 314 -0.95 -2.66 -60.60
CA LEU B 314 -1.98 -1.69 -60.11
C LEU B 314 -2.36 -0.80 -61.29
N ALA B 315 -1.37 -0.40 -62.08
CA ALA B 315 -1.52 0.57 -63.20
C ALA B 315 -2.72 0.15 -64.06
N GLU B 316 -2.70 -1.11 -64.55
CA GLU B 316 -3.63 -1.62 -65.59
C GLU B 316 -5.07 -1.75 -65.09
N GLN B 317 -5.30 -1.93 -63.78
CA GLN B 317 -6.64 -2.22 -63.21
C GLN B 317 -7.50 -0.94 -63.26
N THR B 318 -8.82 -1.08 -63.25
CA THR B 318 -9.80 0.04 -63.07
C THR B 318 -10.61 -0.17 -61.79
N TYR B 319 -10.66 0.86 -60.92
CA TYR B 319 -11.17 0.83 -59.52
C TYR B 319 -12.51 1.56 -59.43
N LEU B 320 -13.53 0.87 -58.91
CA LEU B 320 -14.82 1.48 -58.50
C LEU B 320 -15.06 1.28 -56.99
N PHE B 321 -15.26 2.40 -56.28
CA PHE B 321 -15.62 2.51 -54.85
C PHE B 321 -17.11 2.86 -54.68
N LEU B 322 -17.79 2.12 -53.80
CA LEU B 322 -19.00 2.65 -53.14
C LEU B 322 -18.56 3.26 -51.80
N GLY B 323 -18.87 4.55 -51.60
CA GLY B 323 -18.57 5.30 -50.37
C GLY B 323 -17.31 6.16 -50.48
N ALA B 324 -17.49 7.48 -50.52
CA ALA B 324 -16.43 8.50 -50.70
C ALA B 324 -16.14 9.22 -49.38
N GLY B 325 -15.85 8.47 -48.32
CA GLY B 325 -15.58 9.05 -47.01
C GLY B 325 -14.08 9.09 -46.72
N GLU B 326 -13.74 8.89 -45.45
CA GLU B 326 -12.34 8.71 -44.96
C GLU B 326 -11.72 7.55 -45.74
N ALA B 327 -12.17 6.33 -45.50
CA ALA B 327 -11.56 5.10 -46.08
C ALA B 327 -11.67 5.18 -47.60
N GLY B 328 -12.80 5.64 -48.15
CA GLY B 328 -12.97 5.83 -49.60
C GLY B 328 -11.79 6.56 -50.22
N THR B 329 -11.74 7.88 -50.05
CA THR B 329 -10.71 8.77 -50.65
C THR B 329 -9.33 8.34 -50.14
N GLY B 330 -9.21 7.99 -48.87
CA GLY B 330 -7.96 7.52 -48.22
C GLY B 330 -7.34 6.33 -48.93
N ILE B 331 -8.11 5.27 -49.14
CA ILE B 331 -7.62 4.06 -49.87
C ILE B 331 -7.22 4.50 -51.28
N ALA B 332 -8.09 5.25 -51.95
CA ALA B 332 -7.89 5.69 -53.36
C ALA B 332 -6.57 6.44 -53.49
N GLU B 333 -6.32 7.41 -52.62
CA GLU B 333 -5.11 8.25 -52.68
C GLU B 333 -3.86 7.38 -52.49
N LEU B 334 -3.89 6.37 -51.64
CA LEU B 334 -2.73 5.50 -51.39
C LEU B 334 -2.54 4.57 -52.60
N ILE B 335 -3.60 4.29 -53.35
CA ILE B 335 -3.50 3.42 -54.55
C ILE B 335 -2.80 4.22 -55.65
N ALA B 336 -3.31 5.41 -55.95
CA ALA B 336 -2.78 6.36 -56.95
C ALA B 336 -1.30 6.63 -56.65
N LEU B 337 -0.95 6.83 -55.38
CA LEU B 337 0.46 7.04 -54.96
C LEU B 337 1.28 5.81 -55.35
N GLU B 338 0.84 4.59 -55.00
CA GLU B 338 1.63 3.37 -55.29
C GLU B 338 1.84 3.24 -56.80
N ILE B 339 0.84 3.65 -57.60
CA ILE B 339 0.90 3.70 -59.10
C ILE B 339 1.99 4.69 -59.52
N SER B 340 1.94 5.90 -59.00
CA SER B 340 2.94 6.98 -59.27
C SER B 340 4.36 6.46 -58.97
N LYS B 341 4.56 5.66 -57.92
CA LYS B 341 5.92 5.17 -57.56
C LYS B 341 6.30 4.02 -58.50
N GLN B 342 5.33 3.35 -59.12
CA GLN B 342 5.59 2.18 -59.98
C GLN B 342 5.74 2.60 -61.46
N THR B 343 5.10 3.71 -61.84
CA THR B 343 5.05 4.20 -63.25
C THR B 343 5.90 5.47 -63.41
N ASN B 344 6.10 6.23 -62.34
CA ASN B 344 6.82 7.53 -62.33
C ASN B 344 5.91 8.59 -62.96
N ALA B 345 4.61 8.33 -63.08
CA ALA B 345 3.67 9.35 -63.57
C ALA B 345 3.34 10.34 -62.44
N PRO B 346 2.91 11.58 -62.78
CA PRO B 346 2.33 12.50 -61.78
C PRO B 346 1.08 11.90 -61.14
N ILE B 347 0.82 12.24 -59.88
CA ILE B 347 -0.30 11.67 -59.09
C ILE B 347 -1.61 11.91 -59.85
N GLU B 348 -1.83 13.13 -60.38
CA GLU B 348 -3.09 13.58 -61.03
C GLU B 348 -3.39 12.71 -62.27
N GLU B 349 -2.41 11.96 -62.73
CA GLU B 349 -2.50 11.06 -63.89
C GLU B 349 -2.85 9.66 -63.40
N CYS B 350 -2.47 9.31 -62.17
CA CYS B 350 -2.67 7.95 -61.58
C CYS B 350 -4.09 7.78 -61.05
N ARG B 351 -4.85 8.87 -60.92
CA ARG B 351 -6.28 8.85 -60.51
C ARG B 351 -7.23 8.68 -61.70
N LYS B 352 -6.77 8.75 -62.95
CA LYS B 352 -7.63 8.58 -64.16
C LYS B 352 -8.44 7.28 -64.09
N LYS B 353 -7.87 6.20 -63.54
CA LYS B 353 -8.41 4.81 -63.47
C LYS B 353 -9.30 4.54 -62.24
N VAL B 354 -9.48 5.52 -61.35
CA VAL B 354 -10.09 5.37 -60.00
C VAL B 354 -11.34 6.25 -59.91
N TRP B 355 -12.49 5.61 -59.70
CA TRP B 355 -13.84 6.21 -59.69
C TRP B 355 -14.53 5.88 -58.37
N LEU B 356 -15.13 6.89 -57.72
CA LEU B 356 -15.90 6.73 -56.47
C LEU B 356 -17.37 7.10 -56.71
N VAL B 357 -18.28 6.34 -56.09
CA VAL B 357 -19.75 6.55 -56.11
C VAL B 357 -20.22 6.80 -54.68
N ASP B 358 -20.83 7.97 -54.49
CA ASP B 358 -21.40 8.41 -53.19
C ASP B 358 -22.93 8.24 -53.24
N SER B 359 -23.60 8.79 -52.22
CA SER B 359 -25.07 8.90 -52.04
C SER B 359 -25.75 9.45 -53.30
N LYS B 360 -25.16 10.46 -53.95
CA LYS B 360 -25.76 11.20 -55.08
C LYS B 360 -25.47 10.48 -56.42
N GLY B 361 -24.56 9.48 -56.40
CA GLY B 361 -24.16 8.69 -57.60
C GLY B 361 -22.66 8.82 -57.90
N LEU B 362 -22.29 8.61 -59.16
CA LEU B 362 -20.87 8.66 -59.64
C LEU B 362 -20.36 10.09 -59.51
N ILE B 363 -19.21 10.26 -58.87
CA ILE B 363 -18.50 11.57 -58.75
C ILE B 363 -17.91 11.89 -60.13
N VAL B 364 -18.43 12.97 -60.71
CA VAL B 364 -18.07 13.48 -62.06
C VAL B 364 -17.79 14.99 -61.94
N ASP B 365 -16.99 15.53 -62.85
CA ASP B 365 -16.56 16.96 -62.83
C ASP B 365 -17.78 17.87 -63.07
N SER B 366 -18.74 17.39 -63.87
CA SER B 366 -19.96 18.09 -64.37
C SER B 366 -20.69 18.77 -63.22
N ARG B 367 -20.55 18.26 -61.98
CA ARG B 367 -21.33 18.77 -60.80
C ARG B 367 -20.39 19.48 -59.81
N LYS B 368 -19.26 20.03 -60.27
CA LYS B 368 -18.27 20.78 -59.43
C LYS B 368 -18.80 22.15 -58.97
N GLY B 369 -19.87 22.67 -59.61
CA GLY B 369 -20.56 23.93 -59.25
C GLY B 369 -21.28 23.86 -57.90
N SER B 370 -21.15 22.73 -57.17
CA SER B 370 -21.48 22.58 -55.72
C SER B 370 -20.96 21.23 -55.21
N LEU B 371 -19.65 21.02 -55.29
CA LEU B 371 -18.96 19.78 -54.85
C LEU B 371 -18.28 20.01 -53.51
N GLN B 372 -18.00 18.94 -52.75
CA GLN B 372 -17.18 19.04 -51.51
C GLN B 372 -15.71 19.05 -51.98
N PRO B 373 -14.79 19.80 -51.31
CA PRO B 373 -13.43 19.99 -51.83
C PRO B 373 -12.63 18.68 -51.97
N PHE B 374 -12.67 17.77 -50.98
CA PHE B 374 -11.77 16.58 -50.93
C PHE B 374 -12.24 15.47 -51.88
N LYS B 375 -13.26 15.75 -52.69
CA LYS B 375 -13.83 14.82 -53.72
C LYS B 375 -13.36 15.22 -55.14
N LYS B 376 -13.05 16.50 -55.34
CA LYS B 376 -12.71 17.11 -56.66
C LYS B 376 -11.59 16.32 -57.34
N PRO B 377 -10.53 15.86 -56.64
CA PRO B 377 -9.51 15.03 -57.27
C PRO B 377 -9.98 13.71 -57.89
N TRP B 378 -11.22 13.30 -57.64
CA TRP B 378 -11.76 12.03 -58.18
C TRP B 378 -12.86 12.31 -59.22
N ALA B 379 -13.20 13.58 -59.39
CA ALA B 379 -14.23 14.12 -60.32
C ALA B 379 -13.69 14.13 -61.75
N HIS B 380 -13.48 12.95 -62.34
CA HIS B 380 -13.02 12.79 -63.74
C HIS B 380 -14.16 13.21 -64.68
N GLU B 381 -14.01 12.82 -65.95
CA GLU B 381 -14.80 13.19 -67.15
C GLU B 381 -15.81 12.08 -67.45
N HIS B 382 -17.11 12.36 -67.34
CA HIS B 382 -18.26 11.41 -67.45
C HIS B 382 -19.52 12.22 -67.15
N GLU B 383 -20.70 11.78 -67.58
CA GLU B 383 -21.93 12.58 -67.30
C GLU B 383 -22.70 11.79 -66.22
N PRO B 384 -23.40 12.47 -65.28
CA PRO B 384 -23.94 11.86 -64.06
C PRO B 384 -24.57 10.48 -64.30
N LEU B 385 -24.12 9.48 -63.54
CA LEU B 385 -24.78 8.15 -63.40
C LEU B 385 -25.34 8.02 -61.97
N LYS B 386 -26.50 7.37 -61.82
CA LYS B 386 -27.39 7.51 -60.63
C LYS B 386 -27.03 6.45 -59.59
N THR B 387 -26.91 5.19 -59.99
CA THR B 387 -26.76 4.05 -59.06
C THR B 387 -25.43 3.35 -59.28
N LEU B 388 -24.95 2.61 -58.27
CA LEU B 388 -23.72 1.79 -58.35
C LEU B 388 -23.87 0.83 -59.52
N TYR B 389 -25.05 0.25 -59.71
CA TYR B 389 -25.26 -0.69 -60.84
C TYR B 389 -24.94 -0.04 -62.18
N ASP B 390 -25.34 1.22 -62.36
CA ASP B 390 -25.11 1.97 -63.63
C ASP B 390 -23.61 2.19 -63.82
N ALA B 391 -22.95 2.68 -62.77
CA ALA B 391 -21.49 2.86 -62.75
C ALA B 391 -20.82 1.52 -63.06
N VAL B 392 -21.18 0.42 -62.39
CA VAL B 392 -20.41 -0.86 -62.53
C VAL B 392 -20.42 -1.20 -64.01
N GLN B 393 -21.54 -0.95 -64.69
CA GLN B 393 -21.75 -1.40 -66.09
C GLN B 393 -20.98 -0.45 -67.04
N SER B 394 -20.97 0.86 -66.77
CA SER B 394 -20.33 1.90 -67.62
C SER B 394 -18.81 1.85 -67.44
N ILE B 395 -18.32 1.94 -66.20
CA ILE B 395 -16.86 2.01 -65.87
C ILE B 395 -16.19 0.65 -66.13
N LYS B 396 -16.94 -0.44 -66.00
CA LYS B 396 -16.42 -1.77 -66.37
C LYS B 396 -15.21 -2.10 -65.51
N PRO B 397 -15.26 -1.90 -64.17
CA PRO B 397 -14.06 -1.99 -63.34
C PRO B 397 -13.46 -3.40 -63.19
N THR B 398 -12.18 -3.45 -62.82
CA THR B 398 -11.37 -4.65 -62.48
C THR B 398 -11.48 -4.96 -60.99
N VAL B 399 -11.69 -3.88 -60.21
CA VAL B 399 -11.68 -3.87 -58.73
C VAL B 399 -12.86 -3.07 -58.22
N LEU B 400 -13.70 -3.74 -57.41
CA LEU B 400 -14.89 -3.16 -56.76
C LEU B 400 -14.67 -3.18 -55.25
N ILE B 401 -14.52 -1.99 -54.66
CA ILE B 401 -14.25 -1.79 -53.20
C ILE B 401 -15.45 -1.06 -52.58
N GLY B 402 -15.99 -1.61 -51.50
CA GLY B 402 -17.12 -1.04 -50.77
C GLY B 402 -16.68 -0.47 -49.43
N THR B 403 -16.87 0.83 -49.26
CA THR B 403 -16.61 1.55 -47.99
C THR B 403 -17.86 2.39 -47.66
N SER B 404 -19.06 1.83 -47.81
CA SER B 404 -20.35 2.57 -47.80
C SER B 404 -20.88 2.72 -46.39
N GLY B 405 -20.55 1.76 -45.52
CA GLY B 405 -21.19 1.56 -44.20
C GLY B 405 -22.58 0.95 -44.30
N VAL B 406 -22.94 0.43 -45.48
CA VAL B 406 -24.31 -0.08 -45.79
C VAL B 406 -24.20 -1.52 -46.25
N GLY B 407 -24.95 -2.40 -45.60
CA GLY B 407 -24.89 -3.85 -45.87
C GLY B 407 -25.62 -4.17 -47.15
N ARG B 408 -25.17 -5.25 -47.81
CA ARG B 408 -25.90 -5.93 -48.91
C ARG B 408 -26.20 -4.91 -50.05
N THR B 409 -25.25 -4.01 -50.33
CA THR B 409 -25.30 -3.03 -51.48
C THR B 409 -24.56 -3.59 -52.70
N PHE B 410 -23.69 -4.59 -52.47
CA PHE B 410 -23.11 -5.50 -53.50
C PHE B 410 -24.10 -6.64 -53.71
N THR B 411 -25.03 -6.41 -54.66
CA THR B 411 -26.22 -7.23 -55.00
C THR B 411 -25.77 -8.34 -55.96
N LYS B 412 -26.64 -9.32 -56.21
CA LYS B 412 -26.44 -10.43 -57.18
C LYS B 412 -26.16 -9.83 -58.56
N GLU B 413 -26.95 -8.84 -59.01
CA GLU B 413 -26.78 -8.11 -60.31
C GLU B 413 -25.38 -7.52 -60.45
N ILE B 414 -24.89 -6.93 -59.36
CA ILE B 414 -23.57 -6.24 -59.32
C ILE B 414 -22.45 -7.29 -59.36
N ILE B 415 -22.45 -8.28 -58.48
CA ILE B 415 -21.43 -9.38 -58.46
C ILE B 415 -21.49 -10.14 -59.79
N GLU B 416 -22.69 -10.38 -60.32
CA GLU B 416 -22.87 -11.13 -61.59
C GLU B 416 -22.30 -10.29 -62.73
N ALA B 417 -22.64 -9.00 -62.81
CA ALA B 417 -22.09 -8.03 -63.79
C ALA B 417 -20.58 -8.09 -63.74
N MET B 418 -19.98 -7.96 -62.56
CA MET B 418 -18.50 -7.98 -62.35
C MET B 418 -17.90 -9.32 -62.77
N SER B 419 -18.62 -10.44 -62.60
CA SER B 419 -18.15 -11.82 -62.91
C SER B 419 -18.23 -12.06 -64.42
N SER B 420 -19.03 -11.25 -65.11
CA SER B 420 -19.36 -11.38 -66.56
C SER B 420 -18.23 -10.84 -67.45
N PHE B 421 -17.63 -9.69 -67.11
CA PHE B 421 -16.61 -9.01 -67.93
C PHE B 421 -15.20 -9.31 -67.43
N ASN B 422 -14.98 -9.45 -66.13
CA ASN B 422 -13.72 -9.97 -65.55
C ASN B 422 -13.83 -11.48 -65.41
N GLU B 423 -12.71 -12.19 -65.59
CA GLU B 423 -12.68 -13.67 -65.38
C GLU B 423 -12.48 -13.95 -63.90
N ARG B 424 -11.70 -13.13 -63.18
CA ARG B 424 -11.52 -13.23 -61.70
C ARG B 424 -11.67 -11.84 -61.09
N PRO B 425 -12.91 -11.32 -60.88
CA PRO B 425 -13.10 -9.95 -60.37
C PRO B 425 -12.69 -9.77 -58.89
N ILE B 426 -11.96 -8.70 -58.59
CA ILE B 426 -11.53 -8.33 -57.22
C ILE B 426 -12.67 -7.57 -56.55
N ILE B 427 -13.32 -8.22 -55.57
CA ILE B 427 -14.39 -7.62 -54.72
C ILE B 427 -13.87 -7.55 -53.28
N PHE B 428 -13.88 -6.31 -52.76
CA PHE B 428 -13.44 -5.91 -51.40
C PHE B 428 -14.64 -5.25 -50.70
N SER B 429 -15.20 -5.99 -49.74
CA SER B 429 -16.36 -5.59 -48.91
C SER B 429 -15.86 -5.17 -47.53
N LEU B 430 -15.55 -3.89 -47.37
CA LEU B 430 -14.70 -3.42 -46.24
C LEU B 430 -15.54 -3.06 -45.02
N SER B 431 -16.76 -2.56 -45.20
CA SER B 431 -17.61 -2.04 -44.09
C SER B 431 -17.76 -3.09 -42.97
N ASN B 432 -17.92 -2.61 -41.73
CA ASN B 432 -18.08 -3.40 -40.47
C ASN B 432 -19.24 -2.82 -39.65
N PRO B 433 -19.87 -3.63 -38.78
CA PRO B 433 -19.54 -5.03 -38.60
C PRO B 433 -20.22 -5.89 -39.69
N THR B 434 -20.32 -7.21 -39.49
CA THR B 434 -20.80 -8.22 -40.47
C THR B 434 -22.13 -7.76 -41.06
N SER B 435 -23.06 -7.30 -40.23
CA SER B 435 -24.40 -6.80 -40.62
C SER B 435 -24.32 -5.63 -41.62
N HIS B 436 -23.20 -4.89 -41.68
CA HIS B 436 -23.03 -3.78 -42.65
C HIS B 436 -22.11 -4.12 -43.83
N SER B 437 -21.55 -5.35 -43.87
CA SER B 437 -20.76 -5.89 -45.01
C SER B 437 -21.56 -5.67 -46.31
N GLU B 438 -20.94 -5.09 -47.34
CA GLU B 438 -21.57 -4.80 -48.67
C GLU B 438 -22.02 -6.11 -49.37
N CYS B 439 -21.34 -7.21 -49.10
CA CYS B 439 -21.85 -8.57 -49.38
C CYS B 439 -21.19 -9.53 -48.39
N THR B 440 -21.72 -10.75 -48.30
CA THR B 440 -21.15 -11.88 -47.54
C THR B 440 -20.09 -12.54 -48.41
N ALA B 441 -19.26 -13.40 -47.82
CA ALA B 441 -18.34 -14.31 -48.55
C ALA B 441 -19.16 -15.32 -49.37
N GLU B 442 -20.26 -15.86 -48.82
CA GLU B 442 -21.10 -16.81 -49.55
C GLU B 442 -21.68 -16.16 -50.80
N GLN B 443 -22.18 -14.93 -50.76
CA GLN B 443 -22.84 -14.25 -51.91
C GLN B 443 -21.84 -14.05 -53.05
N ALA B 444 -20.64 -13.55 -52.72
CA ALA B 444 -19.54 -13.18 -53.65
C ALA B 444 -19.05 -14.39 -54.43
N TYR B 445 -18.82 -15.53 -53.76
CA TYR B 445 -18.39 -16.82 -54.39
C TYR B 445 -19.54 -17.50 -55.16
N THR B 446 -20.78 -17.42 -54.69
CA THR B 446 -21.96 -18.00 -55.41
C THR B 446 -22.27 -17.16 -56.66
N TRP B 447 -22.48 -15.85 -56.52
CA TRP B 447 -22.94 -14.95 -57.62
C TRP B 447 -21.84 -14.71 -58.67
N SER B 448 -20.63 -15.20 -58.41
CA SER B 448 -19.47 -15.10 -59.33
C SER B 448 -19.01 -16.48 -59.80
N GLN B 449 -19.76 -17.53 -59.55
CA GLN B 449 -19.44 -18.95 -59.91
C GLN B 449 -18.01 -19.34 -59.44
N GLY B 450 -17.64 -18.93 -58.23
CA GLY B 450 -16.39 -19.33 -57.58
C GLY B 450 -15.16 -18.62 -58.13
N ARG B 451 -15.35 -17.51 -58.84
CA ARG B 451 -14.29 -16.91 -59.69
C ARG B 451 -13.78 -15.58 -59.07
N SER B 452 -14.48 -15.01 -58.10
CA SER B 452 -14.08 -13.73 -57.45
C SER B 452 -12.89 -13.96 -56.50
N ILE B 453 -12.01 -12.97 -56.45
CA ILE B 453 -11.00 -12.75 -55.39
C ILE B 453 -11.65 -11.80 -54.38
N PHE B 454 -12.06 -12.35 -53.25
CA PHE B 454 -12.90 -11.69 -52.21
C PHE B 454 -12.10 -11.50 -50.93
N ALA B 455 -12.29 -10.33 -50.33
CA ALA B 455 -11.88 -10.03 -48.94
C ALA B 455 -12.84 -8.98 -48.37
N SER B 456 -12.96 -8.95 -47.04
CA SER B 456 -13.95 -8.13 -46.28
C SER B 456 -13.37 -7.65 -44.97
N GLY B 457 -14.01 -6.64 -44.36
CA GLY B 457 -13.60 -6.06 -43.06
C GLY B 457 -13.83 -7.00 -41.88
N SER B 458 -14.98 -7.68 -41.87
CA SER B 458 -15.41 -8.54 -40.74
C SER B 458 -15.23 -10.00 -41.12
N PRO B 459 -14.90 -10.91 -40.18
CA PRO B 459 -14.56 -12.29 -40.54
C PRO B 459 -15.80 -13.04 -41.04
N PHE B 460 -15.62 -13.94 -42.02
CA PHE B 460 -16.63 -14.90 -42.57
C PHE B 460 -16.01 -16.30 -42.57
N ALA B 461 -16.79 -17.32 -42.22
CA ALA B 461 -16.28 -18.70 -42.21
C ALA B 461 -15.95 -19.09 -43.65
N PRO B 462 -15.11 -20.13 -43.84
CA PRO B 462 -14.86 -20.71 -45.15
C PRO B 462 -16.18 -20.99 -45.88
N VAL B 463 -16.18 -20.81 -47.20
CA VAL B 463 -17.36 -20.96 -48.12
C VAL B 463 -17.07 -22.18 -49.02
N GLU B 464 -18.02 -23.11 -49.16
CA GLU B 464 -17.88 -24.33 -50.00
C GLU B 464 -18.65 -24.16 -51.32
N TYR B 465 -18.05 -24.57 -52.44
CA TYR B 465 -18.59 -24.48 -53.84
C TYR B 465 -18.05 -25.66 -54.67
N GLU B 466 -18.91 -26.63 -54.95
CA GLU B 466 -18.62 -27.94 -55.61
C GLU B 466 -17.32 -28.56 -55.09
N GLY B 467 -17.26 -28.80 -53.78
CA GLY B 467 -16.28 -29.71 -53.15
C GLY B 467 -14.92 -29.06 -53.04
N LYS B 468 -14.91 -27.73 -53.15
CA LYS B 468 -13.70 -26.87 -52.93
C LYS B 468 -14.04 -25.85 -51.84
N THR B 469 -13.05 -25.54 -50.99
CA THR B 469 -13.13 -24.65 -49.79
C THR B 469 -12.47 -23.31 -50.12
N PHE B 470 -13.20 -22.20 -49.98
CA PHE B 470 -12.69 -20.81 -50.17
C PHE B 470 -12.62 -20.11 -48.81
N VAL B 471 -11.41 -19.71 -48.39
CA VAL B 471 -11.13 -18.98 -47.13
C VAL B 471 -10.99 -17.51 -47.47
N PRO B 472 -12.05 -16.68 -47.39
CA PRO B 472 -11.94 -15.29 -47.81
C PRO B 472 -10.99 -14.59 -46.84
N GLY B 473 -10.10 -13.73 -47.33
CA GLY B 473 -9.19 -12.99 -46.45
C GLY B 473 -9.94 -11.90 -45.72
N GLN B 474 -9.38 -11.46 -44.59
CA GLN B 474 -9.90 -10.32 -43.80
C GLN B 474 -9.03 -9.08 -44.07
N SER B 475 -9.56 -8.21 -44.92
CA SER B 475 -8.96 -6.92 -45.29
C SER B 475 -9.40 -5.90 -44.24
N ASN B 476 -8.81 -6.01 -43.05
CA ASN B 476 -9.06 -5.18 -41.84
C ASN B 476 -7.72 -4.63 -41.33
N ASN B 477 -7.70 -3.36 -40.90
CA ASN B 477 -6.44 -2.62 -40.62
C ASN B 477 -5.69 -3.26 -39.43
N ALA B 478 -6.27 -4.24 -38.75
CA ALA B 478 -5.65 -5.05 -37.67
C ALA B 478 -4.40 -5.82 -38.15
N TYR B 479 -4.28 -6.06 -39.45
CA TYR B 479 -3.08 -6.70 -40.07
C TYR B 479 -1.91 -5.70 -40.17
N ILE B 480 -2.20 -4.38 -40.16
CA ILE B 480 -1.26 -3.25 -40.46
C ILE B 480 -0.84 -2.54 -39.16
N PHE B 481 -1.78 -2.00 -38.37
CA PHE B 481 -1.48 -0.97 -37.33
C PHE B 481 -0.62 -1.60 -36.23
N PRO B 482 -0.80 -2.87 -35.81
CA PRO B 482 0.09 -3.50 -34.83
C PRO B 482 1.55 -3.45 -35.25
N GLY B 483 1.89 -3.89 -36.46
CA GLY B 483 3.24 -3.75 -37.02
C GLY B 483 3.68 -2.29 -37.23
N LEU B 484 2.81 -1.44 -37.79
CA LEU B 484 3.13 -0.02 -38.10
C LEU B 484 3.38 0.75 -36.81
N GLY B 485 2.59 0.50 -35.77
CA GLY B 485 2.79 1.12 -34.44
C GLY B 485 4.12 0.72 -33.83
N LEU B 486 4.39 -0.58 -33.70
CA LEU B 486 5.63 -1.16 -33.14
C LEU B 486 6.82 -0.53 -33.84
N GLY B 487 6.69 -0.37 -35.17
CA GLY B 487 7.75 0.24 -36.01
C GLY B 487 8.02 1.69 -35.64
N LEU B 488 6.98 2.53 -35.61
CA LEU B 488 7.11 3.96 -35.21
C LEU B 488 7.79 4.06 -33.83
N VAL B 489 7.44 3.15 -32.92
CA VAL B 489 7.99 3.15 -31.53
C VAL B 489 9.46 2.70 -31.59
N ILE B 490 9.78 1.49 -32.04
CA ILE B 490 11.15 0.89 -31.85
C ILE B 490 12.21 1.69 -32.63
N SER B 491 11.78 2.61 -33.52
CA SER B 491 12.64 3.48 -34.37
C SER B 491 12.66 4.88 -33.78
N GLY B 492 11.68 5.20 -32.94
CA GLY B 492 11.52 6.55 -32.39
C GLY B 492 11.13 7.55 -33.46
N ALA B 493 10.37 7.12 -34.46
CA ALA B 493 9.82 8.02 -35.50
C ALA B 493 9.05 9.17 -34.83
N VAL B 494 9.15 10.37 -35.37
CA VAL B 494 8.57 11.62 -34.81
C VAL B 494 7.44 12.09 -35.73
N ARG B 495 7.31 11.47 -36.90
CA ARG B 495 6.25 11.81 -37.88
C ARG B 495 5.84 10.56 -38.66
N VAL B 496 4.60 10.56 -39.16
CA VAL B 496 4.06 9.53 -40.09
C VAL B 496 4.15 10.09 -41.52
N HIS B 497 4.77 9.30 -42.41
CA HIS B 497 5.00 9.67 -43.83
C HIS B 497 4.23 8.69 -44.73
N GLU B 498 3.49 9.21 -45.71
CA GLU B 498 2.78 8.40 -46.72
C GLU B 498 3.67 7.23 -47.13
N ASP B 499 4.97 7.44 -47.25
CA ASP B 499 5.92 6.37 -47.68
C ASP B 499 5.95 5.19 -46.68
N MET B 500 5.53 5.38 -45.42
CA MET B 500 5.53 4.29 -44.38
C MET B 500 4.30 3.38 -44.56
N LEU B 501 3.16 3.99 -44.91
CA LEU B 501 1.95 3.25 -45.30
C LEU B 501 2.33 2.29 -46.41
N LEU B 502 3.09 2.75 -47.42
CA LEU B 502 3.47 1.92 -48.61
C LEU B 502 4.42 0.81 -48.15
N ALA B 503 5.38 1.16 -47.28
CA ALA B 503 6.41 0.24 -46.75
C ALA B 503 5.72 -0.94 -46.06
N ALA B 504 4.66 -0.61 -45.32
CA ALA B 504 3.80 -1.57 -44.58
C ALA B 504 3.06 -2.45 -45.59
N SER B 505 2.36 -1.81 -46.51
CA SER B 505 1.57 -2.48 -47.58
C SER B 505 2.45 -3.54 -48.24
N LYS B 506 3.63 -3.12 -48.68
CA LYS B 506 4.62 -4.03 -49.31
C LYS B 506 4.90 -5.19 -48.34
N ALA B 507 5.15 -4.90 -47.06
CA ALA B 507 5.67 -5.88 -46.09
C ALA B 507 4.64 -6.99 -45.88
N LEU B 508 3.36 -6.60 -45.81
CA LEU B 508 2.25 -7.53 -45.58
C LEU B 508 2.11 -8.41 -46.81
N ALA B 509 2.02 -7.75 -47.97
CA ALA B 509 1.84 -8.39 -49.29
C ALA B 509 2.94 -9.44 -49.48
N ASP B 510 4.16 -9.16 -49.00
CA ASP B 510 5.37 -10.00 -49.23
C ASP B 510 5.39 -11.14 -48.19
N GLN B 511 4.40 -11.20 -47.30
CA GLN B 511 4.17 -12.33 -46.37
C GLN B 511 3.16 -13.32 -46.98
N ALA B 512 2.42 -12.88 -48.00
CA ALA B 512 1.31 -13.64 -48.66
C ALA B 512 1.95 -14.68 -49.59
N THR B 513 1.90 -15.95 -49.23
CA THR B 513 2.51 -17.06 -50.00
C THR B 513 1.38 -17.80 -50.75
N GLN B 514 1.74 -18.88 -51.45
CA GLN B 514 0.75 -19.68 -52.22
C GLN B 514 -0.06 -20.54 -51.25
N ASP B 515 0.47 -20.85 -50.06
CA ASP B 515 -0.25 -21.66 -49.04
C ASP B 515 -1.61 -21.02 -48.78
N ASN B 516 -1.65 -19.69 -48.67
CA ASN B 516 -2.90 -18.95 -48.41
C ASN B 516 -3.57 -18.60 -49.72
N PHE B 517 -2.82 -18.36 -50.81
CA PHE B 517 -3.41 -18.11 -52.16
C PHE B 517 -4.18 -19.34 -52.68
N GLU B 518 -3.59 -20.53 -52.57
CA GLU B 518 -4.24 -21.84 -52.86
C GLU B 518 -5.69 -21.81 -52.37
N LYS B 519 -5.93 -21.49 -51.10
CA LYS B 519 -7.27 -21.50 -50.45
C LYS B 519 -8.08 -20.24 -50.76
N GLY B 520 -7.58 -19.33 -51.60
CA GLY B 520 -8.35 -18.16 -52.10
C GLY B 520 -8.19 -16.93 -51.21
N SER B 521 -7.20 -16.91 -50.30
CA SER B 521 -6.97 -15.84 -49.29
C SER B 521 -5.77 -14.98 -49.70
N ILE B 522 -6.00 -13.68 -49.81
CA ILE B 522 -4.94 -12.69 -50.15
C ILE B 522 -3.98 -12.53 -48.97
N PHE B 523 -4.37 -12.91 -47.75
CA PHE B 523 -3.52 -12.73 -46.55
C PHE B 523 -3.25 -14.06 -45.87
N PRO B 524 -2.15 -14.19 -45.14
CA PRO B 524 -1.90 -15.42 -44.39
C PRO B 524 -2.81 -15.42 -43.17
N PRO B 525 -3.03 -16.59 -42.52
CA PRO B 525 -3.96 -16.68 -41.41
C PRO B 525 -3.43 -15.82 -40.24
N PHE B 526 -4.29 -15.43 -39.29
CA PHE B 526 -3.91 -14.58 -38.12
C PHE B 526 -2.99 -15.37 -37.20
N THR B 527 -2.97 -16.69 -37.30
CA THR B 527 -2.02 -17.60 -36.62
C THR B 527 -0.55 -17.23 -36.89
N SER B 528 -0.26 -16.26 -37.76
CA SER B 528 1.12 -15.84 -38.16
C SER B 528 1.34 -14.34 -37.90
N ILE B 529 0.38 -13.65 -37.26
CA ILE B 529 0.35 -12.17 -37.11
C ILE B 529 1.58 -11.69 -36.34
N ARG B 530 2.22 -12.57 -35.56
CA ARG B 530 3.47 -12.18 -34.88
C ARG B 530 4.59 -12.06 -35.91
N LYS B 531 4.74 -13.04 -36.80
CA LYS B 531 5.70 -12.93 -37.94
C LYS B 531 5.34 -11.67 -38.76
N ILE B 532 4.08 -11.48 -39.18
CA ILE B 532 3.64 -10.34 -40.04
C ILE B 532 4.05 -8.99 -39.43
N SER B 533 3.78 -8.81 -38.14
CA SER B 533 3.93 -7.50 -37.43
C SER B 533 5.42 -7.14 -37.36
N ALA B 534 6.29 -8.13 -37.11
CA ALA B 534 7.77 -7.95 -37.04
C ALA B 534 8.29 -7.44 -38.39
N HIS B 535 7.90 -8.10 -39.48
CA HIS B 535 8.30 -7.72 -40.85
C HIS B 535 7.70 -6.37 -41.20
N ILE B 536 6.46 -6.06 -40.81
CA ILE B 536 5.88 -4.71 -41.08
C ILE B 536 6.68 -3.69 -40.24
N ALA B 537 6.96 -4.01 -38.99
CA ALA B 537 7.69 -3.08 -38.09
C ALA B 537 9.06 -2.75 -38.72
N ALA B 538 9.84 -3.79 -39.09
CA ALA B 538 11.20 -3.68 -39.67
C ALA B 538 11.14 -2.77 -40.89
N ALA B 539 10.14 -2.95 -41.77
CA ALA B 539 9.93 -2.12 -42.98
C ALA B 539 9.60 -0.67 -42.61
N VAL B 540 8.65 -0.43 -41.69
CA VAL B 540 8.18 0.94 -41.35
C VAL B 540 9.30 1.71 -40.63
N ALA B 541 10.15 0.97 -39.92
CA ALA B 541 11.33 1.51 -39.20
C ALA B 541 12.40 1.88 -40.22
N ALA B 542 12.70 0.95 -41.13
CA ALA B 542 13.69 1.13 -42.23
C ALA B 542 13.33 2.40 -43.00
N LYS B 543 12.05 2.58 -43.34
CA LYS B 543 11.54 3.77 -44.08
C LYS B 543 11.70 5.02 -43.21
N ALA B 544 11.54 4.88 -41.89
CA ALA B 544 11.62 5.99 -40.93
C ALA B 544 13.06 6.53 -40.92
N TYR B 545 14.04 5.61 -40.87
CA TYR B 545 15.50 5.89 -40.92
C TYR B 545 15.86 6.52 -42.27
N GLU B 546 15.56 5.82 -43.37
CA GLU B 546 15.75 6.30 -44.76
C GLU B 546 15.23 7.74 -44.86
N LEU B 547 13.96 8.02 -44.55
CA LEU B 547 13.39 9.39 -44.61
C LEU B 547 14.00 10.30 -43.53
N GLY B 548 14.87 9.79 -42.67
CA GLY B 548 15.42 10.52 -41.52
C GLY B 548 14.33 11.18 -40.67
N LEU B 549 13.35 10.41 -40.21
CA LEU B 549 12.40 10.80 -39.13
C LEU B 549 12.64 9.98 -37.85
N ALA B 550 13.52 8.97 -37.89
CA ALA B 550 13.84 8.09 -36.73
C ALA B 550 14.79 8.82 -35.78
N THR B 551 14.74 8.50 -34.48
CA THR B 551 15.62 9.08 -33.43
C THR B 551 16.30 7.98 -32.61
N ARG B 552 16.04 6.69 -32.84
CA ARG B 552 16.80 5.60 -32.16
C ARG B 552 18.00 5.27 -33.04
N LEU B 553 19.04 6.12 -32.99
CA LEU B 553 20.26 6.02 -33.84
C LEU B 553 21.35 5.34 -33.01
N PRO B 554 22.24 4.50 -33.61
CA PRO B 554 22.15 4.10 -35.02
C PRO B 554 21.07 3.01 -35.18
N PRO B 555 20.56 2.77 -36.42
CA PRO B 555 19.61 1.68 -36.66
C PRO B 555 20.29 0.34 -36.39
N PRO B 556 19.58 -0.64 -35.82
CA PRO B 556 20.18 -1.96 -35.60
C PRO B 556 20.51 -2.60 -36.96
N SER B 557 21.43 -3.56 -36.98
CA SER B 557 21.85 -4.25 -38.25
C SER B 557 20.63 -4.98 -38.83
N ASP B 558 19.96 -5.80 -38.02
CA ASP B 558 18.83 -6.73 -38.37
C ASP B 558 17.50 -6.23 -37.78
N LEU B 559 16.81 -5.32 -38.46
CA LEU B 559 15.58 -4.63 -37.97
C LEU B 559 14.45 -5.63 -37.67
N VAL B 560 14.41 -6.79 -38.31
CA VAL B 560 13.39 -7.84 -38.03
C VAL B 560 13.67 -8.50 -36.66
N LYS B 561 14.88 -9.02 -36.42
CA LYS B 561 15.25 -9.70 -35.16
C LYS B 561 15.15 -8.72 -33.98
N TYR B 562 15.42 -7.43 -34.20
CA TYR B 562 15.29 -6.37 -33.15
C TYR B 562 13.80 -6.21 -32.80
N ALA B 563 12.96 -6.04 -33.82
CA ALA B 563 11.49 -5.90 -33.68
C ALA B 563 10.93 -7.09 -32.91
N GLU B 564 11.38 -8.32 -33.18
CA GLU B 564 10.90 -9.56 -32.50
C GLU B 564 11.35 -9.57 -31.05
N ASN B 565 12.50 -9.00 -30.75
CA ASN B 565 13.09 -8.95 -29.39
C ASN B 565 12.43 -7.83 -28.57
N CYS B 566 11.85 -6.81 -29.20
CA CYS B 566 11.11 -5.70 -28.51
C CYS B 566 9.68 -6.11 -28.18
N MET B 567 9.28 -7.36 -28.47
CA MET B 567 7.84 -7.75 -28.46
C MET B 567 7.53 -8.28 -27.05
N TYR B 568 6.49 -7.70 -26.45
CA TYR B 568 5.87 -8.21 -25.20
C TYR B 568 5.55 -9.69 -25.38
N THR B 569 5.90 -10.49 -24.39
CA THR B 569 5.45 -11.89 -24.30
C THR B 569 4.60 -11.99 -23.04
N PRO B 570 3.42 -12.64 -23.09
CA PRO B 570 2.58 -12.74 -21.92
C PRO B 570 2.81 -14.02 -21.09
N VAL B 571 3.88 -14.78 -21.36
CA VAL B 571 4.25 -15.93 -20.47
C VAL B 571 4.45 -15.39 -19.04
N TYR B 572 4.07 -16.14 -18.00
CA TYR B 572 4.04 -15.66 -16.58
C TYR B 572 5.46 -15.35 -16.11
N ARG B 573 5.64 -14.13 -15.56
CA ARG B 573 6.93 -13.60 -15.03
C ARG B 573 7.10 -14.22 -13.63
N ASN B 574 8.33 -14.47 -13.20
CA ASN B 574 8.66 -15.39 -12.08
C ASN B 574 8.98 -14.56 -10.82
N TYR B 575 8.29 -14.86 -9.70
CA TYR B 575 8.31 -14.07 -8.45
C TYR B 575 9.05 -14.79 -7.31
N ARG B 576 9.36 -16.09 -7.41
CA ARG B 576 10.19 -16.80 -6.39
C ARG B 576 11.01 -17.89 -7.09
N LEU C 25 -23.01 11.75 6.71
CA LEU C 25 -21.72 12.47 6.73
C LEU C 25 -20.63 11.58 6.14
N PRO C 26 -19.73 12.17 5.33
CA PRO C 26 -18.61 11.44 4.75
C PRO C 26 -17.87 10.64 5.82
N VAL C 27 -17.50 9.40 5.47
CA VAL C 27 -16.52 8.46 6.11
C VAL C 27 -15.23 8.32 5.26
N MET C 28 -14.17 7.78 5.81
CA MET C 28 -12.83 7.74 5.18
C MET C 28 -12.59 6.32 4.71
N PRO C 29 -12.31 6.07 3.41
CA PRO C 29 -12.18 4.70 2.92
C PRO C 29 -10.80 4.09 3.18
N TRP C 30 -10.53 3.55 4.36
CA TRP C 30 -9.20 3.01 4.76
C TRP C 30 -8.95 1.72 4.00
N ALA C 31 -7.75 1.52 3.48
CA ALA C 31 -7.36 0.29 2.77
C ALA C 31 -6.22 -0.35 3.54
N THR C 32 -6.26 -1.66 3.72
CA THR C 32 -5.27 -2.41 4.52
C THR C 32 -4.41 -3.22 3.54
N SER C 33 -3.09 -3.23 3.72
CA SER C 33 -2.15 -4.11 2.95
C SER C 33 -1.03 -4.60 3.85
N VAL C 34 -0.54 -5.82 3.61
CA VAL C 34 0.67 -6.40 4.27
C VAL C 34 1.83 -5.44 4.02
N ALA C 35 2.51 -4.99 5.07
CA ALA C 35 3.72 -4.15 4.99
C ALA C 35 4.97 -5.03 4.77
N SER C 36 5.81 -4.59 3.83
CA SER C 36 7.16 -5.16 3.59
C SER C 36 8.13 -4.06 3.11
N GLY C 37 9.42 -4.42 2.94
CA GLY C 37 10.50 -3.50 2.52
C GLY C 37 10.43 -2.15 3.25
N TYR C 38 10.60 -1.04 2.54
CA TYR C 38 10.70 0.33 3.12
C TYR C 38 9.37 0.78 3.74
N THR C 39 8.21 0.25 3.33
CA THR C 39 6.91 0.60 3.97
C THR C 39 6.96 0.14 5.44
N LEU C 40 7.36 -1.12 5.66
CA LEU C 40 7.55 -1.73 7.02
C LEU C 40 8.58 -0.93 7.84
N LEU C 41 9.76 -0.62 7.29
CA LEU C 41 10.86 0.05 8.03
C LEU C 41 10.45 1.46 8.42
N ARG C 42 9.71 2.16 7.57
CA ARG C 42 9.25 3.57 7.80
C ARG C 42 7.99 3.61 8.70
N ASP C 43 7.43 2.44 9.03
CA ASP C 43 6.30 2.29 9.98
C ASP C 43 6.81 2.09 11.40
N PRO C 44 6.64 3.11 12.27
CA PRO C 44 7.11 3.00 13.64
C PRO C 44 6.44 1.84 14.38
N HIS C 45 5.11 1.71 14.30
CA HIS C 45 4.32 0.66 15.00
C HIS C 45 4.99 -0.74 14.87
N HIS C 46 5.50 -1.09 13.69
CA HIS C 46 6.07 -2.45 13.42
C HIS C 46 7.59 -2.43 13.35
N ASN C 47 8.22 -1.29 12.98
CA ASN C 47 9.65 -1.32 12.58
C ASN C 47 10.50 -1.83 13.74
N LYS C 48 11.24 -2.92 13.52
CA LYS C 48 12.17 -3.49 14.53
C LYS C 48 13.62 -3.14 14.21
N GLY C 49 13.93 -2.33 13.18
CA GLY C 49 15.33 -2.09 12.79
C GLY C 49 16.15 -3.39 12.78
N LEU C 50 17.40 -3.40 13.23
CA LEU C 50 18.29 -4.61 13.09
C LEU C 50 17.79 -5.79 13.94
N ALA C 51 16.72 -5.61 14.72
CA ALA C 51 16.18 -6.66 15.61
C ALA C 51 15.29 -7.61 14.80
N PHE C 52 14.91 -7.22 13.58
CA PHE C 52 14.33 -8.14 12.56
C PHE C 52 15.24 -9.39 12.39
N THR C 53 14.74 -10.57 12.73
CA THR C 53 15.45 -11.86 12.57
C THR C 53 15.66 -12.14 11.08
N GLU C 54 16.65 -12.96 10.74
CA GLU C 54 16.97 -13.42 9.36
C GLU C 54 15.65 -13.81 8.67
N GLU C 55 14.86 -14.67 9.33
CA GLU C 55 13.59 -15.28 8.83
C GLU C 55 12.59 -14.16 8.50
N GLU C 56 12.52 -13.14 9.35
CA GLU C 56 11.58 -12.00 9.19
C GLU C 56 11.96 -11.13 8.00
N ARG C 57 13.28 -11.00 7.74
CA ARG C 57 13.85 -10.18 6.63
C ARG C 57 13.54 -10.83 5.27
N ASP C 58 13.81 -12.14 5.12
CA ASP C 58 13.44 -12.94 3.93
C ASP C 58 11.94 -12.76 3.68
N GLY C 59 11.17 -12.94 4.75
CA GLY C 59 9.70 -12.87 4.75
C GLY C 59 9.18 -11.54 4.25
N HIS C 60 9.83 -10.41 4.57
CA HIS C 60 9.22 -9.08 4.30
C HIS C 60 10.11 -8.20 3.42
N TYR C 61 10.98 -8.82 2.63
CA TYR C 61 11.76 -8.14 1.57
C TYR C 61 12.60 -7.03 2.21
N LEU C 62 13.27 -7.41 3.29
CA LEU C 62 14.26 -6.56 3.99
C LEU C 62 15.66 -6.99 3.60
N ARG C 63 15.88 -8.27 3.26
CA ARG C 63 17.26 -8.79 3.02
C ARG C 63 17.95 -7.79 2.09
N GLY C 64 19.08 -7.24 2.52
CA GLY C 64 19.83 -6.22 1.76
C GLY C 64 19.60 -4.81 2.29
N LEU C 65 18.36 -4.46 2.64
CA LEU C 65 18.02 -3.10 3.16
C LEU C 65 18.59 -2.94 4.58
N LEU C 66 18.85 -4.04 5.30
CA LEU C 66 19.62 -4.01 6.58
C LEU C 66 20.94 -4.73 6.38
N PRO C 67 21.98 -4.31 7.12
CA PRO C 67 23.23 -5.05 7.18
C PRO C 67 23.02 -6.47 7.69
N PRO C 68 23.97 -7.40 7.54
CA PRO C 68 23.81 -8.79 7.97
C PRO C 68 23.44 -9.05 9.45
N ALA C 69 23.94 -8.21 10.36
CA ALA C 69 23.88 -8.38 11.84
C ALA C 69 22.44 -8.25 12.33
N VAL C 70 22.03 -9.23 13.15
CA VAL C 70 20.76 -9.22 13.92
C VAL C 70 21.05 -8.88 15.39
N LEU C 71 20.54 -7.74 15.85
CA LEU C 71 20.55 -7.33 17.28
C LEU C 71 19.32 -7.84 18.00
N SER C 72 19.45 -8.15 19.30
CA SER C 72 18.34 -8.22 20.27
C SER C 72 17.78 -6.83 20.61
N GLN C 73 16.60 -6.78 21.22
CA GLN C 73 15.99 -5.53 21.70
C GLN C 73 16.89 -4.97 22.82
N GLU C 74 17.55 -5.84 23.60
CA GLU C 74 18.36 -5.49 24.80
C GLU C 74 19.63 -4.74 24.36
N LEU C 75 20.32 -5.30 23.38
CA LEU C 75 21.48 -4.66 22.74
C LEU C 75 21.04 -3.33 22.14
N GLN C 76 19.87 -3.29 21.50
CA GLN C 76 19.31 -2.02 20.93
C GLN C 76 19.25 -0.95 22.01
N ILE C 77 18.74 -1.32 23.19
CA ILE C 77 18.55 -0.37 24.33
C ILE C 77 19.92 0.14 24.76
N LYS C 78 20.87 -0.79 24.97
CA LYS C 78 22.26 -0.48 25.39
C LYS C 78 22.85 0.55 24.41
N LYS C 79 22.67 0.32 23.11
CA LYS C 79 23.22 1.12 21.98
C LYS C 79 22.59 2.52 22.01
N PHE C 80 21.27 2.63 22.06
CA PHE C 80 20.61 3.96 22.10
C PHE C 80 21.04 4.70 23.37
N MET C 81 21.08 4.00 24.49
CA MET C 81 21.43 4.62 25.81
C MET C 81 22.82 5.24 25.67
N ASN C 82 23.77 4.48 25.10
CA ASN C 82 25.18 4.89 24.95
C ASN C 82 25.23 6.20 24.17
N THR C 83 24.55 6.31 23.02
CA THR C 83 24.55 7.52 22.14
C THR C 83 23.66 8.63 22.74
N LEU C 84 22.76 8.32 23.65
CA LEU C 84 21.91 9.37 24.25
C LEU C 84 22.74 10.22 25.19
N ARG C 85 23.70 9.58 25.86
CA ARG C 85 24.51 10.22 26.94
C ARG C 85 25.60 11.10 26.31
N GLN C 86 25.87 10.98 25.01
CA GLN C 86 26.90 11.81 24.34
C GLN C 86 26.31 13.19 24.00
N TYR C 87 25.00 13.33 23.91
CA TYR C 87 24.36 14.66 23.72
C TYR C 87 24.63 15.49 24.96
N GLN C 88 24.81 16.78 24.77
CA GLN C 88 25.19 17.71 25.86
C GLN C 88 23.93 18.18 26.56
N THR C 89 23.02 18.82 25.84
CA THR C 89 21.86 19.48 26.47
C THR C 89 20.80 18.42 26.75
N PRO C 90 19.90 18.66 27.75
CA PRO C 90 18.74 17.78 27.94
C PRO C 90 17.82 17.84 26.72
N LEU C 91 17.52 19.05 26.20
CA LEU C 91 16.68 19.25 24.98
C LEU C 91 17.18 18.34 23.83
N GLN C 92 18.48 18.21 23.61
CA GLN C 92 19.05 17.27 22.59
C GLN C 92 18.67 15.82 22.91
N ARG C 93 18.63 15.40 24.18
CA ARG C 93 18.19 14.02 24.51
C ARG C 93 16.68 13.87 24.35
N TYR C 94 15.90 14.96 24.56
CA TYR C 94 14.43 15.00 24.28
C TYR C 94 14.18 14.77 22.80
N ILE C 95 14.96 15.43 21.95
CA ILE C 95 14.79 15.37 20.47
C ILE C 95 15.13 13.96 20.04
N ALA C 96 16.17 13.35 20.60
CA ALA C 96 16.60 11.97 20.22
C ALA C 96 15.56 10.97 20.71
N MET C 97 14.87 11.26 21.80
CA MET C 97 13.81 10.37 22.38
C MET C 97 12.58 10.43 21.48
N MET C 98 12.14 11.63 21.07
CA MET C 98 10.91 11.83 20.24
C MET C 98 11.14 11.25 18.84
N ASN C 99 12.32 11.46 18.27
CA ASN C 99 12.78 10.79 17.03
C ASN C 99 12.62 9.25 17.12
N LEU C 100 13.10 8.60 18.19
CA LEU C 100 13.00 7.12 18.38
C LEU C 100 11.53 6.69 18.50
N GLN C 101 10.74 7.42 19.28
CA GLN C 101 9.27 7.17 19.42
C GLN C 101 8.67 7.01 18.02
N GLU C 102 9.14 7.85 17.07
CA GLU C 102 8.57 7.99 15.71
C GLU C 102 9.39 7.22 14.68
N THR C 103 10.14 6.19 15.06
CA THR C 103 10.87 5.31 14.10
C THR C 103 10.77 3.84 14.52
N ASP C 104 10.84 3.57 15.82
CA ASP C 104 10.62 2.24 16.46
C ASP C 104 9.95 2.47 17.82
N GLU C 105 8.62 2.31 17.85
CA GLU C 105 7.80 2.68 19.04
C GLU C 105 8.01 1.60 20.10
N ARG C 106 8.18 0.34 19.71
CA ARG C 106 8.42 -0.74 20.70
C ARG C 106 9.78 -0.57 21.40
N LEU C 107 10.83 -0.19 20.66
CA LEU C 107 12.17 0.05 21.27
C LEU C 107 12.09 1.29 22.19
N PHE C 108 11.41 2.34 21.75
CA PHE C 108 11.19 3.60 22.52
C PHE C 108 10.53 3.29 23.85
N TYR C 109 9.46 2.49 23.87
CA TYR C 109 8.74 2.21 25.13
C TYR C 109 9.57 1.25 25.98
N LYS C 110 10.11 0.16 25.41
CA LYS C 110 10.89 -0.83 26.21
C LYS C 110 12.12 -0.15 26.83
N LEU C 111 12.72 0.81 26.11
CA LEU C 111 13.87 1.59 26.62
C LEU C 111 13.38 2.47 27.77
N LEU C 112 12.36 3.31 27.52
CA LEU C 112 11.80 4.26 28.53
C LEU C 112 11.48 3.53 29.84
N ILE C 113 10.79 2.40 29.80
CA ILE C 113 10.43 1.60 31.01
C ILE C 113 11.72 1.17 31.72
N ASP C 114 12.60 0.44 31.03
CA ASP C 114 13.82 -0.18 31.65
C ASP C 114 14.77 0.89 32.20
N ASN C 115 14.59 2.17 31.84
CA ASN C 115 15.50 3.28 32.21
C ASN C 115 14.68 4.47 32.71
N VAL C 116 13.55 4.21 33.37
CA VAL C 116 12.47 5.24 33.60
C VAL C 116 12.97 6.36 34.50
N VAL C 117 13.80 6.05 35.50
CA VAL C 117 14.29 7.04 36.51
C VAL C 117 15.26 8.02 35.80
N GLU C 118 16.13 7.48 34.94
CA GLU C 118 17.22 8.21 34.23
C GLU C 118 16.63 9.10 33.12
N LEU C 119 15.58 8.63 32.44
CA LEU C 119 15.05 9.18 31.16
C LEU C 119 13.85 10.10 31.40
N LEU C 120 13.16 9.94 32.53
CA LEU C 120 11.86 10.60 32.73
C LEU C 120 12.02 12.12 32.72
N PRO C 121 13.14 12.67 33.26
CA PRO C 121 13.31 14.13 33.30
C PRO C 121 13.51 14.73 31.90
N PHE C 122 13.81 13.89 30.89
CA PHE C 122 14.14 14.29 29.50
C PHE C 122 12.88 14.27 28.63
N VAL C 123 12.01 13.25 28.76
CA VAL C 123 10.72 13.13 28.01
C VAL C 123 9.60 13.90 28.70
N TYR C 124 9.69 14.07 30.02
CA TYR C 124 8.67 14.66 30.95
C TYR C 124 9.31 15.84 31.67
N THR C 125 8.65 16.38 32.71
CA THR C 125 9.18 17.53 33.50
C THR C 125 10.57 17.18 34.04
N PRO C 126 11.58 18.09 33.92
CA PRO C 126 11.39 19.46 33.41
C PRO C 126 11.69 19.79 31.93
N THR C 127 12.36 18.89 31.22
CA THR C 127 12.82 19.08 29.81
C THR C 127 11.64 19.45 28.91
N VAL C 128 10.52 18.77 29.12
CA VAL C 128 9.29 18.82 28.27
C VAL C 128 8.78 20.27 28.28
N GLY C 129 9.21 21.05 29.26
CA GLY C 129 8.83 22.47 29.36
C GLY C 129 9.56 23.27 28.32
N GLU C 130 10.89 23.15 28.29
CA GLU C 130 11.79 23.79 27.29
C GLU C 130 11.33 23.35 25.89
N ALA C 131 11.09 22.05 25.70
CA ALA C 131 10.62 21.50 24.41
C ALA C 131 9.40 22.31 23.96
N CYS C 132 8.47 22.66 24.85
CA CYS C 132 7.24 23.40 24.47
C CYS C 132 7.56 24.86 24.15
N GLN C 133 8.58 25.43 24.81
CA GLN C 133 8.93 26.85 24.61
C GLN C 133 9.57 27.03 23.24
N LYS C 134 10.29 25.99 22.80
CA LYS C 134 11.09 25.99 21.54
C LYS C 134 10.52 24.98 20.54
N TYR C 135 9.22 24.63 20.61
CA TYR C 135 8.62 23.53 19.83
C TYR C 135 8.77 23.83 18.34
N GLY C 136 8.46 25.08 17.96
CA GLY C 136 8.46 25.53 16.55
C GLY C 136 9.83 25.40 15.90
N SER C 137 10.91 25.63 16.65
CA SER C 137 12.29 25.74 16.14
C SER C 137 13.01 24.38 16.23
N ILE C 138 12.35 23.37 16.80
CA ILE C 138 12.94 22.02 17.01
C ILE C 138 12.60 21.19 15.78
N PHE C 139 13.54 20.34 15.34
CA PHE C 139 13.34 19.36 14.24
C PHE C 139 12.21 18.41 14.66
N ARG C 140 11.14 18.37 13.86
CA ARG C 140 9.79 17.92 14.30
C ARG C 140 9.35 16.78 13.39
N ARG C 141 9.38 15.54 13.89
CA ARG C 141 8.61 14.41 13.33
C ARG C 141 7.16 14.61 13.82
N PRO C 142 6.14 14.62 12.92
CA PRO C 142 4.75 14.85 13.35
C PRO C 142 4.18 13.83 14.36
N GLN C 143 3.49 14.36 15.36
CA GLN C 143 2.93 13.67 16.55
C GLN C 143 1.66 14.44 16.97
N GLY C 144 0.61 13.69 17.23
CA GLY C 144 -0.68 14.27 17.68
C GLY C 144 -1.47 14.99 16.61
N LEU C 145 -2.65 15.44 16.98
CA LEU C 145 -3.64 16.06 16.08
C LEU C 145 -3.87 17.51 16.51
N TYR C 146 -3.83 18.47 15.58
CA TYR C 146 -4.08 19.91 15.88
C TYR C 146 -5.43 20.29 15.30
N VAL C 147 -6.35 20.70 16.18
CA VAL C 147 -7.68 21.25 15.77
C VAL C 147 -7.67 22.76 15.94
N SER C 148 -7.65 23.52 14.87
CA SER C 148 -7.55 25.00 14.94
C SER C 148 -8.94 25.59 14.91
N LEU C 149 -9.01 26.89 15.11
CA LEU C 149 -10.24 27.72 14.91
C LEU C 149 -10.68 27.67 13.46
N LYS C 150 -9.78 27.35 12.55
CA LYS C 150 -10.08 27.31 11.09
C LYS C 150 -10.59 25.92 10.72
N ASP C 151 -10.82 25.02 11.70
CA ASP C 151 -11.35 23.65 11.48
C ASP C 151 -12.81 23.62 11.98
N LYS C 152 -13.39 24.78 12.30
CA LYS C 152 -14.75 24.83 12.91
C LYS C 152 -15.75 24.63 11.78
N GLY C 153 -16.82 23.90 12.06
CA GLY C 153 -17.67 23.29 11.03
C GLY C 153 -17.15 21.93 10.62
N LYS C 154 -15.84 21.66 10.70
CA LYS C 154 -15.21 20.48 10.07
C LYS C 154 -14.33 19.73 11.07
N VAL C 155 -14.55 19.89 12.37
CA VAL C 155 -13.68 19.25 13.40
C VAL C 155 -13.74 17.74 13.24
N LEU C 156 -14.91 17.19 12.93
CA LEU C 156 -15.09 15.73 12.78
C LEU C 156 -14.27 15.27 11.58
N GLU C 157 -14.27 16.06 10.49
CA GLU C 157 -13.44 15.83 9.27
C GLU C 157 -11.98 15.61 9.68
N VAL C 158 -11.50 16.44 10.62
CA VAL C 158 -10.08 16.43 11.09
C VAL C 158 -9.87 15.14 11.89
N LEU C 159 -10.80 14.77 12.77
CA LEU C 159 -10.69 13.56 13.59
C LEU C 159 -10.49 12.36 12.65
N ARG C 160 -11.19 12.37 11.53
CA ARG C 160 -11.32 11.20 10.64
C ARG C 160 -9.92 10.88 10.08
N ASN C 161 -9.06 11.89 10.00
CA ASN C 161 -7.72 11.80 9.37
C ASN C 161 -6.78 10.97 10.25
N TRP C 162 -7.05 10.86 11.55
CA TRP C 162 -6.19 10.03 12.44
C TRP C 162 -6.39 8.56 12.03
N PRO C 163 -5.31 7.81 11.75
CA PRO C 163 -5.42 6.48 11.16
C PRO C 163 -5.60 5.32 12.16
N HIS C 164 -6.13 5.62 13.35
CA HIS C 164 -6.61 4.65 14.36
C HIS C 164 -8.02 5.07 14.79
N ARG C 165 -8.95 4.13 14.67
CA ARG C 165 -10.42 4.33 14.84
C ARG C 165 -10.80 4.11 16.34
N ASN C 166 -10.13 3.19 17.01
CA ASN C 166 -10.48 2.65 18.36
C ASN C 166 -9.72 3.48 19.42
N ILE C 167 -10.15 4.70 19.69
CA ILE C 167 -9.47 5.60 20.68
C ILE C 167 -10.14 5.45 22.05
N GLN C 168 -9.33 5.17 23.08
CA GLN C 168 -9.74 4.94 24.50
C GLN C 168 -9.33 6.11 25.40
N VAL C 169 -8.12 6.67 25.19
CA VAL C 169 -7.55 7.81 25.95
C VAL C 169 -7.23 8.96 24.99
N ILE C 170 -7.87 10.10 25.19
CA ILE C 170 -7.50 11.38 24.54
C ILE C 170 -6.80 12.21 25.62
N CYS C 171 -5.75 12.94 25.26
CA CYS C 171 -5.10 13.93 26.14
C CYS C 171 -5.03 15.25 25.37
N VAL C 172 -5.69 16.30 25.88
CA VAL C 172 -5.96 17.53 25.09
C VAL C 172 -5.56 18.75 25.91
N THR C 173 -4.93 19.76 25.28
CA THR C 173 -4.57 21.08 25.89
C THR C 173 -5.00 22.19 24.92
N ASP C 174 -5.25 23.40 25.42
CA ASP C 174 -5.41 24.56 24.50
C ASP C 174 -4.18 25.45 24.65
N GLY C 175 -3.21 24.97 25.42
CA GLY C 175 -1.86 25.54 25.57
C GLY C 175 -1.81 26.76 26.49
N GLU C 176 -2.92 27.12 27.16
CA GLU C 176 -3.05 28.43 27.88
C GLU C 176 -2.15 28.47 29.12
N ARG C 177 -1.92 27.35 29.82
CA ARG C 177 -1.06 27.34 31.04
C ARG C 177 -0.16 26.11 31.03
N ILE C 178 0.84 26.06 30.14
CA ILE C 178 1.75 24.89 30.03
C ILE C 178 2.68 24.89 31.25
N LEU C 179 2.58 23.89 32.11
CA LEU C 179 3.33 23.83 33.41
C LEU C 179 3.17 25.19 34.11
N GLY C 180 4.21 25.71 34.77
CA GLY C 180 4.23 27.08 35.31
C GLY C 180 4.79 28.10 34.33
N LEU C 181 4.79 27.83 33.02
CA LEU C 181 5.46 28.67 31.99
C LEU C 181 4.48 29.59 31.25
N GLY C 182 3.19 29.54 31.61
CA GLY C 182 2.17 30.38 30.96
C GLY C 182 1.74 29.85 29.59
N ASP C 183 1.36 30.81 28.72
CA ASP C 183 0.69 30.60 27.40
C ASP C 183 1.73 30.28 26.32
N LEU C 184 1.77 29.05 25.84
CA LEU C 184 2.66 28.63 24.71
C LEU C 184 1.79 28.28 23.51
N GLY C 185 0.55 28.76 23.51
CA GLY C 185 -0.40 28.52 22.41
C GLY C 185 -0.22 27.12 21.85
N CYS C 186 -0.15 27.02 20.53
CA CYS C 186 -0.20 25.77 19.76
C CYS C 186 1.02 24.88 20.08
N GLN C 187 2.07 25.43 20.70
CA GLN C 187 3.29 24.67 20.99
C GLN C 187 3.10 23.86 22.30
N GLY C 188 1.92 23.94 22.91
CA GLY C 188 1.54 23.13 24.09
C GLY C 188 1.56 21.64 23.81
N MET C 189 1.56 21.25 22.55
CA MET C 189 1.44 19.83 22.13
C MET C 189 2.46 18.93 22.87
N GLY C 190 3.57 19.46 23.36
CA GLY C 190 4.61 18.63 23.98
C GLY C 190 4.07 17.84 25.15
N ILE C 191 3.10 18.45 25.84
CA ILE C 191 2.47 17.95 27.10
C ILE C 191 1.59 16.74 26.77
N PRO C 192 0.50 16.90 26.00
CA PRO C 192 -0.34 15.77 25.64
C PRO C 192 0.49 14.58 25.14
N VAL C 193 1.52 14.86 24.33
CA VAL C 193 2.34 13.77 23.73
C VAL C 193 3.12 13.10 24.87
N GLY C 194 3.56 13.90 25.81
CA GLY C 194 4.31 13.41 26.98
C GLY C 194 3.43 12.54 27.85
N LYS C 195 2.30 13.09 28.28
CA LYS C 195 1.37 12.41 29.20
C LYS C 195 1.09 11.02 28.63
N LEU C 196 0.71 10.98 27.34
CA LEU C 196 0.21 9.75 26.69
C LEU C 196 1.32 8.72 26.54
N ALA C 197 2.57 9.15 26.35
CA ALA C 197 3.73 8.24 26.34
C ALA C 197 3.79 7.57 27.72
N LEU C 198 3.48 8.33 28.77
CA LEU C 198 3.56 7.86 30.18
C LEU C 198 2.38 6.90 30.42
N TYR C 199 1.21 7.24 29.89
CA TYR C 199 0.02 6.38 29.95
C TYR C 199 0.43 4.98 29.52
N THR C 200 1.37 4.86 28.57
CA THR C 200 1.78 3.57 27.98
C THR C 200 2.91 2.98 28.82
N ALA C 201 3.93 3.79 29.10
CA ALA C 201 5.16 3.35 29.77
C ALA C 201 4.83 3.00 31.23
N LEU C 202 4.07 3.86 31.93
CA LEU C 202 3.79 3.76 33.39
C LEU C 202 2.51 2.95 33.62
N GLY C 203 1.48 3.13 32.79
CA GLY C 203 0.14 2.54 32.97
C GLY C 203 -0.11 1.25 32.22
N GLY C 204 0.53 1.05 31.06
CA GLY C 204 0.33 -0.14 30.20
C GLY C 204 -0.83 -0.01 29.23
N VAL C 205 -1.41 1.20 29.06
CA VAL C 205 -2.38 1.49 27.97
C VAL C 205 -1.68 1.23 26.63
N ASP C 206 -2.29 0.55 25.67
CA ASP C 206 -1.72 0.41 24.30
C ASP C 206 -1.52 1.79 23.65
N PRO C 207 -0.39 2.03 22.95
CA PRO C 207 -0.15 3.34 22.34
C PRO C 207 -1.23 3.69 21.31
N SER C 208 -1.73 2.67 20.60
CA SER C 208 -2.57 2.87 19.39
C SER C 208 -3.92 3.46 19.77
N VAL C 209 -4.31 3.35 21.04
CA VAL C 209 -5.66 3.79 21.53
C VAL C 209 -5.51 5.19 22.13
N CYS C 210 -4.29 5.77 22.14
CA CYS C 210 -3.97 7.09 22.74
C CYS C 210 -3.87 8.15 21.65
N LEU C 211 -4.46 9.34 21.84
CA LEU C 211 -4.59 10.37 20.79
C LEU C 211 -4.26 11.74 21.38
N PRO C 212 -3.04 12.27 21.13
CA PRO C 212 -2.68 13.59 21.65
C PRO C 212 -3.34 14.66 20.80
N ILE C 213 -4.10 15.57 21.40
CA ILE C 213 -4.80 16.67 20.67
C ILE C 213 -4.38 18.02 21.24
N THR C 214 -4.25 19.01 20.38
CA THR C 214 -4.09 20.42 20.79
C THR C 214 -5.21 21.22 20.14
N ILE C 215 -5.92 22.03 20.91
CA ILE C 215 -6.92 22.99 20.34
C ILE C 215 -6.23 24.33 20.20
N ASP C 216 -5.95 24.77 18.96
CA ASP C 216 -5.32 26.11 18.73
C ASP C 216 -6.43 27.15 18.55
N VAL C 217 -6.52 28.11 19.46
CA VAL C 217 -7.52 29.22 19.38
C VAL C 217 -6.78 30.56 19.32
N GLY C 218 -5.47 30.51 19.12
CA GLY C 218 -4.58 31.66 19.29
C GLY C 218 -3.76 31.55 20.56
N THR C 219 -2.96 32.59 20.82
CA THR C 219 -2.08 32.70 22.00
C THR C 219 -1.92 34.18 22.30
N ASN C 220 -1.67 34.56 23.54
CA ASN C 220 -1.47 35.98 23.95
C ASN C 220 0.04 36.30 24.10
N ASN C 221 0.87 35.26 24.18
CA ASN C 221 2.35 35.32 24.20
C ASN C 221 2.84 36.15 22.99
N GLU C 222 3.19 37.42 23.22
CA GLU C 222 3.66 38.38 22.17
C GLU C 222 4.98 37.92 21.54
N LYS C 223 5.87 37.28 22.31
CA LYS C 223 7.13 36.68 21.78
C LYS C 223 6.79 35.62 20.70
N LEU C 224 5.75 34.83 20.88
CA LEU C 224 5.39 33.74 19.93
C LEU C 224 4.60 34.29 18.74
N LEU C 225 3.78 35.35 18.93
CA LEU C 225 3.09 36.03 17.80
C LEU C 225 4.13 36.56 16.81
N ASN C 226 5.29 37.05 17.28
CA ASN C 226 6.29 37.73 16.44
C ASN C 226 7.44 36.76 16.10
N ASP C 227 7.46 35.56 16.70
CA ASP C 227 8.47 34.51 16.38
C ASP C 227 8.07 33.91 15.04
N GLU C 228 9.01 33.80 14.10
CA GLU C 228 8.77 33.32 12.72
C GLU C 228 8.70 31.80 12.68
N PHE C 229 9.01 31.07 13.75
CA PHE C 229 8.89 29.58 13.79
C PHE C 229 7.66 29.11 14.56
N TYR C 230 6.82 30.04 15.05
CA TYR C 230 5.59 29.67 15.77
C TYR C 230 4.72 28.93 14.77
N ILE C 231 4.22 27.76 15.17
CA ILE C 231 3.50 26.79 14.34
C ILE C 231 1.99 27.02 14.51
N GLY C 232 1.55 27.93 15.35
CA GLY C 232 0.10 28.21 15.53
C GLY C 232 -0.45 29.38 14.72
N LEU C 233 -1.72 29.68 14.88
CA LEU C 233 -2.40 30.86 14.29
C LEU C 233 -1.79 32.11 14.90
N ARG C 234 -1.31 33.04 14.07
CA ARG C 234 -0.81 34.38 14.53
C ARG C 234 -1.99 35.28 14.87
N GLN C 235 -2.69 34.98 15.97
CA GLN C 235 -3.78 35.83 16.53
C GLN C 235 -3.85 35.62 18.03
N LYS C 236 -4.41 36.59 18.77
CA LYS C 236 -4.56 36.47 20.25
C LYS C 236 -5.75 35.53 20.50
N ARG C 237 -5.85 34.93 21.68
CA ARG C 237 -6.85 33.87 21.97
C ARG C 237 -8.27 34.39 21.73
N ALA C 238 -9.09 33.58 21.07
CA ALA C 238 -10.55 33.73 20.99
C ALA C 238 -11.18 33.57 22.39
N THR C 239 -12.19 34.41 22.69
CA THR C 239 -12.97 34.41 23.95
C THR C 239 -14.47 34.16 23.67
N GLY C 240 -15.27 33.98 24.73
CA GLY C 240 -16.75 33.88 24.66
C GLY C 240 -17.23 32.85 23.63
N GLU C 241 -18.23 33.22 22.85
CA GLU C 241 -18.96 32.26 21.97
C GLU C 241 -17.95 31.64 21.00
N GLU C 242 -16.98 32.37 20.44
CA GLU C 242 -16.04 31.84 19.42
C GLU C 242 -15.23 30.67 20.02
N TYR C 243 -14.66 30.86 21.21
CA TYR C 243 -13.98 29.78 21.97
C TYR C 243 -14.97 28.62 22.16
N ASP C 244 -16.08 28.92 22.82
CA ASP C 244 -17.07 27.94 23.33
C ASP C 244 -17.52 27.04 22.19
N GLU C 245 -17.87 27.61 21.03
CA GLU C 245 -18.44 26.87 19.87
C GLU C 245 -17.48 25.78 19.41
N LEU C 246 -16.20 26.14 19.30
CA LEU C 246 -15.16 25.18 18.89
C LEU C 246 -15.14 24.04 19.91
N ILE C 247 -15.14 24.37 21.18
CA ILE C 247 -15.03 23.34 22.26
C ILE C 247 -16.23 22.40 22.16
N GLU C 248 -17.44 22.94 22.08
CA GLU C 248 -18.67 22.11 22.23
C GLU C 248 -18.83 21.31 20.92
N GLU C 249 -18.23 21.79 19.82
CA GLU C 249 -18.21 21.05 18.54
C GLU C 249 -17.17 19.93 18.65
N PHE C 250 -16.02 20.24 19.27
CA PHE C 250 -14.96 19.25 19.58
C PHE C 250 -15.59 18.13 20.43
N MET C 251 -16.27 18.51 21.50
CA MET C 251 -16.86 17.60 22.52
C MET C 251 -17.98 16.78 21.87
N SER C 252 -18.80 17.40 21.02
CA SER C 252 -19.76 16.70 20.13
C SER C 252 -19.02 15.61 19.36
N ALA C 253 -18.05 16.04 18.54
CA ALA C 253 -17.39 15.25 17.50
C ALA C 253 -16.67 14.04 18.10
N VAL C 254 -16.06 14.25 19.27
CA VAL C 254 -15.28 13.19 19.96
C VAL C 254 -16.27 12.08 20.32
N LYS C 255 -17.45 12.49 20.82
CA LYS C 255 -18.48 11.59 21.37
C LYS C 255 -19.02 10.70 20.24
N GLN C 256 -19.34 11.32 19.09
CA GLN C 256 -19.95 10.65 17.90
C GLN C 256 -18.92 9.65 17.38
N PHE C 257 -17.65 10.04 17.28
CA PHE C 257 -16.60 9.21 16.66
C PHE C 257 -16.17 8.08 17.61
N TYR C 258 -15.84 8.39 18.86
CA TYR C 258 -15.11 7.45 19.76
C TYR C 258 -16.07 6.85 20.81
N GLY C 259 -17.27 7.42 20.94
CA GLY C 259 -18.27 6.97 21.91
C GLY C 259 -18.15 7.74 23.20
N GLU C 260 -18.83 7.27 24.24
CA GLU C 260 -18.89 7.95 25.56
C GLU C 260 -17.82 7.35 26.49
N LYS C 261 -17.51 6.05 26.40
CA LYS C 261 -16.42 5.41 27.19
C LYS C 261 -15.01 5.94 26.84
N VAL C 262 -14.85 6.92 25.95
CA VAL C 262 -13.51 7.52 25.70
C VAL C 262 -13.17 8.53 26.81
N LEU C 263 -12.03 8.28 27.46
CA LEU C 263 -11.43 9.17 28.49
C LEU C 263 -10.89 10.42 27.79
N ILE C 264 -11.35 11.60 28.21
CA ILE C 264 -10.85 12.92 27.73
C ILE C 264 -10.13 13.56 28.92
N GLN C 265 -8.78 13.50 28.92
CA GLN C 265 -7.90 14.10 29.96
C GLN C 265 -7.50 15.52 29.52
N PHE C 266 -8.11 16.53 30.14
CA PHE C 266 -7.76 17.95 29.96
C PHE C 266 -6.43 18.24 30.67
N GLU C 267 -5.55 19.01 29.99
CA GLU C 267 -4.21 19.41 30.51
C GLU C 267 -4.03 20.91 30.29
N ASP C 268 -3.60 21.60 31.34
CA ASP C 268 -2.98 22.95 31.22
C ASP C 268 -3.94 23.94 30.55
N PHE C 269 -5.20 23.98 30.99
CA PHE C 269 -6.12 25.12 30.72
C PHE C 269 -6.01 26.11 31.87
N ALA C 270 -6.51 27.34 31.72
CA ALA C 270 -6.67 28.36 32.78
C ALA C 270 -7.77 27.92 33.75
N ASN C 271 -7.88 28.56 34.93
CA ASN C 271 -8.99 28.35 35.88
C ASN C 271 -10.35 28.39 35.14
N HIS C 272 -10.78 29.56 34.63
CA HIS C 272 -12.16 29.72 34.12
C HIS C 272 -12.52 28.47 33.32
N ASN C 273 -11.72 28.13 32.30
CA ASN C 273 -12.04 27.04 31.35
C ASN C 273 -11.96 25.68 32.05
N ALA C 274 -10.87 25.34 32.76
CA ALA C 274 -10.62 23.98 33.31
C ALA C 274 -11.81 23.50 34.14
N PHE C 275 -12.49 24.45 34.80
CA PHE C 275 -13.69 24.25 35.67
C PHE C 275 -14.96 24.15 34.79
N ASP C 276 -15.26 25.10 33.90
CA ASP C 276 -16.46 25.02 33.01
C ASP C 276 -16.47 23.70 32.25
N LEU C 277 -15.31 23.15 31.89
CA LEU C 277 -15.18 21.88 31.11
C LEU C 277 -15.60 20.71 32.01
N LEU C 278 -15.18 20.72 33.27
CA LEU C 278 -15.55 19.65 34.24
C LEU C 278 -17.02 19.83 34.65
N GLU C 279 -17.53 21.06 34.70
CA GLU C 279 -18.95 21.40 35.03
C GLU C 279 -19.84 20.90 33.90
N LYS C 280 -19.73 21.49 32.70
CA LYS C 280 -20.60 21.19 31.52
C LYS C 280 -20.53 19.71 31.09
N TYR C 281 -19.34 19.08 31.06
CA TYR C 281 -19.16 17.79 30.34
C TYR C 281 -18.95 16.63 31.33
N SER C 282 -19.23 16.81 32.63
CA SER C 282 -19.23 15.70 33.62
C SER C 282 -20.39 14.75 33.34
N LYS C 283 -21.51 15.29 32.87
CA LYS C 283 -22.77 14.56 32.62
C LYS C 283 -22.61 13.77 31.31
N SER C 284 -22.36 14.47 30.21
CA SER C 284 -22.35 13.90 28.83
C SER C 284 -21.14 12.99 28.60
N HIS C 285 -19.98 13.25 29.24
CA HIS C 285 -18.67 12.62 28.87
C HIS C 285 -17.95 12.03 30.09
N LEU C 286 -16.93 11.22 29.84
CA LEU C 286 -15.96 10.74 30.88
C LEU C 286 -14.73 11.67 30.83
N VAL C 287 -14.83 12.82 31.49
CA VAL C 287 -13.80 13.91 31.49
C VAL C 287 -13.04 13.86 32.83
N PHE C 288 -11.76 14.20 32.81
CA PHE C 288 -10.82 14.14 33.96
C PHE C 288 -9.80 15.25 33.76
N ASN C 289 -9.37 15.98 34.79
CA ASN C 289 -8.46 17.16 34.63
C ASN C 289 -7.20 16.91 35.44
N ASP C 290 -6.05 16.77 34.79
CA ASP C 290 -4.80 16.31 35.47
C ASP C 290 -4.39 17.35 36.53
N ASP C 291 -4.61 18.62 36.24
CA ASP C 291 -4.19 19.78 37.06
C ASP C 291 -5.04 19.86 38.33
N ILE C 292 -6.37 19.72 38.22
CA ILE C 292 -7.32 19.81 39.36
C ILE C 292 -7.33 18.45 40.09
N GLN C 293 -7.81 17.42 39.41
CA GLN C 293 -8.13 16.09 40.00
C GLN C 293 -6.86 15.23 40.14
N GLY C 294 -5.97 15.22 39.15
CA GLY C 294 -4.83 14.28 39.14
C GLY C 294 -3.81 14.63 40.20
N THR C 295 -3.52 15.92 40.32
CA THR C 295 -2.57 16.52 41.29
C THR C 295 -3.14 16.34 42.70
N ALA C 296 -4.39 16.79 42.90
CA ALA C 296 -5.17 16.56 44.14
C ALA C 296 -4.94 15.12 44.60
N SER C 297 -5.07 14.17 43.70
CA SER C 297 -5.00 12.73 44.00
C SER C 297 -3.63 12.38 44.56
N VAL C 298 -2.55 12.78 43.89
CA VAL C 298 -1.17 12.35 44.26
C VAL C 298 -0.69 13.06 45.53
N VAL C 299 -1.17 14.29 45.73
CA VAL C 299 -0.87 15.10 46.95
C VAL C 299 -1.47 14.39 48.15
N LEU C 300 -2.76 14.07 48.08
CA LEU C 300 -3.47 13.36 49.17
C LEU C 300 -2.72 12.07 49.49
N ALA C 301 -2.23 11.35 48.49
CA ALA C 301 -1.45 10.10 48.66
C ALA C 301 -0.14 10.41 49.38
N GLY C 302 0.49 11.51 49.00
CA GLY C 302 1.73 11.96 49.66
C GLY C 302 1.49 12.25 51.13
N LEU C 303 0.43 13.01 51.44
CA LEU C 303 0.02 13.33 52.82
C LEU C 303 -0.15 12.02 53.61
N LEU C 304 -0.94 11.06 53.12
CA LEU C 304 -1.20 9.78 53.82
C LEU C 304 0.13 9.03 54.06
N ALA C 305 1.04 9.12 53.10
CA ALA C 305 2.37 8.43 53.12
C ALA C 305 3.28 9.13 54.13
N ALA C 306 3.14 10.46 54.23
CA ALA C 306 3.90 11.34 55.16
C ALA C 306 3.52 10.98 56.59
N LEU C 307 2.23 10.78 56.82
CA LEU C 307 1.66 10.59 58.16
C LEU C 307 1.97 9.18 58.64
N LYS C 308 2.46 8.30 57.77
CA LYS C 308 3.06 7.02 58.20
C LYS C 308 4.48 7.23 58.69
N MET C 309 5.24 8.19 58.13
CA MET C 309 6.63 8.42 58.59
C MET C 309 6.61 9.17 59.93
N VAL C 310 5.77 10.20 60.06
CA VAL C 310 5.74 11.14 61.23
C VAL C 310 4.63 10.78 62.22
N GLY C 311 3.56 10.10 61.79
CA GLY C 311 2.39 9.75 62.63
C GLY C 311 1.28 10.78 62.53
N GLY C 312 0.03 10.32 62.78
CA GLY C 312 -1.17 11.17 62.89
C GLY C 312 -2.14 10.98 61.74
N THR C 313 -3.18 11.81 61.71
CA THR C 313 -4.29 11.73 60.73
C THR C 313 -4.40 13.07 60.02
N LEU C 314 -5.15 13.12 58.92
CA LEU C 314 -5.39 14.38 58.19
C LEU C 314 -6.17 15.34 59.09
N ALA C 315 -7.08 14.82 59.91
CA ALA C 315 -7.95 15.63 60.80
C ALA C 315 -7.11 16.65 61.55
N GLU C 316 -6.08 16.21 62.27
CA GLU C 316 -5.26 17.06 63.21
C GLU C 316 -4.46 18.16 62.49
N GLN C 317 -4.06 17.93 61.23
CA GLN C 317 -3.08 18.80 60.53
C GLN C 317 -3.71 20.15 60.19
N THR C 318 -2.85 21.17 60.10
CA THR C 318 -3.20 22.52 59.58
C THR C 318 -2.41 22.76 58.29
N TYR C 319 -3.15 23.08 57.21
CA TYR C 319 -2.68 23.17 55.82
C TYR C 319 -2.59 24.64 55.40
N LEU C 320 -1.42 25.05 54.90
CA LEU C 320 -1.23 26.33 54.21
C LEU C 320 -0.76 26.09 52.76
N PHE C 321 -1.50 26.66 51.81
CA PHE C 321 -1.22 26.72 50.35
C PHE C 321 -0.70 28.11 49.94
N LEU C 322 0.37 28.15 49.16
CA LEU C 322 0.63 29.28 48.26
C LEU C 322 0.06 28.90 46.88
N GLY C 323 -0.84 29.72 46.36
CA GLY C 323 -1.47 29.57 45.04
C GLY C 323 -2.86 28.95 45.12
N ALA C 324 -3.91 29.77 44.93
CA ALA C 324 -5.34 29.38 45.03
C ALA C 324 -5.93 29.28 43.62
N GLY C 325 -5.33 28.46 42.76
CA GLY C 325 -5.82 28.26 41.39
C GLY C 325 -6.55 26.94 41.28
N GLU C 326 -6.41 26.30 40.12
CA GLU C 326 -6.89 24.92 39.84
C GLU C 326 -6.33 23.98 40.92
N ALA C 327 -5.04 23.70 40.89
CA ALA C 327 -4.38 22.71 41.77
C ALA C 327 -4.60 23.12 43.24
N GLY C 328 -4.47 24.41 43.54
CA GLY C 328 -4.72 24.96 44.89
C GLY C 328 -6.04 24.43 45.47
N THR C 329 -7.16 24.99 45.01
CA THR C 329 -8.52 24.67 45.51
C THR C 329 -8.79 23.18 45.29
N GLY C 330 -8.39 22.65 44.15
CA GLY C 330 -8.55 21.23 43.78
C GLY C 330 -7.95 20.28 44.80
N ILE C 331 -6.68 20.47 45.16
CA ILE C 331 -5.99 19.63 46.18
C ILE C 331 -6.76 19.79 47.49
N ALA C 332 -7.04 21.03 47.87
CA ALA C 332 -7.69 21.38 49.16
C ALA C 332 -9.03 20.63 49.27
N GLU C 333 -9.87 20.72 48.25
CA GLU C 333 -11.21 20.10 48.26
C GLU C 333 -11.10 18.58 48.42
N LEU C 334 -10.10 17.94 47.82
CA LEU C 334 -9.94 16.47 47.94
C LEU C 334 -9.43 16.12 49.33
N ILE C 335 -8.75 17.05 49.99
CA ILE C 335 -8.22 16.82 51.36
C ILE C 335 -9.42 16.85 52.32
N ALA C 336 -10.20 17.94 52.26
CA ALA C 336 -11.41 18.17 53.10
C ALA C 336 -12.36 16.98 52.91
N LEU C 337 -12.54 16.50 51.69
CA LEU C 337 -13.38 15.31 51.41
C LEU C 337 -12.82 14.09 52.17
N GLU C 338 -11.53 13.78 52.06
CA GLU C 338 -10.94 12.59 52.71
C GLU C 338 -11.15 12.71 54.23
N ILE C 339 -11.08 13.93 54.77
CA ILE C 339 -11.33 14.23 56.22
C ILE C 339 -12.80 13.90 56.55
N SER C 340 -13.74 14.42 55.76
CA SER C 340 -15.19 14.13 55.89
C SER C 340 -15.45 12.61 55.91
N LYS C 341 -14.75 11.82 55.11
CA LYS C 341 -14.96 10.36 55.04
C LYS C 341 -14.31 9.70 56.27
N GLN C 342 -13.34 10.34 56.91
CA GLN C 342 -12.63 9.73 58.06
C GLN C 342 -13.24 10.18 59.39
N THR C 343 -13.88 11.34 59.42
CA THR C 343 -14.47 11.97 60.64
C THR C 343 -16.00 11.91 60.63
N ASN C 344 -16.60 11.89 59.45
CA ASN C 344 -18.06 11.89 59.22
C ASN C 344 -18.59 13.31 59.50
N ALA C 345 -17.73 14.31 59.51
CA ALA C 345 -18.18 15.71 59.54
C ALA C 345 -18.68 16.13 58.16
N PRO C 346 -19.58 17.15 58.07
CA PRO C 346 -19.93 17.75 56.79
C PRO C 346 -18.69 18.39 56.14
N ILE C 347 -18.63 18.43 54.81
CA ILE C 347 -17.50 19.05 54.06
C ILE C 347 -17.33 20.50 54.56
N GLU C 348 -18.42 21.25 54.73
CA GLU C 348 -18.42 22.71 55.02
C GLU C 348 -17.85 22.94 56.43
N GLU C 349 -17.52 21.89 57.17
CA GLU C 349 -16.73 22.00 58.43
C GLU C 349 -15.29 21.65 58.12
N CYS C 350 -15.04 20.66 57.26
CA CYS C 350 -13.73 19.95 57.10
C CYS C 350 -12.62 20.88 56.56
N ARG C 351 -13.01 22.06 56.08
CA ARG C 351 -12.12 23.08 55.51
C ARG C 351 -11.61 24.07 56.58
N LYS C 352 -12.08 24.04 57.83
CA LYS C 352 -11.73 25.08 58.83
C LYS C 352 -10.21 25.11 59.05
N LYS C 353 -9.48 23.99 58.92
CA LYS C 353 -8.01 23.91 59.17
C LYS C 353 -7.17 23.93 57.87
N VAL C 354 -7.78 24.36 56.75
CA VAL C 354 -7.14 24.47 55.40
C VAL C 354 -7.23 25.93 54.95
N TRP C 355 -6.07 26.56 54.74
CA TRP C 355 -5.91 28.01 54.42
C TRP C 355 -5.09 28.17 53.14
N LEU C 356 -5.56 28.99 52.20
CA LEU C 356 -4.82 29.29 50.94
C LEU C 356 -4.45 30.77 50.89
N VAL C 357 -3.23 31.04 50.37
CA VAL C 357 -2.68 32.40 50.16
C VAL C 357 -2.44 32.63 48.66
N ASP C 358 -3.13 33.63 48.13
CA ASP C 358 -3.06 34.05 46.71
C ASP C 358 -2.14 35.28 46.60
N SER C 359 -2.14 35.89 45.41
CA SER C 359 -1.39 37.12 45.05
C SER C 359 -1.66 38.25 46.06
N LYS C 360 -2.91 38.41 46.51
CA LYS C 360 -3.33 39.56 47.37
C LYS C 360 -3.17 39.19 48.87
N GLY C 361 -2.76 37.96 49.19
CA GLY C 361 -2.47 37.48 50.56
C GLY C 361 -3.36 36.33 51.01
N LEU C 362 -3.56 36.17 52.32
CA LEU C 362 -4.43 35.11 52.90
C LEU C 362 -5.88 35.35 52.47
N ILE C 363 -6.53 34.32 51.93
CA ILE C 363 -7.97 34.35 51.60
C ILE C 363 -8.77 34.32 52.91
N VAL C 364 -9.48 35.43 53.17
CA VAL C 364 -10.24 35.67 54.44
C VAL C 364 -11.67 36.12 54.07
N ASP C 365 -12.64 35.89 54.97
CA ASP C 365 -14.08 36.13 54.73
C ASP C 365 -14.36 37.63 54.51
N SER C 366 -13.62 38.51 55.22
CA SER C 366 -13.71 39.98 55.08
C SER C 366 -13.50 40.40 53.63
N ARG C 367 -12.93 39.54 52.79
CA ARG C 367 -12.59 39.83 51.38
C ARG C 367 -13.62 39.23 50.40
N LYS C 368 -14.63 38.49 50.88
CA LYS C 368 -15.51 37.67 49.99
C LYS C 368 -16.57 38.55 49.29
N GLY C 369 -16.76 39.78 49.74
CA GLY C 369 -17.62 40.81 49.11
C GLY C 369 -17.08 41.29 47.77
N SER C 370 -16.00 40.69 47.25
CA SER C 370 -15.53 40.81 45.83
C SER C 370 -14.44 39.76 45.54
N LEU C 371 -14.77 38.50 45.77
CA LEU C 371 -13.88 37.32 45.58
C LEU C 371 -14.32 36.57 44.33
N GLN C 372 -13.47 35.69 43.81
CA GLN C 372 -13.80 34.72 42.73
C GLN C 372 -14.62 33.61 43.38
N PRO C 373 -15.58 32.95 42.70
CA PRO C 373 -16.49 31.99 43.35
C PRO C 373 -15.82 30.80 44.06
N PHE C 374 -14.84 30.15 43.43
CA PHE C 374 -14.21 28.88 43.90
C PHE C 374 -13.24 29.12 45.04
N LYS C 375 -13.17 30.35 45.56
CA LYS C 375 -12.31 30.76 46.71
C LYS C 375 -13.14 30.91 47.98
N LYS C 376 -14.43 31.28 47.85
CA LYS C 376 -15.34 31.58 48.99
C LYS C 376 -15.34 30.46 50.03
N PRO C 377 -15.38 29.17 49.63
CA PRO C 377 -15.31 28.07 50.58
C PRO C 377 -14.03 27.99 51.43
N TRP C 378 -13.01 28.78 51.12
CA TRP C 378 -11.73 28.78 51.86
C TRP C 378 -11.54 30.08 52.66
N ALA C 379 -12.49 31.00 52.49
CA ALA C 379 -12.55 32.32 53.15
C ALA C 379 -12.99 32.17 54.62
N HIS C 380 -12.17 31.57 55.46
CA HIS C 380 -12.41 31.42 56.91
C HIS C 380 -12.26 32.80 57.57
N GLU C 381 -12.29 32.85 58.91
CA GLU C 381 -12.24 34.13 59.67
C GLU C 381 -10.88 34.30 60.34
N HIS C 382 -10.22 35.42 60.02
CA HIS C 382 -8.85 35.81 60.44
C HIS C 382 -8.62 37.28 60.09
N GLU C 383 -7.55 37.93 60.55
CA GLU C 383 -7.24 39.28 60.05
C GLU C 383 -6.56 39.12 58.70
N PRO C 384 -6.77 40.03 57.70
CA PRO C 384 -6.03 39.99 56.44
C PRO C 384 -4.52 39.93 56.70
N LEU C 385 -3.82 38.95 56.14
CA LEU C 385 -2.34 38.80 56.25
C LEU C 385 -1.74 39.00 54.85
N LYS C 386 -0.58 39.65 54.77
CA LYS C 386 -0.10 40.35 53.56
C LYS C 386 0.78 39.37 52.77
N THR C 387 1.75 38.72 53.42
CA THR C 387 2.67 37.78 52.73
C THR C 387 2.52 36.37 53.28
N LEU C 388 2.92 35.35 52.50
CA LEU C 388 2.98 33.93 52.93
C LEU C 388 3.78 33.85 54.23
N TYR C 389 4.85 34.61 54.37
CA TYR C 389 5.64 34.56 55.62
C TYR C 389 4.78 34.93 56.84
N ASP C 390 3.92 35.94 56.71
CA ASP C 390 3.03 36.39 57.82
C ASP C 390 2.02 35.30 58.13
N ALA C 391 1.38 34.76 57.10
CA ALA C 391 0.45 33.61 57.24
C ALA C 391 1.21 32.46 57.92
N VAL C 392 2.42 32.07 57.46
CA VAL C 392 3.10 30.86 58.01
C VAL C 392 3.21 31.05 59.52
N GLN C 393 3.49 32.28 59.96
CA GLN C 393 3.77 32.58 61.39
C GLN C 393 2.47 32.59 62.18
N SER C 394 1.38 33.16 61.61
CA SER C 394 0.06 33.32 62.28
C SER C 394 -0.67 31.96 62.33
N ILE C 395 -0.82 31.27 61.18
CA ILE C 395 -1.58 29.98 61.04
C ILE C 395 -0.79 28.85 61.69
N LYS C 396 0.53 28.92 61.72
CA LYS C 396 1.41 27.89 62.34
C LYS C 396 1.08 26.53 61.76
N PRO C 397 1.10 26.38 60.41
CA PRO C 397 0.70 25.14 59.77
C PRO C 397 1.62 23.93 60.01
N THR C 398 1.08 22.73 59.83
CA THR C 398 1.83 21.43 59.91
C THR C 398 2.21 20.99 58.50
N VAL C 399 1.51 21.52 57.49
CA VAL C 399 1.68 21.16 56.05
C VAL C 399 1.66 22.44 55.20
N LEU C 400 2.76 22.67 54.47
CA LEU C 400 2.96 23.82 53.57
C LEU C 400 3.07 23.30 52.14
N ILE C 401 2.08 23.61 51.31
CA ILE C 401 1.95 23.15 49.90
C ILE C 401 2.01 24.36 48.98
N GLY C 402 2.89 24.31 47.98
CA GLY C 402 3.08 25.39 47.00
C GLY C 402 2.56 24.98 45.64
N THR C 403 1.57 25.73 45.16
CA THR C 403 0.99 25.58 43.80
C THR C 403 0.95 26.95 43.13
N SER C 404 2.00 27.74 43.23
CA SER C 404 2.02 29.19 42.87
C SER C 404 2.35 29.36 41.39
N GLY C 405 3.12 28.43 40.85
CA GLY C 405 3.80 28.56 39.55
C GLY C 405 5.04 29.45 39.63
N VAL C 406 5.50 29.82 40.83
CA VAL C 406 6.59 30.83 41.05
C VAL C 406 7.72 30.18 41.85
N GLY C 407 8.93 30.26 41.34
CA GLY C 407 10.10 29.61 41.94
C GLY C 407 10.56 30.37 43.16
N ARG C 408 11.15 29.64 44.10
CA ARG C 408 11.96 30.18 45.23
C ARG C 408 11.09 31.15 46.05
N THR C 409 9.80 30.83 46.24
CA THR C 409 8.84 31.59 47.11
C THR C 409 8.77 30.97 48.52
N PHE C 410 9.20 29.71 48.63
CA PHE C 410 9.52 29.02 49.91
C PHE C 410 10.96 29.35 50.29
N THR C 411 11.11 30.46 51.04
CA THR C 411 12.37 31.15 51.42
C THR C 411 13.00 30.44 52.62
N LYS C 412 14.24 30.75 52.97
CA LYS C 412 14.89 30.19 54.19
C LYS C 412 14.10 30.59 55.43
N GLU C 413 13.63 31.83 55.52
CA GLU C 413 12.78 32.37 56.64
C GLU C 413 11.54 31.50 56.82
N ILE C 414 10.92 31.11 55.70
CA ILE C 414 9.66 30.34 55.66
C ILE C 414 9.92 28.89 56.06
N ILE C 415 10.89 28.21 55.44
CA ILE C 415 11.26 26.80 55.83
C ILE C 415 11.79 26.79 57.26
N GLU C 416 12.53 27.81 57.68
CA GLU C 416 13.08 27.88 59.07
C GLU C 416 11.92 28.05 60.04
N ALA C 417 11.01 28.99 59.77
CA ALA C 417 9.77 29.21 60.54
C ALA C 417 9.03 27.89 60.68
N MET C 418 8.77 27.17 59.59
CA MET C 418 8.06 25.87 59.57
C MET C 418 8.80 24.80 60.37
N SER C 419 10.14 24.84 60.38
CA SER C 419 11.00 23.84 61.08
C SER C 419 11.00 24.12 62.58
N SER C 420 10.62 25.35 62.95
CA SER C 420 10.67 25.89 64.34
C SER C 420 9.48 25.39 65.16
N PHE C 421 8.25 25.36 64.62
CA PHE C 421 7.02 24.97 65.38
C PHE C 421 6.68 23.48 65.20
N ASN C 422 6.85 22.97 63.99
CA ASN C 422 6.72 21.52 63.68
C ASN C 422 8.10 20.86 63.87
N GLU C 423 8.10 19.61 64.35
CA GLU C 423 9.35 18.83 64.57
C GLU C 423 9.74 18.19 63.24
N ARG C 424 8.77 17.77 62.43
CA ARG C 424 8.99 17.23 61.06
C ARG C 424 7.98 17.89 60.12
N PRO C 425 8.21 19.15 59.66
CA PRO C 425 7.23 19.86 58.81
C PRO C 425 7.11 19.27 57.40
N ILE C 426 5.89 19.08 56.94
CA ILE C 426 5.55 18.57 55.58
C ILE C 426 5.57 19.76 54.62
N ILE C 427 6.59 19.79 53.76
CA ILE C 427 6.75 20.82 52.68
C ILE C 427 6.62 20.11 51.33
N PHE C 428 5.66 20.59 50.55
CA PHE C 428 5.27 20.10 49.20
C PHE C 428 5.42 21.28 48.23
N SER C 429 6.48 21.18 47.40
CA SER C 429 6.84 22.18 46.38
C SER C 429 6.42 21.66 45.00
N LEU C 430 5.19 21.96 44.60
CA LEU C 430 4.49 21.21 43.53
C LEU C 430 4.80 21.82 42.16
N SER C 431 4.96 23.15 42.07
CA SER C 431 5.10 23.86 40.76
C SER C 431 6.22 23.22 39.90
N ASN C 432 6.06 23.32 38.58
CA ASN C 432 6.98 22.79 37.52
C ASN C 432 7.19 23.86 36.45
N PRO C 433 8.31 23.83 35.71
CA PRO C 433 9.35 22.83 35.90
C PRO C 433 10.28 23.25 37.06
N THR C 434 11.49 22.66 37.14
CA THR C 434 12.44 22.79 38.28
C THR C 434 12.66 24.28 38.59
N SER C 435 12.86 25.10 37.57
CA SER C 435 13.07 26.56 37.67
C SER C 435 11.91 27.27 38.36
N HIS C 436 10.72 26.70 38.40
CA HIS C 436 9.54 27.32 39.08
C HIS C 436 9.19 26.64 40.42
N SER C 437 9.93 25.59 40.82
CA SER C 437 9.83 24.93 42.14
C SER C 437 9.89 26.02 43.23
N GLU C 438 8.96 25.99 44.17
CA GLU C 438 8.86 26.96 45.31
C GLU C 438 10.11 26.88 46.20
N CYS C 439 10.74 25.71 46.27
CA CYS C 439 12.11 25.55 46.80
C CYS C 439 12.71 24.30 46.18
N THR C 440 14.03 24.14 46.31
CA THR C 440 14.79 22.93 45.91
C THR C 440 14.68 21.90 47.03
N ALA C 441 15.05 20.66 46.75
CA ALA C 441 15.26 19.61 47.78
C ALA C 441 16.44 19.98 48.68
N GLU C 442 17.53 20.54 48.12
CA GLU C 442 18.70 20.96 48.94
C GLU C 442 18.28 22.04 49.95
N GLN C 443 17.48 23.04 49.57
CA GLN C 443 17.09 24.19 50.44
C GLN C 443 16.26 23.68 51.62
N ALA C 444 15.26 22.84 51.33
CA ALA C 444 14.25 22.31 52.28
C ALA C 444 14.92 21.48 53.37
N TYR C 445 15.84 20.57 53.02
CA TYR C 445 16.60 19.73 53.99
C TYR C 445 17.66 20.54 54.76
N THR C 446 18.31 21.52 54.14
CA THR C 446 19.30 22.40 54.83
C THR C 446 18.59 23.36 55.79
N TRP C 447 17.62 24.14 55.32
CA TRP C 447 16.92 25.21 56.10
C TRP C 447 16.01 24.64 57.21
N SER C 448 15.82 23.31 57.22
CA SER C 448 14.99 22.60 58.22
C SER C 448 15.84 21.64 59.04
N GLN C 449 17.17 21.72 58.97
CA GLN C 449 18.15 20.85 59.71
C GLN C 449 17.82 19.36 59.51
N GLY C 450 17.45 18.96 58.28
CA GLY C 450 17.22 17.55 57.90
C GLY C 450 15.93 16.97 58.45
N ARG C 451 14.98 17.83 58.86
CA ARG C 451 13.81 17.39 59.66
C ARG C 451 12.52 17.46 58.82
N SER C 452 12.53 18.14 57.67
CA SER C 452 11.34 18.25 56.77
C SER C 452 11.08 16.91 56.06
N ILE C 453 9.80 16.59 55.88
CA ILE C 453 9.28 15.61 54.89
C ILE C 453 8.95 16.42 53.63
N PHE C 454 9.81 16.25 52.62
CA PHE C 454 9.80 17.04 51.38
C PHE C 454 9.39 16.18 50.19
N ALA C 455 8.56 16.77 49.33
CA ALA C 455 8.27 16.26 47.98
C ALA C 455 7.93 17.44 47.06
N SER C 456 8.14 17.27 45.75
CA SER C 456 8.07 18.33 44.72
C SER C 456 7.54 17.77 43.41
N GLY C 457 7.11 18.65 42.51
CA GLY C 457 6.59 18.29 41.18
C GLY C 457 7.65 17.77 40.22
N SER C 458 8.81 18.43 40.22
CA SER C 458 9.91 18.14 39.25
C SER C 458 11.01 17.36 39.97
N PRO C 459 11.74 16.44 39.33
CA PRO C 459 12.67 15.56 40.03
C PRO C 459 13.88 16.36 40.54
N PHE C 460 14.41 15.98 41.72
CA PHE C 460 15.66 16.49 42.34
C PHE C 460 16.52 15.29 42.73
N ALA C 461 17.82 15.39 42.50
CA ALA C 461 18.74 14.27 42.83
C ALA C 461 18.74 14.12 44.35
N PRO C 462 19.17 12.95 44.86
CA PRO C 462 19.33 12.75 46.30
C PRO C 462 20.16 13.89 46.89
N VAL C 463 19.81 14.34 48.11
CA VAL C 463 20.31 15.57 48.80
C VAL C 463 21.08 15.07 50.04
N GLU C 464 22.34 15.48 50.20
CA GLU C 464 23.18 15.06 51.36
C GLU C 464 23.28 16.22 52.36
N TYR C 465 23.00 15.92 53.63
CA TYR C 465 23.03 16.86 54.79
C TYR C 465 23.50 16.04 56.00
N GLU C 466 24.63 16.49 56.58
CA GLU C 466 25.30 15.87 57.75
C GLU C 466 25.46 14.36 57.54
N GLY C 467 26.03 13.95 56.40
CA GLY C 467 26.59 12.61 56.18
C GLY C 467 25.52 11.55 56.01
N LYS C 468 24.30 11.98 55.69
CA LYS C 468 23.14 11.11 55.42
C LYS C 468 22.53 11.52 54.05
N THR C 469 21.87 10.57 53.37
CA THR C 469 21.20 10.73 52.03
C THR C 469 19.67 10.87 52.20
N PHE C 470 19.08 11.94 51.65
CA PHE C 470 17.61 12.16 51.57
C PHE C 470 17.20 12.03 50.09
N VAL C 471 16.31 11.09 49.77
CA VAL C 471 15.72 10.87 48.42
C VAL C 471 14.35 11.52 48.37
N PRO C 472 14.21 12.80 47.96
CA PRO C 472 12.93 13.47 48.07
C PRO C 472 11.97 12.82 47.09
N GLY C 473 10.72 12.57 47.49
CA GLY C 473 9.74 11.94 46.59
C GLY C 473 9.28 12.92 45.54
N GLN C 474 8.78 12.39 44.41
CA GLN C 474 8.16 13.22 43.34
C GLN C 474 6.63 13.18 43.42
N SER C 475 6.05 14.25 43.97
CA SER C 475 4.61 14.45 44.12
C SER C 475 4.11 15.07 42.83
N ASN C 476 4.05 14.25 41.78
CA ASN C 476 3.63 14.60 40.40
C ASN C 476 2.54 13.62 39.95
N ASN C 477 1.51 14.13 39.25
CA ASN C 477 0.28 13.34 38.96
C ASN C 477 0.60 12.14 38.06
N ALA C 478 1.82 12.01 37.55
CA ALA C 478 2.34 10.88 36.75
C ALA C 478 2.30 9.56 37.53
N TYR C 479 2.26 9.60 38.86
CA TYR C 479 2.10 8.41 39.74
C TYR C 479 0.64 7.90 39.74
N ILE C 480 -0.33 8.78 39.41
CA ILE C 480 -1.81 8.59 39.58
C ILE C 480 -2.44 8.29 38.21
N PHE C 481 -2.33 9.19 37.21
CA PHE C 481 -3.23 9.20 36.02
C PHE C 481 -2.99 7.94 35.19
N PRO C 482 -1.76 7.38 35.05
CA PRO C 482 -1.57 6.12 34.36
C PRO C 482 -2.42 4.98 34.92
N GLY C 483 -2.36 4.73 36.22
CA GLY C 483 -3.26 3.77 36.89
C GLY C 483 -4.75 4.17 36.82
N LEU C 484 -5.09 5.44 37.06
CA LEU C 484 -6.50 5.92 37.11
C LEU C 484 -7.12 5.80 35.73
N GLY C 485 -6.38 6.14 34.69
CA GLY C 485 -6.84 6.00 33.28
C GLY C 485 -7.13 4.55 32.93
N LEU C 486 -6.13 3.66 33.11
CA LEU C 486 -6.21 2.20 32.85
C LEU C 486 -7.46 1.66 33.56
N GLY C 487 -7.70 2.13 34.80
CA GLY C 487 -8.87 1.73 35.60
C GLY C 487 -10.19 2.14 34.96
N LEU C 488 -10.37 3.41 34.61
CA LEU C 488 -11.59 3.91 33.92
C LEU C 488 -11.84 3.07 32.65
N VAL C 489 -10.79 2.71 31.93
CA VAL C 489 -10.91 1.90 30.68
C VAL C 489 -11.30 0.47 31.05
N ILE C 490 -10.49 -0.29 31.80
CA ILE C 490 -10.69 -1.77 31.96
C ILE C 490 -12.01 -2.08 32.68
N SER C 491 -12.68 -1.08 33.26
CA SER C 491 -13.97 -1.17 33.98
C SER C 491 -15.09 -0.64 33.09
N GLY C 492 -14.74 0.13 32.08
CA GLY C 492 -15.72 0.78 31.21
C GLY C 492 -16.50 1.85 31.95
N ALA C 493 -15.86 2.52 32.89
CA ALA C 493 -16.49 3.65 33.61
C ALA C 493 -16.97 4.70 32.60
N VAL C 494 -18.11 5.32 32.86
CA VAL C 494 -18.80 6.30 31.96
C VAL C 494 -18.76 7.69 32.61
N ARG C 495 -18.32 7.76 33.86
CA ARG C 495 -18.17 9.04 34.60
C ARG C 495 -17.01 8.93 35.59
N VAL C 496 -16.40 10.06 35.91
CA VAL C 496 -15.35 10.15 36.96
C VAL C 496 -15.99 10.68 38.24
N HIS C 497 -15.79 9.96 39.36
CA HIS C 497 -16.41 10.29 40.68
C HIS C 497 -15.31 10.64 41.68
N GLU C 498 -15.48 11.76 42.39
CA GLU C 498 -14.56 12.22 43.45
C GLU C 498 -14.10 10.99 44.25
N ASP C 499 -14.98 10.02 44.49
CA ASP C 499 -14.61 8.81 45.29
C ASP C 499 -13.50 7.98 44.62
N MET C 500 -13.26 8.11 43.31
CA MET C 500 -12.23 7.35 42.55
C MET C 500 -10.85 8.00 42.75
N LEU C 501 -10.82 9.33 42.79
CA LEU C 501 -9.62 10.10 43.16
C LEU C 501 -9.14 9.60 44.52
N LEU C 502 -10.04 9.40 45.48
CA LEU C 502 -9.68 8.95 46.86
C LEU C 502 -9.18 7.51 46.80
N ALA C 503 -9.86 6.66 46.04
CA ALA C 503 -9.55 5.22 45.87
C ALA C 503 -8.12 5.08 45.37
N ALA C 504 -7.75 5.96 44.44
CA ALA C 504 -6.41 6.06 43.83
C ALA C 504 -5.40 6.48 44.90
N SER C 505 -5.69 7.60 45.55
CA SER C 505 -4.84 8.19 46.60
C SER C 505 -4.50 7.08 47.61
N LYS C 506 -5.52 6.38 48.11
CA LYS C 506 -5.36 5.25 49.06
C LYS C 506 -4.40 4.23 48.44
N ALA C 507 -4.61 3.85 47.18
CA ALA C 507 -3.92 2.72 46.52
C ALA C 507 -2.42 3.02 46.45
N LEU C 508 -2.09 4.27 46.11
CA LEU C 508 -0.69 4.72 45.96
C LEU C 508 -0.02 4.70 47.33
N ALA C 509 -0.69 5.37 48.28
CA ALA C 509 -0.23 5.53 49.68
C ALA C 509 0.06 4.15 50.26
N ASP C 510 -0.75 3.14 49.90
CA ASP C 510 -0.67 1.77 50.49
C ASP C 510 0.45 0.99 49.80
N GLN C 511 1.10 1.56 48.79
CA GLN C 511 2.30 1.00 48.14
C GLN C 511 3.58 1.57 48.78
N ALA C 512 3.46 2.64 49.57
CA ALA C 512 4.58 3.30 50.28
C ALA C 512 4.98 2.46 51.49
N THR C 513 6.13 1.80 51.41
CA THR C 513 6.64 0.91 52.47
C THR C 513 7.80 1.62 53.19
N GLN C 514 8.43 0.93 54.12
CA GLN C 514 9.61 1.38 54.89
C GLN C 514 10.84 1.53 53.98
N ASP C 515 10.92 0.71 52.92
CA ASP C 515 12.09 0.68 52.00
C ASP C 515 12.31 2.11 51.51
N ASN C 516 11.22 2.80 51.14
CA ASN C 516 11.29 4.16 50.58
C ASN C 516 11.19 5.18 51.71
N PHE C 517 10.48 4.88 52.80
CA PHE C 517 10.40 5.78 53.99
C PHE C 517 11.78 5.95 54.64
N GLU C 518 12.52 4.84 54.82
CA GLU C 518 13.94 4.83 55.28
C GLU C 518 14.69 6.00 54.65
N LYS C 519 14.68 6.13 53.33
CA LYS C 519 15.45 7.16 52.57
C LYS C 519 14.73 8.52 52.56
N GLY C 520 13.60 8.69 53.25
CA GLY C 520 12.91 10.00 53.36
C GLY C 520 11.95 10.26 52.20
N SER C 521 11.56 9.22 51.45
CA SER C 521 10.67 9.30 50.25
C SER C 521 9.26 8.81 50.60
N ILE C 522 8.26 9.68 50.36
CA ILE C 522 6.84 9.36 50.62
C ILE C 522 6.33 8.34 49.59
N PHE C 523 6.99 8.20 48.45
CA PHE C 523 6.56 7.29 47.36
C PHE C 523 7.65 6.29 47.05
N PRO C 524 7.28 5.11 46.51
CA PRO C 524 8.29 4.15 46.11
C PRO C 524 8.94 4.65 44.82
N PRO C 525 10.10 4.10 44.43
CA PRO C 525 10.78 4.56 43.23
C PRO C 525 9.92 4.25 41.99
N PHE C 526 10.15 4.93 40.87
CA PHE C 526 9.40 4.73 39.60
C PHE C 526 9.69 3.35 39.01
N THR C 527 10.77 2.71 39.42
CA THR C 527 11.10 1.29 39.10
C THR C 527 9.97 0.32 39.50
N SER C 528 8.89 0.79 40.16
CA SER C 528 7.74 -0.06 40.63
C SER C 528 6.42 0.40 40.00
N ILE C 529 6.45 1.40 39.10
CA ILE C 529 5.25 2.12 38.61
C ILE C 529 4.30 1.14 37.88
N ARG C 530 4.81 0.01 37.41
CA ARG C 530 3.97 -1.04 36.80
C ARG C 530 3.08 -1.67 37.89
N LYS C 531 3.69 -2.10 38.99
CA LYS C 531 2.95 -2.61 40.17
C LYS C 531 1.98 -1.50 40.66
N ILE C 532 2.43 -0.26 40.87
CA ILE C 532 1.58 0.85 41.40
C ILE C 532 0.34 1.08 40.53
N SER C 533 0.50 1.08 39.21
CA SER C 533 -0.56 1.42 38.24
C SER C 533 -1.65 0.34 38.30
N ALA C 534 -1.25 -0.93 38.41
CA ALA C 534 -2.17 -2.10 38.52
C ALA C 534 -3.03 -1.95 39.78
N HIS C 535 -2.40 -1.70 40.93
CA HIS C 535 -3.09 -1.49 42.23
C HIS C 535 -3.98 -0.24 42.14
N ILE C 536 -3.55 0.85 41.52
CA ILE C 536 -4.42 2.06 41.39
C ILE C 536 -5.58 1.69 40.45
N ALA C 537 -5.30 0.99 39.36
CA ALA C 537 -6.34 0.63 38.38
C ALA C 537 -7.41 -0.21 39.09
N ALA C 538 -6.99 -1.28 39.80
CA ALA C 538 -7.88 -2.25 40.49
C ALA C 538 -8.79 -1.48 41.45
N ALA C 539 -8.22 -0.52 42.20
CA ALA C 539 -8.97 0.33 43.16
C ALA C 539 -9.97 1.23 42.44
N VAL C 540 -9.57 1.94 41.39
CA VAL C 540 -10.44 2.94 40.69
C VAL C 540 -11.56 2.20 39.95
N ALA C 541 -11.31 0.95 39.56
CA ALA C 541 -12.28 0.06 38.89
C ALA C 541 -13.29 -0.43 39.92
N ALA C 542 -12.78 -0.94 41.04
CA ALA C 542 -13.57 -1.44 42.19
C ALA C 542 -14.56 -0.35 42.60
N LYS C 543 -14.09 0.89 42.72
CA LYS C 543 -14.91 2.07 43.11
C LYS C 543 -15.94 2.36 42.02
N ALA C 544 -15.58 2.13 40.75
CA ALA C 544 -16.45 2.39 39.59
C ALA C 544 -17.65 1.44 39.66
N TYR C 545 -17.38 0.15 39.94
CA TYR C 545 -18.38 -0.93 40.12
C TYR C 545 -19.28 -0.63 41.33
N GLU C 546 -18.67 -0.46 42.50
CA GLU C 546 -19.36 -0.04 43.76
C GLU C 546 -20.31 1.12 43.45
N LEU C 547 -19.84 2.24 42.91
CA LEU C 547 -20.72 3.41 42.55
C LEU C 547 -21.69 3.06 41.40
N GLY C 548 -21.58 1.86 40.81
CA GLY C 548 -22.35 1.45 39.63
C GLY C 548 -22.26 2.46 38.50
N LEU C 549 -21.03 2.81 38.09
CA LEU C 549 -20.75 3.61 36.87
C LEU C 549 -19.97 2.77 35.84
N ALA C 550 -19.57 1.54 36.21
CA ALA C 550 -18.84 0.58 35.35
C ALA C 550 -19.81 -0.06 34.37
N THR C 551 -19.34 -0.48 33.18
CA THR C 551 -20.15 -1.18 32.14
C THR C 551 -19.47 -2.49 31.70
N ARG C 552 -18.27 -2.83 32.16
CA ARG C 552 -17.67 -4.17 31.92
C ARG C 552 -18.17 -5.13 33.00
N LEU C 553 -19.41 -5.62 32.90
CA LEU C 553 -20.05 -6.52 33.91
C LEU C 553 -19.90 -7.95 33.42
N PRO C 554 -19.71 -8.98 34.29
CA PRO C 554 -19.51 -8.78 35.73
C PRO C 554 -18.09 -8.32 36.00
N PRO C 555 -17.79 -7.74 37.19
CA PRO C 555 -16.41 -7.41 37.55
C PRO C 555 -15.60 -8.69 37.68
N PRO C 556 -14.32 -8.69 37.28
CA PRO C 556 -13.47 -9.88 37.45
C PRO C 556 -13.34 -10.22 38.93
N SER C 557 -13.01 -11.48 39.24
CA SER C 557 -12.74 -11.93 40.63
C SER C 557 -11.57 -11.12 41.21
N ASP C 558 -10.43 -11.07 40.49
CA ASP C 558 -9.10 -10.55 40.93
C ASP C 558 -8.74 -9.29 40.12
N LEU C 559 -9.23 -8.11 40.51
CA LEU C 559 -9.12 -6.85 39.74
C LEU C 559 -7.65 -6.44 39.51
N VAL C 560 -6.72 -6.84 40.37
CA VAL C 560 -5.28 -6.53 40.22
C VAL C 560 -4.68 -7.37 39.07
N LYS C 561 -4.83 -8.70 39.11
CA LYS C 561 -4.26 -9.61 38.08
C LYS C 561 -4.90 -9.31 36.72
N TYR C 562 -6.16 -8.87 36.66
CA TYR C 562 -6.85 -8.49 35.40
C TYR C 562 -6.18 -7.23 34.84
N ALA C 563 -6.02 -6.20 35.66
CA ALA C 563 -5.38 -4.93 35.29
C ALA C 563 -3.97 -5.19 34.75
N GLU C 564 -3.20 -6.11 35.37
CA GLU C 564 -1.81 -6.45 34.93
C GLU C 564 -1.84 -7.17 33.59
N ASN C 565 -2.89 -7.94 33.31
CA ASN C 565 -3.04 -8.73 32.07
C ASN C 565 -3.52 -7.83 30.94
N CYS C 566 -4.17 -6.70 31.23
CA CYS C 566 -4.62 -5.70 30.22
C CYS C 566 -3.49 -4.76 29.82
N MET C 567 -2.28 -4.95 30.32
CA MET C 567 -1.20 -3.95 30.21
C MET C 567 -0.39 -4.25 28.95
N TYR C 568 -0.24 -3.23 28.11
CA TYR C 568 0.65 -3.23 26.93
C TYR C 568 2.04 -3.66 27.38
N THR C 569 2.69 -4.55 26.66
CA THR C 569 4.15 -4.84 26.83
C THR C 569 4.83 -4.41 25.53
N PRO C 570 5.96 -3.69 25.61
CA PRO C 570 6.66 -3.28 24.40
C PRO C 570 7.74 -4.27 23.95
N VAL C 571 7.80 -5.48 24.50
CA VAL C 571 8.61 -6.59 23.94
C VAL C 571 8.24 -6.77 22.45
N TYR C 572 9.22 -7.08 21.60
CA TYR C 572 9.03 -7.23 20.13
C TYR C 572 8.07 -8.38 19.80
N ARG C 573 7.08 -8.05 18.98
CA ARG C 573 6.12 -8.92 18.26
C ARG C 573 6.88 -9.85 17.30
N ASN C 574 6.40 -11.08 17.11
CA ASN C 574 7.04 -12.08 16.21
C ASN C 574 6.27 -12.15 14.89
N TYR C 575 6.98 -11.97 13.76
CA TYR C 575 6.42 -11.97 12.38
C TYR C 575 6.95 -13.20 11.62
N ARG C 576 6.28 -14.38 11.68
CA ARG C 576 6.86 -15.75 11.51
C ARG C 576 8.15 -15.83 12.35
N GLU D 12 24.81 -2.25 -34.88
CA GLU D 12 24.31 -2.94 -33.67
C GLU D 12 24.08 -1.87 -32.58
N LYS D 13 24.86 -1.87 -31.49
CA LYS D 13 24.76 -0.98 -30.29
C LYS D 13 23.63 -1.44 -29.35
N GLU D 14 22.36 -1.37 -29.80
CA GLU D 14 21.16 -1.86 -29.05
C GLU D 14 21.11 -3.40 -29.07
N GLN D 15 21.94 -4.07 -28.25
CA GLN D 15 21.92 -5.56 -28.07
C GLN D 15 20.88 -5.88 -27.00
N GLU D 16 19.61 -5.89 -27.38
CA GLU D 16 18.45 -6.24 -26.52
C GLU D 16 18.28 -7.75 -26.47
N GLU D 17 19.32 -8.51 -26.87
CA GLU D 17 19.34 -9.99 -26.87
C GLU D 17 19.39 -10.47 -25.43
N ALA D 18 20.21 -9.81 -24.59
CA ALA D 18 20.42 -10.12 -23.16
C ALA D 18 19.25 -9.58 -22.31
N ALA D 19 18.41 -8.66 -22.84
CA ALA D 19 17.23 -8.06 -22.16
C ALA D 19 15.97 -8.90 -22.40
N ALA D 20 15.90 -9.68 -23.48
CA ALA D 20 14.82 -10.64 -23.78
C ALA D 20 15.31 -12.07 -23.44
N ALA D 21 16.41 -12.18 -22.67
CA ALA D 21 16.82 -13.39 -21.91
C ALA D 21 16.64 -13.12 -20.40
N SER D 22 15.81 -12.11 -20.04
CA SER D 22 15.30 -11.82 -18.66
C SER D 22 13.88 -12.39 -18.55
N GLU D 23 13.76 -13.71 -18.45
CA GLU D 23 12.44 -14.40 -18.35
C GLU D 23 12.33 -15.12 -17.00
N GLU D 24 13.34 -15.89 -16.58
CA GLU D 24 13.49 -16.44 -15.19
C GLU D 24 14.32 -15.46 -14.33
N LEU D 25 14.33 -14.18 -14.68
CA LEU D 25 14.87 -13.11 -13.79
C LEU D 25 13.94 -12.98 -12.59
N PRO D 26 14.42 -13.07 -11.32
CA PRO D 26 13.59 -12.69 -10.19
C PRO D 26 13.04 -11.28 -10.43
N VAL D 27 11.75 -11.05 -10.16
CA VAL D 27 11.18 -9.66 -10.14
C VAL D 27 10.26 -9.53 -8.93
N MET D 28 10.04 -8.31 -8.48
CA MET D 28 9.16 -8.00 -7.35
C MET D 28 7.88 -7.42 -7.94
N PRO D 29 6.68 -7.95 -7.58
CA PRO D 29 5.42 -7.32 -8.00
C PRO D 29 5.11 -6.00 -7.27
N TRP D 30 5.55 -4.88 -7.80
CA TRP D 30 5.36 -3.51 -7.24
C TRP D 30 3.90 -3.12 -7.45
N ALA D 31 3.27 -2.48 -6.47
CA ALA D 31 1.96 -1.82 -6.67
C ALA D 31 2.14 -0.30 -6.53
N THR D 32 1.52 0.49 -7.39
CA THR D 32 1.57 1.97 -7.30
C THR D 32 0.23 2.49 -6.77
N SER D 33 0.27 3.38 -5.78
CA SER D 33 -0.93 3.96 -5.12
C SER D 33 -0.68 5.42 -4.76
N VAL D 34 -1.73 6.24 -4.81
CA VAL D 34 -1.63 7.70 -4.46
C VAL D 34 -1.23 7.77 -2.98
N ALA D 35 -0.17 8.49 -2.63
CA ALA D 35 0.23 8.78 -1.24
C ALA D 35 -0.58 9.93 -0.63
N SER D 36 -1.05 9.72 0.59
CA SER D 36 -1.74 10.73 1.44
C SER D 36 -1.52 10.40 2.93
N GLY D 37 -1.98 11.29 3.83
CA GLY D 37 -1.80 11.19 5.29
C GLY D 37 -0.42 10.72 5.68
N TYR D 38 -0.31 9.80 6.64
CA TYR D 38 0.99 9.37 7.25
C TYR D 38 1.87 8.62 6.22
N THR D 39 1.30 7.99 5.18
CA THR D 39 2.12 7.32 4.11
C THR D 39 2.99 8.38 3.44
N LEU D 40 2.37 9.50 3.01
CA LEU D 40 3.04 10.67 2.37
C LEU D 40 4.09 11.27 3.32
N LEU D 41 3.77 11.54 4.58
CA LEU D 41 4.68 12.21 5.55
C LEU D 41 5.90 11.32 5.83
N ARG D 42 5.72 10.00 5.91
CA ARG D 42 6.82 9.03 6.20
C ARG D 42 7.64 8.70 4.94
N ASP D 43 7.22 9.17 3.76
CA ASP D 43 7.93 9.04 2.46
C ASP D 43 8.92 10.21 2.26
N PRO D 44 10.22 9.93 2.36
CA PRO D 44 11.21 10.98 2.21
C PRO D 44 11.13 11.67 0.85
N HIS D 45 11.08 10.90 -0.25
CA HIS D 45 11.04 11.41 -1.65
C HIS D 45 10.03 12.58 -1.78
N HIS D 46 8.84 12.47 -1.18
CA HIS D 46 7.76 13.47 -1.34
C HIS D 46 7.63 14.38 -0.12
N ASN D 47 7.98 13.91 1.07
CA ASN D 47 7.54 14.59 2.32
C ASN D 47 8.07 16.03 2.32
N LYS D 48 7.17 17.01 2.40
CA LYS D 48 7.52 18.45 2.49
C LYS D 48 7.37 18.97 3.92
N GLY D 49 7.04 18.13 4.93
CA GLY D 49 6.77 18.65 6.30
C GLY D 49 5.90 19.90 6.26
N LEU D 50 6.15 20.91 7.09
CA LEU D 50 5.28 22.11 7.21
C LEU D 50 5.21 22.93 5.91
N ALA D 51 5.97 22.57 4.88
CA ALA D 51 6.04 23.30 3.60
C ALA D 51 4.88 22.87 2.70
N PHE D 52 4.22 21.76 3.04
CA PHE D 52 2.90 21.37 2.43
C PHE D 52 1.91 22.54 2.53
N THR D 53 1.48 23.05 1.38
CA THR D 53 0.54 24.18 1.28
C THR D 53 -0.82 23.76 1.86
N GLU D 54 -1.62 24.73 2.31
CA GLU D 54 -2.99 24.50 2.86
C GLU D 54 -3.76 23.54 1.92
N GLU D 55 -3.76 23.86 0.61
CA GLU D 55 -4.48 23.15 -0.48
C GLU D 55 -3.98 21.72 -0.55
N GLU D 56 -2.67 21.49 -0.41
CA GLU D 56 -2.05 20.14 -0.47
C GLU D 56 -2.49 19.29 0.72
N ARG D 57 -2.65 19.91 1.90
CA ARG D 57 -3.03 19.24 3.17
C ARG D 57 -4.50 18.75 3.10
N ASP D 58 -5.43 19.64 2.71
CA ASP D 58 -6.86 19.28 2.46
C ASP D 58 -6.90 18.12 1.46
N GLY D 59 -6.17 18.28 0.37
CA GLY D 59 -6.09 17.33 -0.75
C GLY D 59 -5.62 15.96 -0.31
N HIS D 60 -4.71 15.85 0.65
CA HIS D 60 -4.00 14.56 0.92
C HIS D 60 -4.15 14.14 2.37
N TYR D 61 -5.20 14.62 3.04
CA TYR D 61 -5.57 14.14 4.40
C TYR D 61 -4.39 14.34 5.36
N LEU D 62 -3.83 15.54 5.30
CA LEU D 62 -2.78 16.00 6.25
C LEU D 62 -3.42 16.92 7.31
N ARG D 63 -4.50 17.63 6.97
CA ARG D 63 -5.15 18.61 7.87
C ARG D 63 -5.25 17.93 9.25
N GLY D 64 -4.67 18.55 10.28
CA GLY D 64 -4.66 18.02 11.65
C GLY D 64 -3.34 17.36 12.01
N LEU D 65 -2.76 16.57 11.10
CA LEU D 65 -1.47 15.84 11.34
C LEU D 65 -0.32 16.84 11.36
N LEU D 66 -0.47 18.02 10.74
CA LEU D 66 0.47 19.16 10.83
C LEU D 66 -0.16 20.30 11.61
N PRO D 67 0.64 21.09 12.32
CA PRO D 67 0.15 22.34 12.91
C PRO D 67 -0.38 23.28 11.83
N PRO D 68 -1.17 24.30 12.15
CA PRO D 68 -1.72 25.23 11.14
C PRO D 68 -0.71 25.96 10.23
N ALA D 69 0.47 26.29 10.76
CA ALA D 69 1.53 27.09 10.10
C ALA D 69 2.08 26.37 8.85
N VAL D 70 2.13 27.12 7.74
CA VAL D 70 2.82 26.73 6.49
C VAL D 70 4.13 27.51 6.38
N LEU D 71 5.25 26.78 6.42
CA LEU D 71 6.62 27.31 6.15
C LEU D 71 6.95 27.21 4.65
N SER D 72 7.77 28.13 4.17
CA SER D 72 8.53 28.00 2.91
C SER D 72 9.69 27.00 3.08
N GLN D 73 10.28 26.57 1.96
CA GLN D 73 11.50 25.74 1.97
C GLN D 73 12.64 26.55 2.59
N GLU D 74 12.66 27.88 2.37
CA GLU D 74 13.77 28.80 2.76
C GLU D 74 13.79 28.92 4.28
N LEU D 75 12.61 29.15 4.87
CA LEU D 75 12.42 29.19 6.33
C LEU D 75 12.85 27.83 6.89
N GLN D 76 12.48 26.73 6.23
CA GLN D 76 12.88 25.35 6.65
C GLN D 76 14.41 25.28 6.76
N ILE D 77 15.13 25.80 5.75
CA ILE D 77 16.62 25.76 5.66
C ILE D 77 17.16 26.53 6.86
N LYS D 78 16.68 27.75 7.07
CA LYS D 78 17.11 28.66 8.18
C LYS D 78 16.95 27.91 9.51
N LYS D 79 15.80 27.23 9.69
CA LYS D 79 15.42 26.50 10.91
C LYS D 79 16.34 25.30 11.12
N PHE D 80 16.54 24.45 10.12
CA PHE D 80 17.43 23.28 10.27
C PHE D 80 18.86 23.78 10.55
N MET D 81 19.30 24.83 9.84
CA MET D 81 20.69 25.35 9.97
C MET D 81 20.86 25.75 11.44
N ASN D 82 19.88 26.47 12.00
CA ASN D 82 19.92 26.99 13.39
C ASN D 82 20.12 25.82 14.37
N THR D 83 19.35 24.73 14.26
CA THR D 83 19.43 23.55 15.17
C THR D 83 20.65 22.68 14.85
N LEU D 84 21.22 22.79 13.66
CA LEU D 84 22.42 21.99 13.31
C LEU D 84 23.63 22.53 14.08
N ARG D 85 23.66 23.85 14.30
CA ARG D 85 24.80 24.54 14.94
C ARG D 85 24.81 24.30 16.46
N GLN D 86 23.72 23.80 17.05
CA GLN D 86 23.72 23.54 18.52
C GLN D 86 24.35 22.17 18.79
N TYR D 87 24.39 21.27 17.82
CA TYR D 87 25.14 19.98 17.97
C TYR D 87 26.62 20.38 17.97
N GLN D 88 27.43 19.76 18.80
CA GLN D 88 28.74 20.38 19.05
C GLN D 88 29.86 19.42 18.67
N THR D 89 29.67 18.10 18.63
CA THR D 89 30.60 17.24 17.86
C THR D 89 30.20 17.34 16.38
N PRO D 90 31.16 17.16 15.43
CA PRO D 90 30.82 17.03 14.03
C PRO D 90 29.95 15.79 13.78
N LEU D 91 30.32 14.63 14.34
CA LEU D 91 29.54 13.37 14.24
C LEU D 91 28.06 13.61 14.57
N GLN D 92 27.73 14.39 15.60
CA GLN D 92 26.31 14.75 15.92
C GLN D 92 25.67 15.53 14.76
N ARG D 93 26.39 16.40 14.07
CA ARG D 93 25.82 17.11 12.89
C ARG D 93 25.71 16.16 11.68
N TYR D 94 26.58 15.15 11.56
CA TYR D 94 26.48 14.07 10.53
C TYR D 94 25.20 13.26 10.77
N ILE D 95 24.90 12.93 12.03
CA ILE D 95 23.69 12.13 12.39
C ILE D 95 22.46 12.96 12.04
N ALA D 96 22.47 14.26 12.34
CA ALA D 96 21.30 15.16 12.08
C ALA D 96 21.10 15.30 10.58
N MET D 97 22.20 15.23 9.80
CA MET D 97 22.18 15.41 8.33
C MET D 97 21.58 14.16 7.71
N MET D 98 22.02 12.96 8.15
CA MET D 98 21.57 11.64 7.60
C MET D 98 20.11 11.43 7.93
N ASN D 99 19.69 11.76 9.15
CA ASN D 99 18.26 11.80 9.57
C ASN D 99 17.42 12.66 8.60
N LEU D 100 17.82 13.89 8.27
CA LEU D 100 17.05 14.79 7.35
C LEU D 100 17.01 14.20 5.93
N GLN D 101 18.15 13.70 5.44
CA GLN D 101 18.21 13.03 4.10
C GLN D 101 17.09 12.01 4.00
N GLU D 102 16.83 11.30 5.12
CA GLU D 102 15.91 10.14 5.20
C GLU D 102 14.55 10.55 5.78
N THR D 103 14.14 11.83 5.70
CA THR D 103 12.78 12.28 6.13
C THR D 103 12.20 13.29 5.13
N ASP D 104 13.06 14.20 4.64
CA ASP D 104 12.73 15.19 3.60
C ASP D 104 13.96 15.34 2.69
N GLU D 105 13.95 14.63 1.57
CA GLU D 105 15.09 14.49 0.62
C GLU D 105 15.28 15.83 -0.10
N ARG D 106 14.18 16.49 -0.46
CA ARG D 106 14.26 17.78 -1.17
C ARG D 106 14.82 18.88 -0.26
N LEU D 107 14.42 18.93 1.02
CA LEU D 107 14.95 19.92 1.98
C LEU D 107 16.44 19.64 2.24
N PHE D 108 16.80 18.36 2.39
CA PHE D 108 18.18 17.90 2.61
C PHE D 108 19.09 18.38 1.50
N TYR D 109 18.68 18.18 0.23
CA TYR D 109 19.54 18.57 -0.92
C TYR D 109 19.52 20.10 -1.05
N LYS D 110 18.37 20.76 -0.99
CA LYS D 110 18.31 22.25 -1.17
C LYS D 110 19.16 22.94 -0.09
N LEU D 111 19.18 22.39 1.12
CA LEU D 111 20.00 22.92 2.23
C LEU D 111 21.48 22.68 1.90
N LEU D 112 21.87 21.43 1.64
CA LEU D 112 23.27 21.02 1.36
C LEU D 112 23.86 21.90 0.26
N ILE D 113 23.16 22.10 -0.86
CA ILE D 113 23.65 22.95 -1.99
C ILE D 113 23.88 24.38 -1.48
N ASP D 114 22.83 25.02 -0.95
CA ASP D 114 22.88 26.46 -0.56
C ASP D 114 23.91 26.71 0.54
N ASN D 115 24.41 25.67 1.22
CA ASN D 115 25.30 25.78 2.41
C ASN D 115 26.47 24.80 2.23
N VAL D 116 26.92 24.58 0.99
CA VAL D 116 27.80 23.42 0.64
C VAL D 116 29.18 23.52 1.33
N VAL D 117 29.70 24.74 1.46
CA VAL D 117 31.07 24.99 2.03
C VAL D 117 31.05 24.67 3.53
N GLU D 118 29.96 25.08 4.21
CA GLU D 118 29.79 24.95 5.69
C GLU D 118 29.53 23.48 6.07
N LEU D 119 28.79 22.75 5.24
CA LEU D 119 28.19 21.43 5.56
C LEU D 119 29.05 20.28 5.02
N LEU D 120 29.87 20.53 4.01
CA LEU D 120 30.56 19.44 3.26
C LEU D 120 31.49 18.65 4.19
N PRO D 121 32.16 19.31 5.16
CA PRO D 121 33.07 18.57 6.04
C PRO D 121 32.33 17.61 6.98
N PHE D 122 31.00 17.78 7.12
CA PHE D 122 30.14 17.01 8.07
C PHE D 122 29.54 15.77 7.38
N VAL D 123 29.05 15.89 6.13
CA VAL D 123 28.48 14.76 5.34
C VAL D 123 29.58 13.97 4.60
N TYR D 124 30.72 14.63 4.33
CA TYR D 124 31.89 14.12 3.55
C TYR D 124 33.15 14.22 4.42
N THR D 125 34.32 14.04 3.85
CA THR D 125 35.61 14.09 4.58
C THR D 125 35.72 15.47 5.28
N PRO D 126 36.13 15.52 6.58
CA PRO D 126 36.60 14.34 7.34
C PRO D 126 35.63 13.55 8.25
N THR D 127 34.46 14.13 8.55
CA THR D 127 33.45 13.59 9.48
C THR D 127 33.06 12.17 9.09
N VAL D 128 32.86 11.96 7.80
CA VAL D 128 32.28 10.72 7.20
C VAL D 128 33.21 9.55 7.56
N GLY D 129 34.46 9.86 7.95
CA GLY D 129 35.45 8.86 8.35
C GLY D 129 35.09 8.32 9.72
N GLU D 130 34.91 9.22 10.69
CA GLU D 130 34.48 8.89 12.07
C GLU D 130 33.16 8.12 11.99
N ALA D 131 32.20 8.61 11.19
CA ALA D 131 30.89 7.97 11.00
C ALA D 131 31.12 6.50 10.66
N CYS D 132 32.09 6.20 9.80
CA CYS D 132 32.37 4.79 9.36
C CYS D 132 33.00 3.98 10.49
N GLN D 133 33.80 4.61 11.34
CA GLN D 133 34.52 3.90 12.42
C GLN D 133 33.51 3.50 13.50
N LYS D 134 32.46 4.31 13.67
CA LYS D 134 31.44 4.17 14.73
C LYS D 134 30.07 3.87 14.11
N TYR D 135 30.00 3.32 12.90
CA TYR D 135 28.75 3.18 12.11
C TYR D 135 27.76 2.32 12.90
N GLY D 136 28.26 1.22 13.45
CA GLY D 136 27.45 0.22 14.18
C GLY D 136 26.73 0.82 15.38
N SER D 137 27.37 1.74 16.07
CA SER D 137 26.90 2.31 17.36
C SER D 137 26.06 3.58 17.13
N ILE D 138 25.94 4.06 15.89
CA ILE D 138 25.16 5.27 15.53
C ILE D 138 23.69 4.87 15.32
N PHE D 139 22.76 5.74 15.76
CA PHE D 139 21.30 5.69 15.48
C PHE D 139 21.12 5.60 13.96
N ARG D 140 20.44 4.53 13.54
CA ARG D 140 20.44 4.01 12.16
C ARG D 140 19.03 4.15 11.56
N ARG D 141 18.81 5.18 10.75
CA ARG D 141 17.77 5.18 9.68
C ARG D 141 18.43 4.41 8.53
N PRO D 142 17.84 3.33 7.97
CA PRO D 142 18.54 2.52 6.95
C PRO D 142 18.80 3.26 5.62
N GLN D 143 19.99 3.01 5.06
CA GLN D 143 20.52 3.65 3.83
C GLN D 143 21.36 2.63 3.04
N GLY D 144 21.20 2.63 1.72
CA GLY D 144 21.92 1.74 0.79
C GLY D 144 21.57 0.27 0.94
N LEU D 145 22.24 -0.56 0.16
CA LEU D 145 21.94 -2.00 0.08
C LEU D 145 23.20 -2.80 0.46
N TYR D 146 23.07 -3.81 1.30
CA TYR D 146 24.21 -4.66 1.73
C TYR D 146 24.07 -6.04 1.07
N VAL D 147 25.05 -6.41 0.27
CA VAL D 147 25.16 -7.79 -0.29
C VAL D 147 26.24 -8.58 0.46
N SER D 148 25.87 -9.57 1.25
CA SER D 148 26.84 -10.36 2.04
C SER D 148 27.29 -11.59 1.24
N LEU D 149 28.30 -12.27 1.77
CA LEU D 149 28.78 -13.61 1.31
C LEU D 149 27.63 -14.61 1.35
N LYS D 150 26.65 -14.39 2.22
CA LYS D 150 25.56 -15.38 2.38
C LYS D 150 24.37 -14.98 1.51
N ASP D 151 24.58 -14.08 0.55
CA ASP D 151 23.58 -13.71 -0.49
C ASP D 151 24.03 -14.30 -1.82
N LYS D 152 25.06 -15.17 -1.82
CA LYS D 152 25.59 -15.73 -3.09
C LYS D 152 24.65 -16.85 -3.55
N GLY D 153 24.43 -16.97 -4.84
CA GLY D 153 23.28 -17.68 -5.42
C GLY D 153 22.08 -16.76 -5.55
N LYS D 154 21.93 -15.75 -4.68
CA LYS D 154 20.65 -14.99 -4.55
C LYS D 154 20.91 -13.49 -4.62
N VAL D 155 22.02 -13.07 -5.23
CA VAL D 155 22.38 -11.63 -5.31
C VAL D 155 21.28 -10.88 -6.07
N LEU D 156 20.72 -11.47 -7.11
CA LEU D 156 19.66 -10.83 -7.92
C LEU D 156 18.45 -10.59 -7.05
N GLU D 157 18.11 -11.60 -6.22
CA GLU D 157 16.99 -11.55 -5.23
C GLU D 157 17.16 -10.30 -4.36
N VAL D 158 18.40 -10.00 -3.95
CA VAL D 158 18.73 -8.85 -3.07
C VAL D 158 18.51 -7.56 -3.87
N LEU D 159 19.00 -7.51 -5.10
CA LEU D 159 18.88 -6.30 -5.95
C LEU D 159 17.39 -5.96 -6.09
N ARG D 160 16.59 -7.01 -6.21
CA ARG D 160 15.17 -6.92 -6.58
C ARG D 160 14.43 -6.13 -5.49
N ASN D 161 14.96 -6.19 -4.27
CA ASN D 161 14.33 -5.61 -3.06
C ASN D 161 14.44 -4.07 -3.12
N TRP D 162 15.40 -3.51 -3.86
CA TRP D 162 15.54 -2.04 -3.94
C TRP D 162 14.32 -1.49 -4.68
N PRO D 163 13.62 -0.48 -4.11
CA PRO D 163 12.38 0.03 -4.67
C PRO D 163 12.48 1.08 -5.77
N HIS D 164 13.59 1.14 -6.50
CA HIS D 164 13.80 1.90 -7.75
C HIS D 164 14.43 0.98 -8.81
N ARG D 165 13.81 0.92 -10.00
CA ARG D 165 14.24 0.00 -11.09
C ARG D 165 15.27 0.70 -12.01
N ASN D 166 15.11 2.01 -12.21
CA ASN D 166 15.88 2.84 -13.19
C ASN D 166 17.19 3.35 -12.53
N ILE D 167 18.18 2.50 -12.33
CA ILE D 167 19.47 2.88 -11.66
C ILE D 167 20.49 3.26 -12.75
N GLN D 168 21.09 4.46 -12.63
CA GLN D 168 22.10 5.04 -13.57
C GLN D 168 23.50 5.05 -12.95
N VAL D 169 23.61 5.36 -11.66
CA VAL D 169 24.88 5.44 -10.88
C VAL D 169 24.81 4.48 -9.68
N ILE D 170 25.69 3.49 -9.65
CA ILE D 170 25.96 2.65 -8.46
C ILE D 170 27.28 3.13 -7.88
N CYS D 171 27.38 3.17 -6.54
CA CYS D 171 28.62 3.43 -5.81
C CYS D 171 28.84 2.29 -4.81
N VAL D 172 29.90 1.53 -4.94
CA VAL D 172 30.07 0.23 -4.21
C VAL D 172 31.43 0.16 -3.55
N THR D 173 31.50 -0.32 -2.30
CA THR D 173 32.78 -0.55 -1.54
C THR D 173 32.76 -1.94 -0.91
N ASP D 174 33.91 -2.56 -0.66
CA ASP D 174 33.92 -3.82 0.15
C ASP D 174 34.52 -3.48 1.51
N GLY D 175 34.77 -2.19 1.73
CA GLY D 175 35.15 -1.61 3.03
C GLY D 175 36.61 -1.83 3.40
N GLU D 176 37.43 -2.40 2.50
CA GLU D 176 38.82 -2.89 2.82
C GLU D 176 39.75 -1.71 3.09
N ARG D 177 39.58 -0.55 2.43
CA ARG D 177 40.46 0.63 2.64
C ARG D 177 39.62 1.89 2.69
N ILE D 178 38.86 2.11 3.76
CA ILE D 178 38.01 3.32 3.89
C ILE D 178 38.93 4.50 4.21
N LEU D 179 39.02 5.47 3.29
CA LEU D 179 39.96 6.63 3.38
C LEU D 179 41.35 6.10 3.80
N GLY D 180 42.08 6.80 4.67
CA GLY D 180 43.34 6.27 5.24
C GLY D 180 43.14 5.55 6.57
N LEU D 181 41.93 5.02 6.85
CA LEU D 181 41.58 4.39 8.17
C LEU D 181 41.68 2.86 8.10
N GLY D 182 41.99 2.30 6.93
CA GLY D 182 42.06 0.84 6.71
C GLY D 182 40.69 0.18 6.65
N ASP D 183 40.64 -1.07 7.16
CA ASP D 183 39.52 -2.04 7.02
C ASP D 183 38.39 -1.75 8.04
N LEU D 184 37.26 -1.25 7.58
CA LEU D 184 36.07 -1.01 8.44
C LEU D 184 34.96 -1.99 8.04
N GLY D 185 35.35 -3.05 7.32
CA GLY D 185 34.40 -4.08 6.85
C GLY D 185 33.09 -3.44 6.45
N CYS D 186 31.98 -4.02 6.92
CA CYS D 186 30.60 -3.69 6.49
C CYS D 186 30.24 -2.23 6.84
N GLN D 187 31.01 -1.58 7.73
CA GLN D 187 30.71 -0.20 8.19
C GLN D 187 31.26 0.81 7.14
N GLY D 188 31.86 0.32 6.05
CA GLY D 188 32.31 1.15 4.92
C GLY D 188 31.14 1.93 4.25
N MET D 189 29.90 1.50 4.49
CA MET D 189 28.71 2.04 3.78
C MET D 189 28.67 3.59 3.83
N GLY D 190 29.30 4.22 4.82
CA GLY D 190 29.19 5.67 4.98
C GLY D 190 29.67 6.39 3.73
N ILE D 191 30.65 5.79 3.05
CA ILE D 191 31.39 6.34 1.87
C ILE D 191 30.44 6.34 0.66
N PRO D 192 30.00 5.17 0.15
CA PRO D 192 29.08 5.16 -0.98
C PRO D 192 27.91 6.10 -0.77
N VAL D 193 27.36 6.16 0.45
CA VAL D 193 26.16 6.99 0.74
C VAL D 193 26.59 8.46 0.62
N GLY D 194 27.80 8.75 1.05
CA GLY D 194 28.36 10.11 0.97
C GLY D 194 28.56 10.52 -0.47
N LYS D 195 29.30 9.70 -1.23
CA LYS D 195 29.65 9.98 -2.63
C LYS D 195 28.36 10.33 -3.37
N LEU D 196 27.35 9.47 -3.23
CA LEU D 196 26.12 9.54 -4.04
C LEU D 196 25.30 10.78 -3.67
N ALA D 197 25.32 11.22 -2.42
CA ALA D 197 24.68 12.49 -2.01
C ALA D 197 25.34 13.62 -2.79
N LEU D 198 26.66 13.50 -3.00
CA LEU D 198 27.49 14.54 -3.68
C LEU D 198 27.17 14.47 -5.18
N TYR D 199 27.07 13.26 -5.71
CA TYR D 199 26.62 13.05 -7.11
C TYR D 199 25.38 13.89 -7.39
N THR D 200 24.50 14.07 -6.39
CA THR D 200 23.23 14.81 -6.55
C THR D 200 23.47 16.31 -6.30
N ALA D 201 24.12 16.63 -5.18
CA ALA D 201 24.30 18.01 -4.71
C ALA D 201 25.26 18.74 -5.64
N LEU D 202 26.38 18.09 -6.02
CA LEU D 202 27.49 18.69 -6.82
C LEU D 202 27.27 18.48 -8.32
N GLY D 203 26.80 17.28 -8.70
CA GLY D 203 26.71 16.85 -10.12
C GLY D 203 25.32 17.04 -10.74
N GLY D 204 24.25 16.95 -9.94
CA GLY D 204 22.86 17.13 -10.39
C GLY D 204 22.21 15.84 -10.85
N VAL D 205 22.83 14.69 -10.61
CA VAL D 205 22.19 13.35 -10.80
C VAL D 205 20.94 13.28 -9.92
N ASP D 206 19.80 12.84 -10.41
CA ASP D 206 18.59 12.58 -9.56
C ASP D 206 18.92 11.57 -8.46
N PRO D 207 18.46 11.78 -7.21
CA PRO D 207 18.77 10.85 -6.12
C PRO D 207 18.27 9.43 -6.42
N SER D 208 17.12 9.33 -7.06
CA SER D 208 16.36 8.07 -7.20
C SER D 208 17.06 7.12 -8.16
N VAL D 209 18.00 7.61 -8.98
CA VAL D 209 18.76 6.77 -9.95
C VAL D 209 20.09 6.32 -9.32
N CYS D 210 20.36 6.70 -8.06
CA CYS D 210 21.64 6.44 -7.34
C CYS D 210 21.45 5.31 -6.35
N LEU D 211 22.39 4.35 -6.25
CA LEU D 211 22.21 3.12 -5.44
C LEU D 211 23.49 2.83 -4.66
N PRO D 212 23.54 3.15 -3.35
CA PRO D 212 24.74 2.88 -2.57
C PRO D 212 24.79 1.41 -2.20
N ILE D 213 25.87 0.71 -2.50
CA ILE D 213 26.02 -0.74 -2.19
C ILE D 213 27.26 -0.98 -1.33
N THR D 214 27.19 -1.93 -0.43
CA THR D 214 28.38 -2.45 0.29
C THR D 214 28.43 -3.96 0.08
N ILE D 215 29.58 -4.48 -0.29
CA ILE D 215 29.79 -5.95 -0.38
C ILE D 215 30.46 -6.40 0.92
N ASP D 216 29.76 -7.11 1.80
CA ASP D 216 30.36 -7.62 3.08
C ASP D 216 30.91 -9.02 2.83
N VAL D 217 32.23 -9.18 2.96
CA VAL D 217 32.90 -10.51 2.80
C VAL D 217 33.64 -10.84 4.10
N GLY D 218 33.37 -10.07 5.16
CA GLY D 218 34.14 -10.11 6.41
C GLY D 218 35.03 -8.90 6.55
N THR D 219 35.83 -8.87 7.61
CA THR D 219 36.76 -7.76 7.93
C THR D 219 37.90 -8.38 8.76
N ASN D 220 39.09 -7.79 8.71
CA ASN D 220 40.27 -8.25 9.49
C ASN D 220 40.50 -7.37 10.73
N ASN D 221 39.84 -6.19 10.76
CA ASN D 221 39.76 -5.30 11.94
C ASN D 221 39.32 -6.10 13.18
N GLU D 222 40.27 -6.49 14.04
CA GLU D 222 40.06 -7.32 15.26
C GLU D 222 39.17 -6.57 16.26
N LYS D 223 39.33 -5.24 16.35
CA LYS D 223 38.47 -4.29 17.13
C LYS D 223 36.99 -4.48 16.77
N LEU D 224 36.67 -4.60 15.48
CA LEU D 224 35.28 -4.68 14.99
C LEU D 224 34.74 -6.10 15.13
N LEU D 225 35.57 -7.12 15.00
CA LEU D 225 35.16 -8.54 15.23
C LEU D 225 34.67 -8.69 16.67
N ASN D 226 35.31 -8.01 17.62
CA ASN D 226 35.04 -8.16 19.07
C ASN D 226 34.11 -7.06 19.56
N ASP D 227 33.82 -6.05 18.75
CA ASP D 227 32.82 -4.99 19.06
C ASP D 227 31.44 -5.60 18.86
N GLU D 228 30.56 -5.47 19.86
CA GLU D 228 29.21 -6.10 19.89
C GLU D 228 28.22 -5.29 19.03
N PHE D 229 28.56 -4.09 18.52
CA PHE D 229 27.65 -3.29 17.64
C PHE D 229 28.06 -3.36 16.16
N TYR D 230 29.09 -4.14 15.83
CA TYR D 230 29.51 -4.32 14.42
C TYR D 230 28.33 -4.97 13.71
N ILE D 231 27.96 -4.39 12.57
CA ILE D 231 26.75 -4.72 11.77
C ILE D 231 27.11 -5.75 10.70
N GLY D 232 28.36 -6.15 10.56
CA GLY D 232 28.76 -7.11 9.50
C GLY D 232 28.91 -8.54 10.00
N LEU D 233 29.29 -9.45 9.12
CA LEU D 233 29.61 -10.87 9.45
C LEU D 233 30.83 -10.88 10.37
N ARG D 234 30.72 -11.51 11.54
CA ARG D 234 31.85 -11.71 12.51
C ARG D 234 32.78 -12.80 11.99
N GLN D 235 33.48 -12.51 10.88
CA GLN D 235 34.51 -13.42 10.30
C GLN D 235 35.56 -12.58 9.57
N LYS D 236 36.77 -13.12 9.40
CA LYS D 236 37.91 -12.47 8.72
C LYS D 236 37.58 -12.51 7.22
N ARG D 237 38.16 -11.63 6.40
CA ARG D 237 37.78 -11.49 4.96
C ARG D 237 37.99 -12.83 4.24
N ALA D 238 37.02 -13.23 3.42
CA ALA D 238 37.17 -14.27 2.37
C ALA D 238 38.12 -13.77 1.29
N THR D 239 39.01 -14.65 0.82
CA THR D 239 40.07 -14.37 -0.18
C THR D 239 39.89 -15.27 -1.42
N GLY D 240 40.62 -14.96 -2.50
CA GLY D 240 40.73 -15.79 -3.71
C GLY D 240 39.37 -16.23 -4.26
N GLU D 241 39.26 -17.53 -4.54
CA GLU D 241 38.06 -18.24 -5.11
C GLU D 241 36.77 -17.66 -4.53
N GLU D 242 36.60 -17.74 -3.20
CA GLU D 242 35.31 -17.43 -2.52
C GLU D 242 34.94 -15.96 -2.77
N TYR D 243 35.89 -15.04 -2.58
CA TYR D 243 35.70 -13.59 -2.85
C TYR D 243 35.24 -13.42 -4.29
N ASP D 244 36.05 -13.92 -5.22
CA ASP D 244 35.92 -13.66 -6.68
C ASP D 244 34.50 -13.99 -7.14
N GLU D 245 33.96 -15.15 -6.75
CA GLU D 245 32.63 -15.64 -7.20
C GLU D 245 31.52 -14.65 -6.83
N LEU D 246 31.57 -14.13 -5.61
CA LEU D 246 30.58 -13.12 -5.17
C LEU D 246 30.67 -11.92 -6.12
N ILE D 247 31.88 -11.44 -6.38
CA ILE D 247 32.07 -10.23 -7.21
C ILE D 247 31.50 -10.48 -8.61
N GLU D 248 31.84 -11.61 -9.24
CA GLU D 248 31.53 -11.83 -10.67
C GLU D 248 30.02 -12.10 -10.78
N GLU D 249 29.41 -12.58 -9.68
CA GLU D 249 27.95 -12.80 -9.62
C GLU D 249 27.27 -11.43 -9.43
N PHE D 250 27.88 -10.59 -8.58
CA PHE D 250 27.43 -9.19 -8.36
C PHE D 250 27.42 -8.46 -9.70
N MET D 251 28.56 -8.55 -10.42
CA MET D 251 28.80 -7.81 -11.69
C MET D 251 27.86 -8.38 -12.77
N SER D 252 27.65 -9.70 -12.79
CA SER D 252 26.60 -10.34 -13.62
C SER D 252 25.25 -9.67 -13.32
N ALA D 253 24.83 -9.74 -12.05
CA ALA D 253 23.48 -9.38 -11.57
C ALA D 253 23.17 -7.92 -11.85
N VAL D 254 24.15 -7.05 -11.70
CA VAL D 254 23.99 -5.60 -11.92
C VAL D 254 23.62 -5.40 -13.39
N LYS D 255 24.32 -6.13 -14.28
CA LYS D 255 24.21 -6.09 -15.75
C LYS D 255 22.78 -6.45 -16.13
N GLN D 256 22.29 -7.60 -15.62
CA GLN D 256 20.96 -8.20 -15.94
C GLN D 256 19.88 -7.21 -15.50
N PHE D 257 20.01 -6.64 -14.32
CA PHE D 257 18.96 -5.80 -13.72
C PHE D 257 18.99 -4.40 -14.37
N TYR D 258 20.15 -3.74 -14.42
CA TYR D 258 20.26 -2.29 -14.69
C TYR D 258 20.74 -2.03 -16.12
N GLY D 259 21.26 -3.06 -16.79
CA GLY D 259 21.79 -2.97 -18.17
C GLY D 259 23.28 -2.64 -18.17
N GLU D 260 23.80 -2.22 -19.31
CA GLU D 260 25.25 -1.98 -19.50
C GLU D 260 25.55 -0.48 -19.30
N LYS D 261 24.64 0.43 -19.68
CA LYS D 261 24.78 1.91 -19.48
C LYS D 261 24.85 2.34 -17.98
N VAL D 262 24.74 1.43 -17.02
CA VAL D 262 24.82 1.78 -15.58
C VAL D 262 26.30 1.95 -15.18
N LEU D 263 26.61 3.13 -14.63
CA LEU D 263 27.92 3.48 -14.06
C LEU D 263 28.11 2.71 -12.75
N ILE D 264 29.18 1.93 -12.64
CA ILE D 264 29.58 1.22 -11.39
C ILE D 264 30.88 1.88 -10.90
N GLN D 265 30.78 2.77 -9.90
CA GLN D 265 31.91 3.50 -9.25
C GLN D 265 32.38 2.67 -8.05
N PHE D 266 33.53 2.02 -8.18
CA PHE D 266 34.25 1.33 -7.09
C PHE D 266 34.89 2.36 -6.15
N GLU D 267 34.78 2.12 -4.83
CA GLU D 267 35.32 3.00 -3.75
C GLU D 267 36.06 2.13 -2.74
N ASP D 268 37.28 2.53 -2.41
CA ASP D 268 37.99 2.07 -1.20
C ASP D 268 38.11 0.54 -1.18
N PHE D 269 38.53 -0.07 -2.30
CA PHE D 269 39.07 -1.44 -2.33
C PHE D 269 40.59 -1.37 -2.13
N ALA D 270 41.22 -2.49 -1.75
CA ALA D 270 42.69 -2.68 -1.67
C ALA D 270 43.25 -2.64 -3.09
N ASN D 271 44.55 -2.37 -3.24
CA ASN D 271 45.25 -2.36 -4.55
C ASN D 271 44.89 -3.63 -5.32
N HIS D 272 45.34 -4.81 -4.89
CA HIS D 272 45.23 -6.00 -5.78
C HIS D 272 43.83 -6.06 -6.39
N ASN D 273 42.77 -5.98 -5.57
CA ASN D 273 41.35 -6.06 -6.04
C ASN D 273 41.00 -4.89 -6.98
N ALA D 274 41.19 -3.64 -6.55
CA ALA D 274 40.74 -2.41 -7.26
C ALA D 274 41.16 -2.44 -8.72
N PHE D 275 42.32 -3.07 -9.01
CA PHE D 275 42.94 -3.23 -10.35
C PHE D 275 42.26 -4.39 -11.12
N ASP D 276 42.18 -5.62 -10.58
CA ASP D 276 41.50 -6.74 -11.29
C ASP D 276 40.08 -6.35 -11.69
N LEU D 277 39.41 -5.50 -10.91
CA LEU D 277 38.01 -5.09 -11.16
C LEU D 277 37.97 -4.12 -12.35
N LEU D 278 38.93 -3.23 -12.47
CA LEU D 278 39.02 -2.29 -13.62
C LEU D 278 39.51 -3.07 -14.86
N GLU D 279 40.38 -4.07 -14.68
CA GLU D 279 40.94 -4.92 -15.76
C GLU D 279 39.84 -5.80 -16.35
N LYS D 280 39.26 -6.73 -15.56
CA LYS D 280 38.35 -7.75 -16.15
C LYS D 280 36.98 -7.14 -16.52
N TYR D 281 36.49 -6.04 -15.93
CA TYR D 281 35.12 -5.53 -16.24
C TYR D 281 35.15 -4.23 -17.07
N SER D 282 36.30 -3.88 -17.66
CA SER D 282 36.41 -2.74 -18.62
C SER D 282 35.64 -3.03 -19.89
N LYS D 283 35.65 -4.29 -20.35
CA LYS D 283 34.98 -4.72 -21.60
C LYS D 283 33.47 -4.80 -21.38
N SER D 284 33.05 -5.62 -20.41
CA SER D 284 31.63 -6.00 -20.18
C SER D 284 30.82 -4.81 -19.60
N HIS D 285 31.43 -3.92 -18.81
CA HIS D 285 30.72 -2.91 -17.97
C HIS D 285 31.26 -1.49 -18.14
N LEU D 286 30.53 -0.51 -17.65
CA LEU D 286 31.00 0.89 -17.54
C LEU D 286 31.51 1.08 -16.10
N VAL D 287 32.75 0.68 -15.83
CA VAL D 287 33.38 0.67 -14.48
C VAL D 287 34.34 1.86 -14.37
N PHE D 288 34.44 2.43 -13.17
CA PHE D 288 35.24 3.65 -12.86
C PHE D 288 35.70 3.51 -11.42
N ASN D 289 36.93 3.89 -11.05
CA ASN D 289 37.47 3.67 -9.68
C ASN D 289 37.89 5.03 -9.11
N ASP D 290 37.22 5.51 -8.06
CA ASP D 290 37.40 6.91 -7.58
C ASP D 290 38.84 7.07 -7.06
N ASP D 291 39.40 6.01 -6.45
CA ASP D 291 40.76 6.03 -5.83
C ASP D 291 41.84 6.12 -6.92
N ILE D 292 41.74 5.29 -7.97
CA ILE D 292 42.77 5.22 -9.06
C ILE D 292 42.51 6.37 -10.03
N GLN D 293 41.37 6.35 -10.72
CA GLN D 293 41.03 7.25 -11.84
C GLN D 293 40.54 8.63 -11.33
N GLY D 294 39.69 8.70 -10.32
CA GLY D 294 39.05 9.96 -9.92
C GLY D 294 40.03 10.93 -9.30
N THR D 295 40.90 10.39 -8.42
CA THR D 295 41.95 11.13 -7.70
C THR D 295 43.01 11.58 -8.72
N ALA D 296 43.53 10.63 -9.51
CA ALA D 296 44.43 10.90 -10.65
C ALA D 296 43.91 12.13 -11.41
N SER D 297 42.62 12.15 -11.72
CA SER D 297 41.97 13.20 -12.53
C SER D 297 42.11 14.57 -11.86
N VAL D 298 41.75 14.68 -10.58
CA VAL D 298 41.68 15.99 -9.87
C VAL D 298 43.09 16.50 -9.57
N VAL D 299 44.02 15.58 -9.34
CA VAL D 299 45.45 15.91 -9.08
C VAL D 299 46.03 16.53 -10.35
N LEU D 300 45.86 15.87 -11.49
CA LEU D 300 46.35 16.38 -12.80
C LEU D 300 45.80 17.78 -13.00
N ALA D 301 44.52 18.02 -12.67
CA ALA D 301 43.86 19.34 -12.80
C ALA D 301 44.54 20.34 -11.86
N GLY D 302 44.86 19.90 -10.64
CA GLY D 302 45.58 20.72 -9.67
C GLY D 302 46.95 21.12 -10.20
N LEU D 303 47.73 20.17 -10.69
CA LEU D 303 49.04 20.42 -11.34
C LEU D 303 48.89 21.46 -12.45
N LEU D 304 47.98 21.28 -13.41
CA LEU D 304 47.76 22.25 -14.54
C LEU D 304 47.40 23.64 -13.98
N ALA D 305 46.63 23.68 -12.89
CA ALA D 305 46.17 24.93 -12.24
C ALA D 305 47.36 25.59 -11.54
N ALA D 306 48.25 24.77 -10.97
CA ALA D 306 49.47 25.20 -10.23
C ALA D 306 50.41 25.89 -11.22
N LEU D 307 50.56 25.28 -12.40
CA LEU D 307 51.55 25.69 -13.42
C LEU D 307 51.06 26.97 -14.10
N LYS D 308 49.82 27.38 -13.87
CA LYS D 308 49.31 28.71 -14.29
C LYS D 308 49.75 29.75 -13.26
N MET D 309 49.85 29.41 -11.97
CA MET D 309 50.25 30.42 -10.96
C MET D 309 51.77 30.64 -11.06
N VAL D 310 52.54 29.54 -11.16
CA VAL D 310 54.03 29.55 -11.08
C VAL D 310 54.67 29.54 -12.48
N GLY D 311 54.00 29.00 -13.50
CA GLY D 311 54.57 28.79 -14.85
C GLY D 311 55.17 27.39 -15.02
N GLY D 312 55.20 26.90 -16.25
CA GLY D 312 55.93 25.68 -16.65
C GLY D 312 55.00 24.62 -17.21
N THR D 313 55.56 23.45 -17.51
CA THR D 313 54.83 22.32 -18.15
C THR D 313 54.92 21.11 -17.24
N LEU D 314 54.10 20.10 -17.46
CA LEU D 314 54.17 18.82 -16.69
C LEU D 314 55.50 18.15 -17.03
N ALA D 315 55.91 18.22 -18.30
CA ALA D 315 57.10 17.51 -18.81
C ALA D 315 58.30 17.84 -17.90
N GLU D 316 58.57 19.13 -17.68
CA GLU D 316 59.84 19.58 -17.04
C GLU D 316 59.84 19.35 -15.53
N GLN D 317 58.71 19.13 -14.85
CA GLN D 317 58.68 18.90 -13.38
C GLN D 317 59.29 17.52 -13.03
N THR D 318 59.75 17.39 -11.78
CA THR D 318 60.16 16.09 -11.17
C THR D 318 59.23 15.80 -9.99
N TYR D 319 58.62 14.60 -10.00
CA TYR D 319 57.54 14.15 -9.09
C TYR D 319 58.07 13.15 -8.07
N LEU D 320 57.82 13.41 -6.78
CA LEU D 320 58.03 12.43 -5.68
C LEU D 320 56.72 12.18 -4.95
N PHE D 321 56.32 10.90 -4.90
CA PHE D 321 55.13 10.35 -4.21
C PHE D 321 55.54 9.61 -2.92
N LEU D 322 54.85 9.91 -1.83
CA LEU D 322 54.80 9.02 -0.67
C LEU D 322 53.52 8.20 -0.83
N GLY D 323 53.65 6.87 -0.86
CA GLY D 323 52.54 5.91 -1.01
C GLY D 323 52.35 5.47 -2.45
N ALA D 324 52.75 4.23 -2.78
CA ALA D 324 52.71 3.59 -4.12
C ALA D 324 51.56 2.60 -4.19
N GLY D 325 50.34 3.05 -3.90
CA GLY D 325 49.15 2.18 -3.93
C GLY D 325 48.35 2.44 -5.18
N GLU D 326 47.04 2.29 -5.10
CA GLU D 326 46.05 2.76 -6.11
C GLU D 326 46.32 4.21 -6.48
N ALA D 327 46.08 5.15 -5.58
CA ALA D 327 46.17 6.60 -5.91
C ALA D 327 47.60 6.95 -6.35
N GLY D 328 48.59 6.38 -5.67
CA GLY D 328 50.01 6.60 -6.00
C GLY D 328 50.26 6.36 -7.48
N THR D 329 50.30 5.08 -7.89
CA THR D 329 50.63 4.66 -9.27
C THR D 329 49.58 5.25 -10.22
N GLY D 330 48.31 5.24 -9.83
CA GLY D 330 47.19 5.81 -10.61
C GLY D 330 47.40 7.27 -10.97
N ILE D 331 47.70 8.15 -10.02
CA ILE D 331 47.98 9.59 -10.29
C ILE D 331 49.19 9.63 -11.26
N ALA D 332 50.26 8.89 -10.94
CA ALA D 332 51.53 8.90 -11.69
C ALA D 332 51.27 8.55 -13.15
N GLU D 333 50.54 7.48 -13.40
CA GLU D 333 50.25 6.97 -14.74
C GLU D 333 49.45 8.01 -15.52
N LEU D 334 48.54 8.74 -14.88
CA LEU D 334 47.72 9.77 -15.58
C LEU D 334 48.59 10.97 -15.90
N ILE D 335 49.64 11.19 -15.13
CA ILE D 335 50.55 12.34 -15.38
C ILE D 335 51.40 12.00 -16.61
N ALA D 336 52.08 10.84 -16.60
CA ALA D 336 52.93 10.31 -17.68
C ALA D 336 52.12 10.28 -18.99
N LEU D 337 50.86 9.84 -18.93
CA LEU D 337 49.96 9.81 -20.11
C LEU D 337 49.78 11.24 -20.64
N GLU D 338 49.44 12.23 -19.79
CA GLU D 338 49.21 13.62 -20.24
C GLU D 338 50.47 14.15 -20.89
N ILE D 339 51.65 13.77 -20.38
CA ILE D 339 53.00 14.13 -20.93
C ILE D 339 53.15 13.53 -22.33
N SER D 340 52.89 12.24 -22.49
CA SER D 340 52.93 11.52 -23.79
C SER D 340 52.02 12.25 -24.81
N LYS D 341 50.87 12.77 -24.41
CA LYS D 341 49.94 13.46 -25.35
C LYS D 341 50.49 14.87 -25.67
N GLN D 342 51.31 15.43 -24.80
CA GLN D 342 51.82 16.82 -24.97
C GLN D 342 53.18 16.83 -25.69
N THR D 343 53.94 15.75 -25.57
CA THR D 343 55.33 15.64 -26.09
C THR D 343 55.39 14.69 -27.28
N ASN D 344 54.49 13.72 -27.33
CA ASN D 344 54.47 12.65 -28.36
C ASN D 344 55.61 11.67 -28.08
N ALA D 345 56.12 11.67 -26.86
CA ALA D 345 57.24 10.82 -26.44
C ALA D 345 56.70 9.42 -26.15
N PRO D 346 57.58 8.38 -26.23
CA PRO D 346 57.26 7.05 -25.69
C PRO D 346 56.96 7.13 -24.17
N ILE D 347 56.07 6.26 -23.71
CA ILE D 347 55.50 6.36 -22.35
C ILE D 347 56.64 6.26 -21.34
N GLU D 348 57.59 5.32 -21.50
CA GLU D 348 58.64 5.13 -20.45
C GLU D 348 59.64 6.30 -20.42
N GLU D 349 59.64 7.21 -21.41
CA GLU D 349 60.39 8.50 -21.32
C GLU D 349 59.57 9.46 -20.45
N CYS D 350 58.24 9.32 -20.41
CA CYS D 350 57.35 10.19 -19.60
C CYS D 350 57.42 9.82 -18.09
N ARG D 351 57.84 8.59 -17.76
CA ARG D 351 57.97 8.09 -16.36
C ARG D 351 59.36 8.35 -15.75
N LYS D 352 60.34 8.77 -16.55
CA LYS D 352 61.76 8.80 -16.10
C LYS D 352 61.90 9.78 -14.92
N LYS D 353 61.11 10.86 -14.84
CA LYS D 353 61.24 11.92 -13.79
C LYS D 353 60.10 11.80 -12.74
N VAL D 354 59.50 10.61 -12.60
CA VAL D 354 58.44 10.31 -11.59
C VAL D 354 58.95 9.18 -10.70
N TRP D 355 59.06 9.46 -9.39
CA TRP D 355 59.62 8.57 -8.34
C TRP D 355 58.59 8.39 -7.23
N LEU D 356 58.34 7.14 -6.82
CA LEU D 356 57.44 6.82 -5.68
C LEU D 356 58.26 6.17 -4.56
N VAL D 357 57.89 6.51 -3.32
CA VAL D 357 58.44 5.95 -2.07
C VAL D 357 57.31 5.24 -1.31
N ASP D 358 57.51 3.94 -1.12
CA ASP D 358 56.58 3.05 -0.39
C ASP D 358 57.14 2.80 1.02
N SER D 359 56.53 1.84 1.72
CA SER D 359 56.90 1.29 3.05
C SER D 359 58.38 0.89 3.11
N LYS D 360 58.92 0.28 2.05
CA LYS D 360 60.30 -0.29 2.03
C LYS D 360 61.30 0.79 1.56
N GLY D 361 60.82 1.97 1.13
CA GLY D 361 61.63 3.14 0.72
C GLY D 361 61.42 3.54 -0.73
N LEU D 362 62.42 4.17 -1.35
CA LEU D 362 62.39 4.60 -2.77
C LEU D 362 62.36 3.37 -3.64
N ILE D 363 61.38 3.33 -4.55
CA ILE D 363 61.22 2.25 -5.56
C ILE D 363 62.33 2.44 -6.61
N VAL D 364 63.25 1.47 -6.63
CA VAL D 364 64.46 1.43 -7.48
C VAL D 364 64.52 0.03 -8.11
N ASP D 365 65.14 -0.05 -9.29
CA ASP D 365 65.24 -1.29 -10.12
C ASP D 365 66.08 -2.33 -9.37
N SER D 366 67.11 -1.92 -8.62
CA SER D 366 67.98 -2.83 -7.83
C SER D 366 67.15 -3.67 -6.85
N ARG D 367 65.90 -3.26 -6.59
CA ARG D 367 64.98 -3.92 -5.62
C ARG D 367 63.94 -4.81 -6.33
N LYS D 368 63.94 -4.86 -7.66
CA LYS D 368 62.82 -5.40 -8.48
C LYS D 368 62.87 -6.94 -8.54
N GLY D 369 63.96 -7.57 -8.08
CA GLY D 369 64.10 -9.04 -7.88
C GLY D 369 63.14 -9.62 -6.86
N SER D 370 62.26 -8.79 -6.26
CA SER D 370 61.05 -9.18 -5.49
C SER D 370 60.18 -7.93 -5.22
N LEU D 371 59.66 -7.34 -6.28
CA LEU D 371 58.76 -6.15 -6.24
C LEU D 371 57.31 -6.57 -6.49
N GLN D 372 56.36 -5.72 -6.12
CA GLN D 372 54.91 -5.88 -6.46
C GLN D 372 54.75 -5.48 -7.94
N PRO D 373 53.82 -6.09 -8.72
CA PRO D 373 53.82 -5.94 -10.18
C PRO D 373 53.64 -4.50 -10.70
N PHE D 374 52.65 -3.78 -10.18
CA PHE D 374 52.18 -2.45 -10.67
C PHE D 374 53.13 -1.33 -10.25
N LYS D 375 54.28 -1.69 -9.66
CA LYS D 375 55.34 -0.75 -9.17
C LYS D 375 56.54 -0.78 -10.14
N LYS D 376 56.74 -1.90 -10.85
CA LYS D 376 57.93 -2.15 -11.73
C LYS D 376 58.13 -1.00 -12.72
N PRO D 377 57.06 -0.45 -13.35
CA PRO D 377 57.20 0.69 -14.26
C PRO D 377 57.78 1.97 -13.64
N TRP D 378 57.90 2.02 -12.31
CA TRP D 378 58.41 3.24 -11.63
C TRP D 378 59.79 2.96 -11.00
N ALA D 379 60.26 1.71 -11.12
CA ALA D 379 61.56 1.22 -10.62
C ALA D 379 62.70 1.68 -11.54
N HIS D 380 63.01 2.98 -11.50
CA HIS D 380 64.13 3.59 -12.25
C HIS D 380 65.46 3.05 -11.70
N GLU D 381 66.61 3.55 -12.16
CA GLU D 381 67.95 3.18 -11.64
C GLU D 381 68.47 4.29 -10.71
N HIS D 382 68.72 3.95 -9.44
CA HIS D 382 69.12 4.87 -8.35
C HIS D 382 69.56 4.04 -7.15
N GLU D 383 70.28 4.61 -6.20
CA GLU D 383 70.78 3.80 -5.05
C GLU D 383 69.63 3.69 -4.06
N PRO D 384 69.45 2.52 -3.36
CA PRO D 384 68.33 2.35 -2.44
C PRO D 384 68.35 3.46 -1.39
N LEU D 385 67.22 4.16 -1.20
CA LEU D 385 67.01 5.15 -0.11
C LEU D 385 65.91 4.62 0.82
N LYS D 386 66.03 4.87 2.13
CA LYS D 386 65.16 4.24 3.16
C LYS D 386 63.96 5.13 3.42
N THR D 387 64.13 6.45 3.53
CA THR D 387 63.06 7.37 3.98
C THR D 387 62.73 8.36 2.87
N LEU D 388 61.50 8.90 2.92
CA LEU D 388 61.04 10.02 2.06
C LEU D 388 62.03 11.16 2.17
N TYR D 389 62.53 11.47 3.37
CA TYR D 389 63.49 12.59 3.54
C TYR D 389 64.72 12.36 2.65
N ASP D 390 65.23 11.13 2.57
CA ASP D 390 66.45 10.81 1.78
C ASP D 390 66.15 11.01 0.31
N ALA D 391 65.05 10.45 -0.16
CA ALA D 391 64.56 10.67 -1.54
C ALA D 391 64.40 12.18 -1.80
N VAL D 392 63.73 12.94 -0.92
CA VAL D 392 63.40 14.37 -1.20
C VAL D 392 64.72 15.07 -1.50
N GLN D 393 65.75 14.70 -0.75
CA GLN D 393 67.04 15.46 -0.77
C GLN D 393 67.84 15.03 -1.98
N SER D 394 67.79 13.74 -2.36
CA SER D 394 68.57 13.18 -3.50
C SER D 394 67.90 13.57 -4.84
N ILE D 395 66.62 13.27 -4.99
CA ILE D 395 65.83 13.45 -6.26
C ILE D 395 65.62 14.94 -6.51
N LYS D 396 65.53 15.76 -5.45
CA LYS D 396 65.29 17.21 -5.61
C LYS D 396 64.06 17.46 -6.45
N PRO D 397 62.90 16.88 -6.06
CA PRO D 397 61.67 17.05 -6.83
C PRO D 397 61.06 18.46 -6.82
N THR D 398 60.24 18.75 -7.83
CA THR D 398 59.50 20.04 -7.97
C THR D 398 58.08 19.87 -7.43
N VAL D 399 57.62 18.62 -7.36
CA VAL D 399 56.24 18.25 -6.92
C VAL D 399 56.33 17.06 -5.95
N LEU D 400 55.81 17.29 -4.74
CA LEU D 400 55.72 16.28 -3.66
C LEU D 400 54.24 15.98 -3.39
N ILE D 401 53.83 14.75 -3.71
CA ILE D 401 52.43 14.26 -3.56
C ILE D 401 52.40 13.13 -2.53
N GLY D 402 51.52 13.26 -1.53
CA GLY D 402 51.38 12.28 -0.44
C GLY D 402 50.07 11.52 -0.56
N THR D 403 50.18 10.21 -0.74
CA THR D 403 49.03 9.26 -0.74
C THR D 403 49.36 8.11 0.21
N SER D 404 49.89 8.39 1.40
CA SER D 404 50.49 7.38 2.32
C SER D 404 49.42 6.75 3.21
N GLY D 405 48.37 7.53 3.50
CA GLY D 405 47.38 7.24 4.55
C GLY D 405 47.93 7.47 5.96
N VAL D 406 49.07 8.15 6.08
CA VAL D 406 49.80 8.37 7.36
C VAL D 406 49.95 9.88 7.58
N GLY D 407 49.51 10.35 8.74
CA GLY D 407 49.50 11.78 9.03
C GLY D 407 50.89 12.26 9.37
N ARG D 408 51.16 13.53 9.08
CA ARG D 408 52.31 14.31 9.59
C ARG D 408 53.62 13.59 9.18
N THR D 409 53.67 13.03 7.95
CA THR D 409 54.88 12.39 7.33
C THR D 409 55.59 13.42 6.41
N PHE D 410 54.89 14.49 6.03
CA PHE D 410 55.45 15.73 5.44
C PHE D 410 55.88 16.63 6.60
N THR D 411 57.12 16.41 7.05
CA THR D 411 57.78 16.96 8.25
C THR D 411 58.31 18.35 7.94
N LYS D 412 58.72 19.11 8.96
CA LYS D 412 59.35 20.45 8.83
C LYS D 412 60.61 20.31 7.94
N GLU D 413 61.45 19.29 8.20
CA GLU D 413 62.68 18.94 7.46
C GLU D 413 62.39 18.79 5.96
N ILE D 414 61.30 18.10 5.64
CA ILE D 414 60.89 17.74 4.26
C ILE D 414 60.34 18.97 3.56
N ILE D 415 59.38 19.70 4.14
CA ILE D 415 58.85 20.95 3.53
C ILE D 415 59.95 22.01 3.45
N GLU D 416 60.85 22.07 4.43
CA GLU D 416 61.97 23.05 4.42
C GLU D 416 62.94 22.68 3.29
N ALA D 417 63.33 21.40 3.21
CA ALA D 417 64.15 20.84 2.10
C ALA D 417 63.53 21.23 0.75
N MET D 418 62.25 20.97 0.56
CA MET D 418 61.47 21.29 -0.68
C MET D 418 61.45 22.80 -0.96
N SER D 419 61.43 23.64 0.07
CA SER D 419 61.35 25.13 -0.05
C SER D 419 62.75 25.67 -0.41
N SER D 420 63.78 24.88 -0.15
CA SER D 420 65.22 25.26 -0.29
C SER D 420 65.66 25.17 -1.76
N PHE D 421 65.27 24.12 -2.52
CA PHE D 421 65.75 23.96 -3.93
C PHE D 421 64.69 24.42 -4.93
N ASN D 422 63.42 24.32 -4.64
CA ASN D 422 62.33 24.98 -5.42
C ASN D 422 62.09 26.37 -4.83
N GLU D 423 61.74 27.34 -5.68
CA GLU D 423 61.31 28.68 -5.24
C GLU D 423 59.82 28.62 -4.86
N ARG D 424 59.01 27.84 -5.56
CA ARG D 424 57.55 27.64 -5.24
C ARG D 424 57.25 26.15 -5.29
N PRO D 425 57.58 25.35 -4.24
CA PRO D 425 57.35 23.89 -4.28
C PRO D 425 55.85 23.52 -4.23
N ILE D 426 55.45 22.63 -5.13
CA ILE D 426 54.07 22.07 -5.21
C ILE D 426 54.03 20.90 -4.21
N ILE D 427 53.28 21.12 -3.12
CA ILE D 427 53.03 20.10 -2.06
C ILE D 427 51.52 19.80 -2.06
N PHE D 428 51.23 18.51 -2.28
CA PHE D 428 49.88 17.90 -2.34
C PHE D 428 49.84 16.84 -1.23
N SER D 429 49.07 17.15 -0.18
CA SER D 429 48.78 16.28 0.98
C SER D 429 47.39 15.67 0.82
N LEU D 430 47.32 14.50 0.19
CA LEU D 430 46.05 13.99 -0.37
C LEU D 430 45.32 13.14 0.68
N SER D 431 46.02 12.44 1.55
CA SER D 431 45.42 11.45 2.48
C SER D 431 44.29 12.12 3.27
N ASN D 432 43.30 11.29 3.66
CA ASN D 432 42.11 11.65 4.46
C ASN D 432 41.92 10.61 5.57
N PRO D 433 41.22 10.97 6.65
CA PRO D 433 40.69 12.32 6.86
C PRO D 433 41.81 13.24 7.38
N THR D 434 41.45 14.40 7.94
CA THR D 434 42.36 15.48 8.42
C THR D 434 43.47 14.86 9.30
N SER D 435 43.13 14.00 10.23
CA SER D 435 44.07 13.33 11.16
C SER D 435 45.13 12.50 10.43
N HIS D 436 44.88 12.09 9.18
CA HIS D 436 45.87 11.32 8.38
C HIS D 436 46.54 12.17 7.27
N SER D 437 46.16 13.46 7.13
CA SER D 437 46.82 14.45 6.24
C SER D 437 48.33 14.39 6.48
N GLU D 438 49.13 14.28 5.42
CA GLU D 438 50.62 14.21 5.46
C GLU D 438 51.20 15.51 6.06
N CYS D 439 50.51 16.64 5.92
CA CYS D 439 50.76 17.86 6.72
C CYS D 439 49.48 18.67 6.75
N THR D 440 49.41 19.69 7.63
CA THR D 440 48.33 20.69 7.70
C THR D 440 48.64 21.78 6.68
N ALA D 441 47.67 22.64 6.39
CA ALA D 441 47.86 23.89 5.62
C ALA D 441 48.74 24.86 6.41
N GLU D 442 48.56 24.95 7.73
CA GLU D 442 49.38 25.80 8.64
C GLU D 442 50.88 25.43 8.48
N GLN D 443 51.22 24.13 8.55
CA GLN D 443 52.63 23.63 8.56
C GLN D 443 53.29 23.97 7.20
N ALA D 444 52.60 23.69 6.09
CA ALA D 444 53.09 23.81 4.70
C ALA D 444 53.45 25.25 4.34
N TYR D 445 52.59 26.21 4.71
CA TYR D 445 52.82 27.66 4.48
C TYR D 445 53.89 28.24 5.45
N THR D 446 53.94 27.76 6.69
CA THR D 446 54.95 28.20 7.69
C THR D 446 56.34 27.65 7.31
N TRP D 447 56.47 26.33 7.14
CA TRP D 447 57.77 25.62 6.91
C TRP D 447 58.35 25.92 5.52
N SER D 448 57.59 26.60 4.65
CA SER D 448 58.01 26.97 3.28
C SER D 448 58.07 28.49 3.13
N GLN D 449 57.98 29.25 4.22
CA GLN D 449 58.03 30.73 4.25
C GLN D 449 57.01 31.33 3.27
N GLY D 450 55.82 30.74 3.15
CA GLY D 450 54.70 31.29 2.35
C GLY D 450 54.89 31.09 0.86
N ARG D 451 55.76 30.17 0.45
CA ARG D 451 56.21 30.03 -0.96
C ARG D 451 55.63 28.76 -1.61
N SER D 452 55.05 27.84 -0.83
CA SER D 452 54.48 26.56 -1.36
C SER D 452 53.14 26.84 -2.05
N ILE D 453 52.89 26.09 -3.12
CA ILE D 453 51.54 25.85 -3.71
C ILE D 453 51.02 24.56 -3.07
N PHE D 454 50.07 24.72 -2.14
CA PHE D 454 49.57 23.64 -1.26
C PHE D 454 48.12 23.33 -1.61
N ALA D 455 47.82 22.05 -1.63
CA ALA D 455 46.44 21.51 -1.67
C ALA D 455 46.43 20.15 -0.97
N SER D 456 45.25 19.75 -0.46
CA SER D 456 45.06 18.56 0.41
C SER D 456 43.71 17.90 0.12
N GLY D 457 43.55 16.65 0.60
CA GLY D 457 42.31 15.86 0.47
C GLY D 457 41.17 16.39 1.34
N SER D 458 41.47 16.76 2.58
CA SER D 458 40.46 17.16 3.58
C SER D 458 40.51 18.68 3.74
N PRO D 459 39.39 19.37 4.04
CA PRO D 459 39.36 20.84 4.05
C PRO D 459 40.18 21.41 5.21
N PHE D 460 40.87 22.55 5.00
CA PHE D 460 41.61 23.37 5.99
C PHE D 460 41.20 24.83 5.89
N ALA D 461 41.00 25.50 7.02
CA ALA D 461 40.59 26.92 6.99
C ALA D 461 41.73 27.74 6.42
N PRO D 462 41.44 28.95 5.90
CA PRO D 462 42.47 29.91 5.50
C PRO D 462 43.58 30.02 6.56
N VAL D 463 44.84 30.18 6.12
CA VAL D 463 46.08 30.23 6.96
C VAL D 463 46.68 31.65 6.79
N GLU D 464 47.12 32.31 7.86
CA GLU D 464 47.77 33.64 7.84
C GLU D 464 49.28 33.50 8.07
N TYR D 465 50.11 34.25 7.31
CA TYR D 465 51.60 34.21 7.32
C TYR D 465 52.18 35.46 6.63
N GLU D 466 52.98 36.23 7.38
CA GLU D 466 53.61 37.52 6.95
C GLU D 466 52.49 38.44 6.43
N GLY D 467 51.38 38.56 7.17
CA GLY D 467 50.32 39.56 6.98
C GLY D 467 49.50 39.30 5.74
N LYS D 468 49.50 38.07 5.26
CA LYS D 468 48.76 37.63 4.04
C LYS D 468 47.92 36.39 4.36
N THR D 469 46.82 36.16 3.62
CA THR D 469 45.87 35.02 3.71
C THR D 469 46.12 33.99 2.59
N PHE D 470 46.32 32.73 2.95
CA PHE D 470 46.45 31.57 2.02
C PHE D 470 45.21 30.69 2.16
N VAL D 471 44.44 30.53 1.08
CA VAL D 471 43.23 29.67 1.01
C VAL D 471 43.62 28.37 0.32
N PRO D 472 44.04 27.31 1.04
CA PRO D 472 44.62 26.13 0.37
C PRO D 472 43.50 25.44 -0.39
N GLY D 473 43.74 25.00 -1.63
CA GLY D 473 42.67 24.35 -2.42
C GLY D 473 42.43 22.95 -1.93
N GLN D 474 41.22 22.39 -2.17
CA GLN D 474 40.90 20.98 -1.83
C GLN D 474 41.03 20.07 -3.07
N SER D 475 42.14 19.34 -3.14
CA SER D 475 42.45 18.38 -4.20
C SER D 475 41.82 17.04 -3.80
N ASN D 476 40.49 16.97 -3.92
CA ASN D 476 39.63 15.80 -3.58
C ASN D 476 38.77 15.43 -4.79
N ASN D 477 38.59 14.13 -5.06
CA ASN D 477 38.01 13.65 -6.34
C ASN D 477 36.54 14.09 -6.45
N ALA D 478 35.97 14.69 -5.40
CA ALA D 478 34.59 15.26 -5.36
C ALA D 478 34.42 16.41 -6.37
N TYR D 479 35.50 17.03 -6.82
CA TYR D 479 35.48 18.07 -7.89
C TYR D 479 35.28 17.43 -9.29
N ILE D 480 35.65 16.15 -9.44
CA ILE D 480 35.77 15.40 -10.74
C ILE D 480 34.55 14.47 -10.92
N PHE D 481 34.30 13.51 -10.01
CA PHE D 481 33.39 12.35 -10.27
C PHE D 481 31.96 12.83 -10.48
N PRO D 482 31.43 13.85 -9.77
CA PRO D 482 30.09 14.38 -10.07
C PRO D 482 29.92 14.81 -11.53
N GLY D 483 30.82 15.64 -12.05
CA GLY D 483 30.84 15.98 -13.50
C GLY D 483 31.12 14.79 -14.41
N LEU D 484 32.09 13.92 -14.08
CA LEU D 484 32.52 12.79 -14.93
C LEU D 484 31.39 11.77 -15.01
N GLY D 485 30.72 11.52 -13.88
CA GLY D 485 29.55 10.60 -13.84
C GLY D 485 28.42 11.11 -14.70
N LEU D 486 27.95 12.36 -14.46
CA LEU D 486 26.87 13.05 -15.21
C LEU D 486 27.18 12.95 -16.68
N GLY D 487 28.45 13.14 -17.05
CA GLY D 487 28.92 13.04 -18.45
C GLY D 487 28.69 11.66 -19.04
N LEU D 488 29.21 10.62 -18.39
CA LEU D 488 29.04 9.22 -18.85
C LEU D 488 27.54 8.93 -19.03
N VAL D 489 26.70 9.44 -18.13
CA VAL D 489 25.22 9.22 -18.18
C VAL D 489 24.64 10.00 -19.36
N ILE D 490 24.73 11.34 -19.40
CA ILE D 490 23.95 12.17 -20.37
C ILE D 490 24.38 11.90 -21.83
N SER D 491 25.48 11.18 -22.03
CA SER D 491 26.04 10.78 -23.35
C SER D 491 25.71 9.32 -23.62
N GLY D 492 25.38 8.57 -22.57
CA GLY D 492 25.15 7.12 -22.70
C GLY D 492 26.44 6.37 -22.99
N ALA D 493 27.57 6.87 -22.48
CA ALA D 493 28.87 6.20 -22.63
C ALA D 493 28.77 4.77 -22.10
N VAL D 494 29.43 3.83 -22.78
CA VAL D 494 29.42 2.38 -22.45
C VAL D 494 30.79 1.94 -21.94
N ARG D 495 31.75 2.86 -21.97
CA ARG D 495 33.14 2.57 -21.56
C ARG D 495 33.78 3.79 -20.91
N VAL D 496 34.76 3.56 -20.03
CA VAL D 496 35.68 4.63 -19.57
C VAL D 496 36.98 4.51 -20.39
N HIS D 497 37.42 5.63 -21.01
CA HIS D 497 38.73 5.72 -21.69
C HIS D 497 39.58 6.75 -20.95
N GLU D 498 40.84 6.37 -20.68
CA GLU D 498 41.84 7.25 -20.05
C GLU D 498 41.67 8.66 -20.62
N ASP D 499 41.36 8.83 -21.90
CA ASP D 499 41.23 10.15 -22.55
C ASP D 499 40.11 11.00 -21.91
N MET D 500 39.13 10.39 -21.22
CA MET D 500 38.01 11.12 -20.55
C MET D 500 38.47 11.70 -19.19
N LEU D 501 39.30 10.94 -18.47
CA LEU D 501 40.00 11.45 -17.26
C LEU D 501 40.73 12.74 -17.62
N LEU D 502 41.44 12.77 -18.75
CA LEU D 502 42.24 13.95 -19.18
C LEU D 502 41.29 15.09 -19.54
N ALA D 503 40.21 14.78 -20.27
CA ALA D 503 39.19 15.74 -20.74
C ALA D 503 38.61 16.48 -19.53
N ALA D 504 38.39 15.72 -18.46
CA ALA D 504 37.87 16.19 -17.16
C ALA D 504 38.91 17.11 -16.51
N SER D 505 40.13 16.59 -16.35
CA SER D 505 41.25 17.31 -15.74
C SER D 505 41.38 18.68 -16.40
N LYS D 506 41.41 18.71 -17.73
CA LYS D 506 41.46 19.97 -18.52
C LYS D 506 40.28 20.86 -18.12
N ALA D 507 39.06 20.32 -18.07
CA ALA D 507 37.82 21.10 -17.89
C ALA D 507 37.85 21.82 -16.53
N LEU D 508 38.32 21.10 -15.50
CA LEU D 508 38.39 21.62 -14.12
C LEU D 508 39.43 22.73 -14.06
N ALA D 509 40.63 22.42 -14.56
CA ALA D 509 41.79 23.32 -14.59
C ALA D 509 41.39 24.61 -15.30
N ASP D 510 40.55 24.53 -16.33
CA ASP D 510 40.17 25.68 -17.19
C ASP D 510 39.05 26.47 -16.54
N GLN D 511 38.57 26.04 -15.38
CA GLN D 511 37.63 26.81 -14.51
C GLN D 511 38.40 27.62 -13.46
N ALA D 512 39.68 27.27 -13.23
CA ALA D 512 40.60 27.94 -12.26
C ALA D 512 41.05 29.29 -12.80
N THR D 513 40.52 30.39 -12.27
CA THR D 513 40.81 31.76 -12.72
C THR D 513 41.74 32.42 -11.70
N GLN D 514 42.02 33.71 -11.89
CA GLN D 514 42.88 34.51 -10.99
C GLN D 514 42.13 34.79 -9.69
N ASP D 515 40.79 34.83 -9.72
CA ASP D 515 39.97 35.14 -8.53
C ASP D 515 40.38 34.17 -7.42
N ASN D 516 40.56 32.89 -7.75
CA ASN D 516 40.92 31.84 -6.76
C ASN D 516 42.44 31.74 -6.66
N PHE D 517 43.18 31.99 -7.75
CA PHE D 517 44.68 32.00 -7.72
C PHE D 517 45.19 33.13 -6.82
N GLU D 518 44.62 34.35 -6.91
CA GLU D 518 44.88 35.51 -6.00
C GLU D 518 45.06 34.98 -4.57
N LYS D 519 44.11 34.22 -4.03
CA LYS D 519 44.10 33.73 -2.63
C LYS D 519 45.00 32.48 -2.46
N GLY D 520 45.68 31.99 -3.49
CA GLY D 520 46.61 30.86 -3.41
C GLY D 520 45.92 29.50 -3.60
N SER D 521 44.71 29.48 -4.17
CA SER D 521 43.87 28.25 -4.37
C SER D 521 43.89 27.81 -5.83
N ILE D 522 44.28 26.55 -6.07
CA ILE D 522 44.36 25.96 -7.43
C ILE D 522 42.95 25.73 -8.01
N PHE D 523 41.90 25.67 -7.18
CA PHE D 523 40.53 25.39 -7.66
C PHE D 523 39.59 26.50 -7.24
N PRO D 524 38.48 26.72 -7.97
CA PRO D 524 37.49 27.71 -7.54
C PRO D 524 36.72 27.13 -6.36
N PRO D 525 36.01 27.99 -5.60
CA PRO D 525 35.31 27.53 -4.40
C PRO D 525 34.19 26.55 -4.79
N PHE D 526 33.68 25.74 -3.86
CA PHE D 526 32.60 24.75 -4.09
C PHE D 526 31.27 25.45 -4.38
N THR D 527 31.13 26.72 -4.00
CA THR D 527 29.97 27.57 -4.40
C THR D 527 29.84 27.72 -5.93
N SER D 528 30.69 27.09 -6.75
CA SER D 528 30.62 27.11 -8.24
C SER D 528 30.45 25.70 -8.82
N ILE D 529 30.35 24.67 -7.97
CA ILE D 529 30.50 23.23 -8.35
C ILE D 529 29.39 22.84 -9.34
N ARG D 530 28.29 23.59 -9.40
CA ARG D 530 27.23 23.39 -10.41
C ARG D 530 27.80 23.72 -11.80
N LYS D 531 28.37 24.92 -11.94
CA LYS D 531 29.05 25.33 -13.19
C LYS D 531 30.17 24.33 -13.52
N ILE D 532 31.05 24.01 -12.57
CA ILE D 532 32.22 23.08 -12.81
C ILE D 532 31.77 21.72 -13.35
N SER D 533 30.73 21.13 -12.75
CA SER D 533 30.26 19.76 -13.08
C SER D 533 29.72 19.74 -14.52
N ALA D 534 28.98 20.80 -14.92
CA ALA D 534 28.39 20.95 -16.28
C ALA D 534 29.52 20.99 -17.32
N HIS D 535 30.54 21.82 -17.10
CA HIS D 535 31.72 21.93 -18.00
C HIS D 535 32.50 20.60 -18.00
N ILE D 536 32.65 19.92 -16.88
CA ILE D 536 33.37 18.60 -16.87
C ILE D 536 32.48 17.62 -17.63
N ALA D 537 31.18 17.64 -17.39
CA ALA D 537 30.24 16.70 -18.05
C ALA D 537 30.36 16.89 -19.58
N ALA D 538 30.21 18.12 -20.07
CA ALA D 538 30.22 18.49 -21.50
C ALA D 538 31.53 17.97 -22.13
N ALA D 539 32.66 18.14 -21.45
CA ALA D 539 33.99 17.66 -21.91
C ALA D 539 34.04 16.13 -21.96
N VAL D 540 33.60 15.43 -20.90
CA VAL D 540 33.70 13.94 -20.79
C VAL D 540 32.74 13.30 -21.81
N ALA D 541 31.65 14.00 -22.11
CA ALA D 541 30.63 13.60 -23.11
C ALA D 541 31.22 13.77 -24.51
N ALA D 542 31.77 14.96 -24.78
CA ALA D 542 32.43 15.32 -26.06
C ALA D 542 33.47 14.25 -26.39
N LYS D 543 34.30 13.86 -25.40
CA LYS D 543 35.35 12.84 -25.58
C LYS D 543 34.72 11.48 -25.85
N ALA D 544 33.57 11.21 -25.24
CA ALA D 544 32.83 9.94 -25.38
C ALA D 544 32.37 9.80 -26.84
N TYR D 545 31.78 10.88 -27.40
CA TYR D 545 31.33 11.00 -28.81
C TYR D 545 32.53 10.87 -29.76
N GLU D 546 33.56 11.72 -29.61
CA GLU D 546 34.84 11.68 -30.36
C GLU D 546 35.33 10.22 -30.39
N LEU D 547 35.53 9.57 -29.26
CA LEU D 547 35.97 8.14 -29.21
C LEU D 547 34.90 7.17 -29.72
N GLY D 548 33.72 7.68 -30.09
CA GLY D 548 32.56 6.88 -30.52
C GLY D 548 32.20 5.79 -29.52
N LEU D 549 32.03 6.15 -28.24
CA LEU D 549 31.58 5.23 -27.16
C LEU D 549 30.24 5.71 -26.59
N ALA D 550 29.76 6.88 -27.02
CA ALA D 550 28.45 7.47 -26.67
C ALA D 550 27.36 6.74 -27.44
N THR D 551 26.13 6.64 -26.87
CA THR D 551 24.93 6.04 -27.52
C THR D 551 23.74 7.00 -27.50
N ARG D 552 23.85 8.20 -26.94
CA ARG D 552 22.83 9.27 -27.11
C ARG D 552 23.17 10.06 -28.37
N LEU D 553 22.92 9.50 -29.56
CA LEU D 553 23.22 10.13 -30.87
C LEU D 553 21.94 10.77 -31.38
N PRO D 554 21.96 11.92 -32.10
CA PRO D 554 23.18 12.69 -32.33
C PRO D 554 23.56 13.48 -31.08
N PRO D 555 24.82 13.95 -30.93
CA PRO D 555 25.21 14.80 -29.81
C PRO D 555 24.47 16.12 -29.87
N PRO D 556 24.07 16.69 -28.73
CA PRO D 556 23.41 18.00 -28.74
C PRO D 556 24.37 19.05 -29.31
N SER D 557 23.83 20.17 -29.83
CA SER D 557 24.62 21.32 -30.32
C SER D 557 25.48 21.85 -29.17
N ASP D 558 24.87 22.17 -28.00
CA ASP D 558 25.48 22.90 -26.85
C ASP D 558 25.61 21.98 -25.63
N LEU D 559 26.66 21.17 -25.54
CA LEU D 559 26.83 20.07 -24.55
C LEU D 559 26.82 20.60 -23.10
N VAL D 560 27.19 21.85 -22.87
CA VAL D 560 27.20 22.47 -21.52
C VAL D 560 25.76 22.78 -21.08
N LYS D 561 24.99 23.50 -21.91
CA LYS D 561 23.58 23.88 -21.56
C LYS D 561 22.71 22.62 -21.44
N TYR D 562 23.00 21.56 -22.18
CA TYR D 562 22.27 20.26 -22.10
C TYR D 562 22.56 19.62 -20.73
N ALA D 563 23.84 19.54 -20.36
CA ALA D 563 24.30 18.97 -19.07
C ALA D 563 23.60 19.71 -17.92
N GLU D 564 23.49 21.05 -17.99
CA GLU D 564 22.85 21.88 -16.92
C GLU D 564 21.34 21.62 -16.88
N ASN D 565 20.72 21.28 -18.01
CA ASN D 565 19.26 21.03 -18.11
C ASN D 565 18.95 19.61 -17.63
N CYS D 566 19.91 18.69 -17.63
CA CYS D 566 19.75 17.31 -17.08
C CYS D 566 19.89 17.29 -15.56
N MET D 567 20.15 18.43 -14.91
CA MET D 567 20.63 18.48 -13.51
C MET D 567 19.44 18.60 -12.56
N TYR D 568 19.37 17.65 -11.62
CA TYR D 568 18.36 17.57 -10.54
C TYR D 568 18.29 18.91 -9.81
N THR D 569 17.09 19.42 -9.60
CA THR D 569 16.88 20.59 -8.73
C THR D 569 16.04 20.12 -7.54
N PRO D 570 16.42 20.47 -6.30
CA PRO D 570 15.66 20.08 -5.14
C PRO D 570 14.59 21.11 -4.68
N VAL D 571 14.28 22.13 -5.49
CA VAL D 571 13.14 23.03 -5.19
C VAL D 571 11.86 22.17 -5.08
N TYR D 572 10.94 22.49 -4.16
CA TYR D 572 9.71 21.70 -3.88
C TYR D 572 8.79 21.75 -5.10
N ARG D 573 8.37 20.58 -5.58
CA ARG D 573 7.27 20.36 -6.56
C ARG D 573 5.94 20.63 -5.88
N ASN D 574 4.90 21.05 -6.61
CA ASN D 574 3.53 21.27 -6.05
C ASN D 574 2.64 20.06 -6.38
N TYR D 575 1.98 19.50 -5.37
CA TYR D 575 1.19 18.24 -5.44
C TYR D 575 -0.33 18.46 -5.42
N ARG D 576 -1.04 17.50 -6.03
CA ARG D 576 -2.53 17.50 -6.21
C ARG D 576 -3.12 16.15 -5.76
C PYR E . -28.04 -29.66 3.70
O PYR E . -28.90 -30.41 3.26
OXT PYR E . -26.94 -30.12 4.00
CA PYR E . -28.25 -28.34 3.85
O3 PYR E . -27.32 -27.56 4.11
CB PYR E . -29.60 -27.66 3.77
C PYR F . -17.81 -13.81 -15.75
O PYR F . -17.49 -14.45 -16.75
OXT PYR F . -17.19 -13.99 -14.70
CA PYR F . -18.87 -12.94 -15.86
O3 PYR F . -19.56 -12.97 -16.86
CB PYR F . -19.33 -11.96 -14.82
C PYR G . -14.48 1.82 -39.53
O PYR G . -15.06 2.06 -40.60
OXT PYR G . -14.52 2.56 -38.54
CA PYR G . -13.79 0.78 -39.44
O3 PYR G . -12.79 0.76 -38.73
CB PYR G . -14.24 -0.47 -40.15
C PYR H . 1.37 21.25 35.75
O PYR H . 0.60 21.94 35.07
OXT PYR H . 2.21 21.80 36.51
CA PYR H . 1.25 19.90 35.65
O3 PYR H . 0.18 19.34 35.35
CB PYR H . 2.44 18.98 35.83
C PYR I . 18.92 11.81 16.54
O PYR I . 18.61 10.78 15.93
OXT PYR I . 19.51 11.72 17.62
CA PYR I . 18.64 13.05 16.04
O3 PYR I . 18.72 14.07 16.72
CB PYR I . 18.23 13.30 14.62
C PYR J . 41.06 8.45 -0.25
O PYR J . 41.68 7.55 -0.82
OXT PYR J . 41.58 9.18 0.62
CA PYR J . 39.79 8.56 -0.57
O3 PYR J . 39.20 7.50 -0.88
CB PYR J . 39.04 9.86 -0.62
#